data_7LAF
#
_entry.id   7LAF
#
_cell.length_a   189.277
_cell.length_b   43.313
_cell.length_c   185.070
_cell.angle_alpha   90.000
_cell.angle_beta   118.203
_cell.angle_gamma   90.000
#
_symmetry.space_group_name_H-M   'C 1 2 1'
#
loop_
_entity.id
_entity.type
_entity.pdbx_description
1 polymer 'Polyunsaturated fatty acid lipoxygenase ALOX15B'
2 non-polymer 'MANGANESE (II) ION'
3 non-polymer 3-{[(4-methylphenyl)methyl]sulfanyl}-1-phenyl-1H-1,2,4-triazole
4 water water
#
_entity_poly.entity_id   1
_entity_poly.type   'polypeptide(L)'
_entity_poly.pdbx_seq_one_letter_code
;MGSSHHHHHHSSGLVPRGSHMAEFRVRVSTGEAFGAGTWDKVSVSIVGTRGESPPLPLDNLGKEFTAGAEEDFQVTLPED
VGRVLLLRVHKAGPLAPDAWFCRWFQLTPPRGGHLLFPCYQWLEGAGTLVLQEGTAKVSWADHHPVLQQQRQEELQARQE
MYQWKAYNPGWPHCLDEKTVEDLELNIKYSTAKNANFYLQAGSAFAEMKIKGLLDRKGLWRSLNEMKRIFNFRRTPAAEH
AFEHWQEDAFFASQFLNGLNPVLIRRCHYLPKNFPVTDAMVASVLGPGTSLQAELEKGSLFLVDHGILSGIQTNVINGKP
QFSAAPMTLLYQSPGCGPLLPLAIQLSQTPGPNSPIFLPTDDKWDWLLAKTWVRNAEFSFHEALTHLLHSHLLPEVFTLA
TLRQLPHCHPLFKLLIPHTRYTLHINTLARELLIVPGQVVDRSTGIGIEGFSELIQRNMKQLNYSLLCLPEDIRTRGVED
IPGYYYRDDGMQIWGAVERFVSEIIGIYYPSDESVQDDRELQAWVREIFSKGFLNQESSGIPSSLETREALVQYVTMVIF
TCSAKHAAVSAGQFDSCAWMPNLPPSMQLPPPTSKGLATCEGFIATLPPVNATCDVILALWLLSKEPGDQRPLGTYPDEH
FTEEAPRRSIATFQSRLAQISRGIQERNQGLVLPYTYLDPPLIENSVSI
;
_entity_poly.pdbx_strand_id   A,B
#
loop_
_chem_comp.id
_chem_comp.type
_chem_comp.name
_chem_comp.formula
MN non-polymer 'MANGANESE (II) ION' 'Mn 2'
XRP non-polymer 3-{[(4-methylphenyl)methyl]sulfanyl}-1-phenyl-1H-1,2,4-triazole 'C16 H15 N3 S'
#
# COMPACT_ATOMS: atom_id res chain seq x y z
N SER A 19 52.72 43.34 8.29
CA SER A 19 51.80 42.23 7.92
C SER A 19 51.43 41.41 9.16
N HIS A 20 50.14 41.13 9.34
CA HIS A 20 49.65 40.33 10.49
C HIS A 20 49.11 38.99 9.98
N MET A 21 49.56 37.88 10.57
CA MET A 21 49.10 36.53 10.18
C MET A 21 48.27 35.96 11.33
N ALA A 22 47.06 35.48 11.02
CA ALA A 22 46.16 34.91 12.05
C ALA A 22 46.02 33.41 11.83
N GLU A 23 46.27 32.62 12.88
CA GLU A 23 46.18 31.14 12.81
C GLU A 23 44.97 30.68 13.65
N PHE A 24 44.02 29.99 13.01
CA PHE A 24 42.82 29.53 13.70
C PHE A 24 42.75 28.01 13.63
N ARG A 25 42.28 27.40 14.71
CA ARG A 25 42.01 25.97 14.76
C ARG A 25 40.52 25.77 14.53
N VAL A 26 40.16 25.13 13.42
CA VAL A 26 38.78 25.02 12.96
C VAL A 26 38.38 23.56 13.03
N ARG A 27 37.46 23.25 13.96
CA ARG A 27 36.89 21.92 14.10
C ARG A 27 35.44 21.94 13.61
N VAL A 28 35.09 20.97 12.78
CA VAL A 28 33.75 20.88 12.18
C VAL A 28 33.19 19.49 12.42
N SER A 29 31.90 19.43 12.75
CA SER A 29 31.20 18.16 12.92
C SER A 29 30.16 18.01 11.81
N THR A 30 30.12 16.84 11.19
CA THR A 30 29.15 16.54 10.14
C THR A 30 28.09 15.60 10.67
N GLY A 31 26.83 15.89 10.35
CA GLY A 31 25.76 15.01 10.78
C GLY A 31 25.97 13.60 10.26
N GLU A 32 25.66 12.62 11.10
CA GLU A 32 25.78 11.22 10.73
C GLU A 32 24.60 10.72 9.92
N ALA A 33 23.66 11.60 9.55
CA ALA A 33 22.60 11.23 8.63
C ALA A 33 23.20 10.76 7.31
N PHE A 34 22.54 9.77 6.70
CA PHE A 34 23.08 9.17 5.48
C PHE A 34 22.96 10.15 4.32
N GLY A 35 24.06 10.33 3.60
CA GLY A 35 24.18 11.38 2.60
C GLY A 35 24.69 12.70 3.13
N ALA A 36 24.80 12.85 4.46
CA ALA A 36 25.26 14.10 5.04
C ALA A 36 26.71 14.43 4.68
N GLY A 37 27.50 13.43 4.30
CA GLY A 37 28.83 13.70 3.82
C GLY A 37 28.84 14.25 2.41
N THR A 38 29.94 14.92 2.05
CA THR A 38 30.04 15.54 0.74
C THR A 38 31.47 15.46 0.24
N TRP A 39 31.63 15.29 -1.07
CA TRP A 39 32.91 15.46 -1.74
C TRP A 39 33.14 16.89 -2.20
N ASP A 40 32.20 17.79 -1.91
CA ASP A 40 32.38 19.19 -2.26
C ASP A 40 33.48 19.83 -1.42
N LYS A 41 34.19 20.78 -2.04
CA LYS A 41 35.23 21.52 -1.34
C LYS A 41 34.56 22.65 -0.56
N VAL A 42 34.59 22.53 0.77
CA VAL A 42 33.97 23.51 1.67
C VAL A 42 35.06 24.42 2.24
N SER A 43 34.75 25.71 2.33
CA SER A 43 35.68 26.69 2.88
C SER A 43 34.91 27.63 3.80
N VAL A 44 35.65 28.47 4.53
CA VAL A 44 35.06 29.35 5.53
C VAL A 44 35.64 30.75 5.39
N SER A 45 34.91 31.72 5.93
CA SER A 45 35.34 33.11 5.95
C SER A 45 34.90 33.73 7.27
N ILE A 46 35.83 34.37 7.96
CA ILE A 46 35.57 34.96 9.27
C ILE A 46 35.34 36.46 9.08
N VAL A 47 34.32 36.98 9.76
CA VAL A 47 34.01 38.41 9.73
C VAL A 47 34.00 38.90 11.17
N GLY A 48 34.84 39.89 11.47
CA GLY A 48 34.95 40.45 12.80
C GLY A 48 34.89 41.96 12.78
N THR A 49 35.05 42.54 13.97
CA THR A 49 35.00 43.99 14.11
C THR A 49 35.91 44.69 13.12
N ARG A 50 37.02 44.04 12.77
CA ARG A 50 38.00 44.64 11.82
C ARG A 50 37.75 44.15 10.39
N GLY A 51 36.48 44.03 9.98
CA GLY A 51 36.12 43.63 8.61
C GLY A 51 36.12 42.13 8.38
N GLU A 52 35.68 41.72 7.19
CA GLU A 52 35.62 40.29 6.78
C GLU A 52 37.01 39.85 6.29
N SER A 53 37.23 38.53 6.19
CA SER A 53 38.52 37.99 5.71
C SER A 53 38.31 37.30 4.36
N PRO A 54 39.37 36.91 3.64
CA PRO A 54 39.23 36.22 2.36
C PRO A 54 38.68 34.81 2.67
N PRO A 55 37.81 34.21 1.83
CA PRO A 55 37.30 32.88 2.14
C PRO A 55 38.50 31.94 2.16
N LEU A 56 38.65 31.18 3.25
CA LEU A 56 39.78 30.23 3.37
C LEU A 56 39.22 28.82 3.34
N PRO A 57 39.58 28.01 2.33
CA PRO A 57 39.05 26.65 2.20
C PRO A 57 39.66 25.69 3.23
N LEU A 58 38.87 24.70 3.64
CA LEU A 58 39.36 23.62 4.55
C LEU A 58 39.92 22.55 3.61
N ASP A 59 41.24 22.42 3.54
CA ASP A 59 41.85 21.52 2.54
C ASP A 59 42.20 20.15 3.12
N PHE A 65 34.77 15.72 4.04
CA PHE A 65 33.88 15.59 5.22
C PHE A 65 32.96 14.38 5.05
N THR A 66 33.00 13.47 6.03
CA THR A 66 32.15 12.25 6.02
C THR A 66 31.12 12.34 7.16
N ALA A 67 30.04 11.57 7.08
CA ALA A 67 29.02 11.65 8.11
C ALA A 67 29.56 11.19 9.46
N GLY A 68 29.24 11.95 10.51
CA GLY A 68 29.63 11.61 11.86
C GLY A 68 31.04 12.00 12.24
N ALA A 69 31.91 12.30 11.27
CA ALA A 69 33.31 12.59 11.56
C ALA A 69 33.49 14.02 12.04
N GLU A 70 34.37 14.19 13.02
CA GLU A 70 34.81 15.50 13.48
C GLU A 70 36.26 15.69 13.08
N GLU A 71 36.58 16.82 12.46
CA GLU A 71 37.91 17.03 11.88
C GLU A 71 38.36 18.46 12.12
N ASP A 72 39.58 18.60 12.64
CA ASP A 72 40.20 19.90 12.88
C ASP A 72 40.94 20.37 11.63
N PHE A 73 41.06 21.69 11.50
CA PHE A 73 41.75 22.29 10.36
C PHE A 73 42.58 23.47 10.83
N GLN A 74 43.61 23.79 10.05
CA GLN A 74 44.56 24.84 10.37
C GLN A 74 44.77 25.71 9.13
N VAL A 75 44.18 26.90 9.13
CA VAL A 75 44.33 27.84 8.02
C VAL A 75 44.45 29.25 8.60
N THR A 76 45.44 30.00 8.13
CA THR A 76 45.79 31.30 8.70
C THR A 76 45.13 32.43 7.93
N LEU A 77 44.58 33.39 8.67
CA LEU A 77 44.04 34.59 8.06
C LEU A 77 45.18 35.46 7.53
N PRO A 78 44.96 36.20 6.44
CA PRO A 78 45.99 37.11 5.96
C PRO A 78 46.15 38.34 6.84
N GLU A 79 45.08 38.77 7.50
CA GLU A 79 45.07 39.96 8.33
C GLU A 79 44.49 39.63 9.70
N ASP A 80 44.57 40.60 10.61
CA ASP A 80 43.91 40.49 11.90
C ASP A 80 42.46 40.89 11.75
N VAL A 81 41.55 40.07 12.28
CA VAL A 81 40.12 40.27 12.08
C VAL A 81 39.43 40.92 13.27
N GLY A 82 40.15 41.16 14.36
CA GLY A 82 39.52 41.67 15.56
C GLY A 82 38.74 40.57 16.28
N ARG A 83 37.80 41.01 17.12
CA ARG A 83 36.95 40.06 17.81
C ARG A 83 35.93 39.48 16.83
N VAL A 84 35.88 38.14 16.76
CA VAL A 84 35.03 37.49 15.77
C VAL A 84 33.58 37.87 15.99
N LEU A 85 32.85 38.05 14.88
CA LEU A 85 31.42 38.34 14.93
C LEU A 85 30.60 37.28 14.22
N LEU A 86 31.00 36.85 13.04
CA LEU A 86 30.26 35.86 12.28
C LEU A 86 31.23 34.94 11.55
N LEU A 87 30.71 33.77 11.16
CA LEU A 87 31.50 32.76 10.42
C LEU A 87 30.73 32.45 9.12
N ARG A 88 31.38 32.61 7.97
CA ARG A 88 30.69 32.33 6.68
C ARG A 88 31.18 30.98 6.14
N VAL A 89 30.26 30.04 5.96
CA VAL A 89 30.59 28.69 5.43
C VAL A 89 30.31 28.70 3.93
N HIS A 90 31.32 28.34 3.13
CA HIS A 90 31.21 28.35 1.68
C HIS A 90 31.25 26.92 1.15
N LYS A 91 30.36 26.64 0.20
CA LYS A 91 30.33 25.35 -0.49
C LYS A 91 30.49 25.57 -1.99
N ALA A 92 31.20 24.65 -2.65
CA ALA A 92 31.53 24.77 -4.05
C ALA A 92 30.44 24.17 -4.93
N GLY A 93 30.61 24.30 -6.24
CA GLY A 93 29.66 23.76 -7.20
C GLY A 93 29.89 22.30 -7.52
N PRO A 97 25.95 20.42 -6.29
CA PRO A 97 24.71 19.63 -6.42
C PRO A 97 24.54 18.70 -5.22
N ASP A 98 25.62 18.52 -4.44
CA ASP A 98 25.64 17.64 -3.24
C ASP A 98 24.96 18.35 -2.06
N ALA A 99 24.55 17.58 -1.05
CA ALA A 99 23.90 18.13 0.16
C ALA A 99 24.74 17.73 1.38
N TRP A 100 25.24 18.71 2.14
CA TRP A 100 26.10 18.41 3.32
C TRP A 100 25.42 18.91 4.59
N PHE A 101 25.28 18.05 5.60
CA PHE A 101 24.61 18.49 6.85
C PHE A 101 25.65 18.84 7.92
N CYS A 102 25.94 20.13 8.08
CA CYS A 102 26.85 20.58 9.12
C CYS A 102 26.10 20.73 10.43
N ARG A 103 26.75 20.32 11.52
CA ARG A 103 26.17 20.42 12.86
C ARG A 103 26.69 21.62 13.64
N TRP A 104 28.01 21.76 13.75
CA TRP A 104 28.59 22.91 14.43
C TRP A 104 30.02 23.11 13.97
N PHE A 105 30.44 24.36 13.96
CA PHE A 105 31.83 24.74 13.80
C PHE A 105 32.41 25.16 15.15
N GLN A 106 33.73 25.08 15.26
CA GLN A 106 34.41 25.50 16.48
C GLN A 106 35.71 26.19 16.09
N LEU A 107 35.80 27.50 16.36
CA LEU A 107 37.00 28.28 15.99
C LEU A 107 37.87 28.50 17.23
N THR A 108 39.08 27.93 17.24
CA THR A 108 40.00 28.10 18.39
C THR A 108 41.18 28.98 17.95
N PRO A 109 41.25 30.25 18.42
CA PRO A 109 42.34 31.16 18.06
C PRO A 109 43.65 30.83 18.78
N PRO A 110 44.80 31.39 18.34
CA PRO A 110 46.10 31.13 18.99
C PRO A 110 46.12 31.72 20.41
N ARG A 111 46.91 31.10 21.29
CA ARG A 111 47.04 31.45 22.73
C ARG A 111 45.70 31.26 23.46
N GLY A 112 44.96 30.20 23.13
CA GLY A 112 43.70 29.83 23.80
C GLY A 112 42.44 30.48 23.25
N GLY A 113 41.30 30.17 23.87
CA GLY A 113 39.96 30.67 23.51
C GLY A 113 39.14 29.65 22.73
N HIS A 114 37.80 29.75 22.80
CA HIS A 114 36.90 28.81 22.08
C HIS A 114 35.67 29.57 21.55
N LEU A 115 35.23 29.25 20.33
CA LEU A 115 34.04 29.86 19.70
C LEU A 115 33.22 28.73 19.06
N LEU A 116 31.98 28.53 19.52
CA LEU A 116 31.16 27.42 19.06
C LEU A 116 29.99 27.98 18.25
N PHE A 117 29.97 27.65 16.96
CA PHE A 117 28.94 28.11 16.05
C PHE A 117 27.96 26.99 15.74
N PRO A 118 26.88 26.85 16.52
CA PRO A 118 25.90 25.81 16.22
C PRO A 118 25.27 26.04 14.85
N CYS A 119 25.05 24.95 14.12
CA CYS A 119 24.51 25.05 12.77
C CYS A 119 23.25 24.19 12.62
N TYR A 120 23.43 22.88 12.44
CA TYR A 120 22.32 21.94 12.35
C TYR A 120 21.39 22.28 11.18
N GLN A 121 21.98 22.28 9.99
CA GLN A 121 21.26 22.59 8.77
C GLN A 121 21.87 21.82 7.61
N TRP A 122 21.05 21.54 6.61
CA TRP A 122 21.52 20.89 5.37
C TRP A 122 22.06 21.97 4.45
N LEU A 123 23.36 21.95 4.19
CA LEU A 123 23.95 22.80 3.18
C LEU A 123 23.79 22.13 1.83
N GLU A 124 22.87 22.65 1.02
CA GLU A 124 22.54 22.06 -0.28
C GLU A 124 22.91 23.03 -1.39
N GLY A 125 23.18 22.46 -2.56
CA GLY A 125 23.61 23.31 -3.65
C GLY A 125 24.96 23.94 -3.35
N ALA A 126 25.15 25.15 -3.87
CA ALA A 126 26.39 25.90 -3.71
C ALA A 126 26.02 27.29 -3.21
N GLY A 127 26.06 27.47 -1.89
CA GLY A 127 25.77 28.75 -1.28
C GLY A 127 26.65 29.03 -0.08
N THR A 128 26.14 29.81 0.87
CA THR A 128 26.90 30.16 2.06
C THR A 128 25.95 30.31 3.24
N LEU A 129 26.37 29.83 4.40
CA LEU A 129 25.65 30.02 5.65
C LEU A 129 26.39 31.05 6.50
N VAL A 130 25.64 32.01 7.03
CA VAL A 130 26.18 33.03 7.93
C VAL A 130 25.79 32.65 9.35
N LEU A 131 26.76 32.23 10.14
CA LEU A 131 26.52 31.73 11.49
C LEU A 131 26.98 32.76 12.52
N GLN A 132 26.23 32.87 13.60
CA GLN A 132 26.65 33.66 14.76
C GLN A 132 27.13 32.73 15.86
N GLU A 133 27.87 33.28 16.81
CA GLU A 133 28.35 32.48 17.93
C GLU A 133 27.16 31.91 18.71
N GLY A 134 27.42 30.81 19.42
CA GLY A 134 26.37 30.12 20.14
C GLY A 134 25.68 30.97 21.19
N THR A 135 26.38 31.96 21.74
CA THR A 135 25.80 32.85 22.74
C THR A 135 24.48 33.42 22.24
N ALA A 136 23.37 33.04 22.87
CA ALA A 136 22.06 33.47 22.40
C ALA A 136 21.91 34.98 22.57
N LYS A 137 21.37 35.64 21.54
CA LYS A 137 21.27 37.09 21.52
C LYS A 137 19.85 37.51 21.19
N VAL A 138 19.21 38.21 22.13
CA VAL A 138 18.03 38.97 21.77
C VAL A 138 18.45 40.20 20.95
N SER A 139 17.60 40.67 20.01
CA SER A 139 17.88 41.85 19.15
C SER A 139 18.55 43.00 19.92
N TRP A 140 18.11 43.28 21.15
CA TRP A 140 18.72 44.38 21.93
C TRP A 140 20.00 43.95 22.67
N ALA A 141 20.30 42.66 22.72
CA ALA A 141 21.51 42.18 23.44
C ALA A 141 22.79 42.71 22.80
N ASP A 142 22.88 42.68 21.46
CA ASP A 142 24.10 43.19 20.78
C ASP A 142 23.70 44.31 19.82
N HIS A 143 24.32 45.48 19.97
CA HIS A 143 23.98 46.66 19.12
C HIS A 143 24.96 46.77 17.95
N HIS A 144 25.85 45.80 17.76
CA HIS A 144 26.83 45.91 16.65
C HIS A 144 26.07 45.97 15.32
N PRO A 145 26.49 46.84 14.37
CA PRO A 145 25.80 46.98 13.09
C PRO A 145 25.81 45.73 12.19
N VAL A 146 26.91 44.95 12.18
CA VAL A 146 26.91 43.79 11.29
C VAL A 146 26.03 42.68 11.85
N LEU A 147 25.95 42.53 13.17
CA LEU A 147 25.08 41.53 13.75
C LEU A 147 23.62 41.90 13.55
N GLN A 148 23.30 43.19 13.65
CA GLN A 148 21.93 43.62 13.39
C GLN A 148 21.54 43.37 11.95
N GLN A 149 22.43 43.73 11.01
CA GLN A 149 22.16 43.48 9.60
C GLN A 149 22.03 41.99 9.31
N GLN A 150 22.75 41.15 10.06
CA GLN A 150 22.63 39.70 9.86
C GLN A 150 21.22 39.22 10.16
N ARG A 151 20.61 39.74 11.23
CA ARG A 151 19.25 39.32 11.57
C ARG A 151 18.27 39.66 10.46
N GLN A 152 18.24 40.92 10.05
CA GLN A 152 17.25 41.35 9.05
C GLN A 152 17.39 40.54 7.77
N GLU A 153 18.62 40.41 7.26
CA GLU A 153 18.83 39.61 6.06
C GLU A 153 18.40 38.16 6.27
N GLU A 154 18.73 37.59 7.42
CA GLU A 154 18.30 36.24 7.73
C GLU A 154 16.77 36.17 7.77
N LEU A 155 16.16 37.05 8.56
CA LEU A 155 14.68 37.08 8.71
C LEU A 155 14.00 37.25 7.34
N GLN A 156 14.52 38.16 6.50
CA GLN A 156 13.94 38.41 5.16
C GLN A 156 13.98 37.13 4.32
N ALA A 157 15.10 36.39 4.36
CA ALA A 157 15.24 35.13 3.60
C ALA A 157 14.21 34.12 4.09
N ARG A 158 14.00 34.04 5.41
CA ARG A 158 13.02 33.09 6.00
C ARG A 158 11.62 33.47 5.52
N GLN A 159 11.31 34.76 5.46
CA GLN A 159 9.97 35.25 5.02
C GLN A 159 9.73 34.89 3.55
N GLU A 160 10.73 35.06 2.69
CA GLU A 160 10.58 34.67 1.25
C GLU A 160 10.50 33.14 1.13
N MET A 161 11.24 32.43 1.99
CA MET A 161 11.30 30.95 1.99
C MET A 161 9.98 30.34 2.49
N TYR A 162 9.52 30.76 3.67
CA TYR A 162 8.31 30.21 4.27
C TYR A 162 7.25 31.32 4.28
N GLN A 163 6.20 31.14 3.49
CA GLN A 163 5.13 32.14 3.35
C GLN A 163 3.79 31.53 3.75
N TRP A 164 2.80 32.39 3.92
CA TRP A 164 1.46 31.99 4.32
C TRP A 164 0.56 31.84 3.10
N LYS A 165 -0.51 31.07 3.27
CA LYS A 165 -1.56 30.99 2.27
C LYS A 165 -2.85 30.61 2.98
N ALA A 166 -3.95 31.23 2.55
CA ALA A 166 -5.27 30.91 3.08
C ALA A 166 -5.72 29.59 2.47
N TYR A 167 -5.55 28.50 3.22
CA TYR A 167 -5.94 27.19 2.72
C TYR A 167 -7.45 27.12 2.54
N ASN A 168 -8.20 27.70 3.48
CA ASN A 168 -9.65 27.63 3.41
C ASN A 168 -10.20 28.73 4.31
N PRO A 169 -11.28 29.39 3.91
CA PRO A 169 -11.87 30.40 4.79
C PRO A 169 -12.20 29.80 6.15
N GLY A 170 -12.03 30.62 7.19
CA GLY A 170 -12.25 30.19 8.55
C GLY A 170 -11.21 29.24 9.10
N TRP A 171 -10.29 28.76 8.28
CA TRP A 171 -9.20 27.92 8.73
C TRP A 171 -8.01 28.75 9.17
N PRO A 172 -7.10 28.16 9.93
CA PRO A 172 -5.81 28.82 10.16
C PRO A 172 -5.02 28.87 8.85
N HIS A 173 -4.27 29.95 8.68
CA HIS A 173 -3.34 29.98 7.57
C HIS A 173 -2.25 28.94 7.78
N CYS A 174 -1.71 28.43 6.67
CA CYS A 174 -0.73 27.35 6.71
C CYS A 174 0.40 27.65 5.74
N LEU A 175 1.39 26.77 5.72
CA LEU A 175 2.51 26.91 4.80
C LEU A 175 2.04 26.85 3.36
N ASP A 176 2.54 27.77 2.53
CA ASP A 176 2.15 27.83 1.13
C ASP A 176 3.07 26.94 0.29
N GLU A 177 2.85 25.63 0.44
CA GLU A 177 3.55 24.62 -0.35
C GLU A 177 2.54 23.57 -0.77
N LYS A 178 2.58 23.19 -2.04
CA LYS A 178 1.64 22.22 -2.58
C LYS A 178 2.06 20.78 -2.32
N THR A 179 3.30 20.43 -2.66
CA THR A 179 3.79 19.07 -2.55
C THR A 179 4.89 18.98 -1.50
N VAL A 180 5.05 17.77 -0.94
CA VAL A 180 6.19 17.50 -0.08
C VAL A 180 7.49 17.55 -0.87
N GLU A 181 7.43 17.32 -2.18
CA GLU A 181 8.62 17.38 -3.02
C GLU A 181 9.06 18.80 -3.31
N ASP A 182 8.39 19.80 -2.73
CA ASP A 182 8.78 21.20 -2.86
C ASP A 182 9.46 21.73 -1.60
N LEU A 183 9.44 20.97 -0.51
CA LEU A 183 9.97 21.43 0.76
C LEU A 183 11.50 21.42 0.75
N GLU A 184 12.08 22.27 1.61
CA GLU A 184 13.55 22.31 1.75
C GLU A 184 13.94 21.16 2.68
N LEU A 185 15.18 20.69 2.58
CA LEU A 185 15.69 19.53 3.38
C LEU A 185 15.65 19.81 4.88
N ASN A 186 15.86 21.07 5.28
CA ASN A 186 15.88 21.45 6.72
C ASN A 186 14.51 21.15 7.37
N ILE A 187 13.41 21.22 6.62
CA ILE A 187 12.07 20.94 7.22
C ILE A 187 11.54 19.60 6.71
N LYS A 188 12.27 18.94 5.81
CA LYS A 188 11.85 17.63 5.24
C LYS A 188 12.04 16.50 6.27
N TYR A 189 11.28 15.42 6.09
CA TYR A 189 11.33 14.22 6.96
C TYR A 189 12.73 13.60 6.86
N SER A 190 13.25 13.10 7.97
CA SER A 190 14.60 12.46 7.99
C SER A 190 14.59 11.22 7.10
N THR A 191 15.67 10.98 6.37
CA THR A 191 15.77 9.79 5.47
C THR A 191 15.50 8.51 6.30
N ALA A 192 16.10 8.41 7.49
CA ALA A 192 15.87 7.22 8.36
C ALA A 192 14.37 7.14 8.68
N LYS A 193 13.75 8.29 8.95
CA LYS A 193 12.33 8.33 9.27
C LYS A 193 11.48 7.95 8.06
N ASN A 194 11.80 8.53 6.89
CA ASN A 194 11.12 8.13 5.66
C ASN A 194 11.21 6.63 5.45
N ALA A 195 12.34 6.03 5.82
CA ALA A 195 12.50 4.59 5.68
C ALA A 195 11.56 3.84 6.60
N ASN A 196 11.60 4.15 7.90
CA ASN A 196 10.74 3.44 8.86
C ASN A 196 9.28 3.59 8.49
N PHE A 197 8.84 4.82 8.23
CA PHE A 197 7.43 5.06 7.97
C PHE A 197 6.96 4.38 6.69
N TYR A 198 7.76 4.51 5.64
CA TYR A 198 7.36 3.94 4.32
C TYR A 198 7.41 2.41 4.34
N LEU A 199 8.34 1.83 5.09
CA LEU A 199 8.37 0.35 5.19
C LEU A 199 7.08 -0.13 5.86
N GLN A 200 6.69 0.54 6.96
CA GLN A 200 5.47 0.22 7.73
C GLN A 200 4.19 0.53 6.92
N ALA A 201 4.16 1.69 6.27
CA ALA A 201 2.97 2.10 5.48
C ALA A 201 2.83 1.19 4.26
N GLY A 202 3.95 0.81 3.66
CA GLY A 202 3.91 -0.06 2.50
C GLY A 202 3.31 -1.41 2.82
N SER A 203 3.89 -2.05 3.84
CA SER A 203 3.46 -3.39 4.31
C SER A 203 1.97 -3.35 4.67
N ALA A 204 1.59 -2.42 5.56
CA ALA A 204 0.20 -2.26 6.03
C ALA A 204 -0.77 -2.08 4.86
N PHE A 205 -0.54 -1.06 4.02
CA PHE A 205 -1.46 -0.79 2.89
C PHE A 205 -1.47 -1.98 1.93
N ALA A 206 -0.31 -2.55 1.63
CA ALA A 206 -0.22 -3.69 0.70
C ALA A 206 -1.00 -4.88 1.25
N GLU A 207 -0.87 -5.14 2.56
CA GLU A 207 -1.56 -6.30 3.20
C GLU A 207 -3.07 -6.15 3.07
N MET A 208 -3.61 -4.98 3.41
CA MET A 208 -5.08 -4.75 3.32
C MET A 208 -5.57 -4.70 1.87
N LYS A 209 -4.82 -4.04 0.98
CA LYS A 209 -5.22 -3.93 -0.45
C LYS A 209 -5.24 -5.31 -1.11
N ILE A 210 -4.22 -6.12 -0.86
CA ILE A 210 -4.10 -7.49 -1.45
C ILE A 210 -5.25 -8.37 -0.94
N LYS A 211 -5.61 -8.21 0.34
CA LYS A 211 -6.73 -8.98 0.95
C LYS A 211 -8.06 -8.61 0.26
N GLY A 212 -8.21 -7.34 -0.13
CA GLY A 212 -9.42 -6.86 -0.81
C GLY A 212 -10.28 -6.09 0.17
N LEU A 213 -9.77 -5.90 1.39
CA LEU A 213 -10.48 -5.21 2.48
C LEU A 213 -10.74 -3.75 2.09
N LEU A 214 -9.84 -3.14 1.32
CA LEU A 214 -10.06 -1.70 0.94
C LEU A 214 -11.04 -1.58 -0.23
N ASP A 215 -11.36 -2.69 -0.89
CA ASP A 215 -12.26 -2.69 -2.04
C ASP A 215 -13.58 -3.38 -1.75
N ARG A 216 -13.76 -3.93 -0.55
CA ARG A 216 -14.99 -4.67 -0.23
C ARG A 216 -16.02 -3.68 0.27
N LYS A 217 -16.97 -3.34 -0.60
CA LYS A 217 -18.13 -2.58 -0.17
C LYS A 217 -19.16 -3.53 0.46
N GLY A 218 -20.11 -2.96 1.17
CA GLY A 218 -21.11 -3.76 1.83
C GLY A 218 -20.84 -3.90 3.33
N LEU A 219 -21.88 -4.34 4.04
CA LEU A 219 -21.82 -4.46 5.49
C LEU A 219 -20.85 -5.56 5.91
N TRP A 220 -20.44 -5.49 7.17
CA TRP A 220 -19.78 -6.62 7.81
C TRP A 220 -20.76 -7.77 7.99
N ARG A 221 -20.26 -8.99 7.87
CA ARG A 221 -21.12 -10.15 8.04
C ARG A 221 -21.67 -10.22 9.46
N SER A 222 -20.83 -9.98 10.46
CA SER A 222 -21.24 -10.04 11.85
C SER A 222 -20.32 -9.16 12.68
N LEU A 223 -20.56 -9.14 13.99
CA LEU A 223 -19.60 -8.53 14.90
C LEU A 223 -18.35 -9.39 15.07
N ASN A 224 -18.45 -10.69 14.82
CA ASN A 224 -17.27 -11.54 14.92
C ASN A 224 -16.33 -11.32 13.75
N GLU A 225 -16.87 -11.12 12.55
CA GLU A 225 -16.01 -10.86 11.40
C GLU A 225 -15.20 -9.58 11.57
N MET A 226 -15.65 -8.67 12.43
CA MET A 226 -14.88 -7.46 12.71
C MET A 226 -13.63 -7.77 13.52
N LYS A 227 -13.59 -8.89 14.23
CA LYS A 227 -12.36 -9.34 14.87
C LYS A 227 -11.27 -9.64 13.86
N ARG A 228 -11.58 -9.66 12.57
CA ARG A 228 -10.55 -9.83 11.55
C ARG A 228 -9.51 -8.72 11.63
N ILE A 229 -9.90 -7.53 12.09
CA ILE A 229 -8.95 -6.43 12.17
C ILE A 229 -7.73 -6.82 12.99
N PHE A 230 -7.95 -7.55 14.09
CA PHE A 230 -6.85 -7.92 14.96
C PHE A 230 -5.90 -8.92 14.32
N ASN A 231 -6.27 -9.43 13.14
CA ASN A 231 -5.33 -10.31 12.40
C ASN A 231 -4.32 -9.39 11.71
N PHE A 232 -4.77 -8.20 11.27
CA PHE A 232 -3.90 -7.21 10.59
C PHE A 232 -2.88 -6.58 11.55
N ARG A 233 -3.35 -6.09 12.70
CA ARG A 233 -2.49 -5.43 13.73
C ARG A 233 -3.15 -5.61 15.10
N ARG A 234 -2.39 -5.49 16.19
CA ARG A 234 -3.00 -5.72 17.53
C ARG A 234 -2.12 -5.15 18.65
N THR A 235 -2.76 -4.49 19.62
CA THR A 235 -2.12 -3.95 20.82
C THR A 235 -2.94 -4.39 22.03
N PRO A 236 -2.30 -4.54 23.19
CA PRO A 236 -3.06 -4.85 24.41
C PRO A 236 -4.16 -3.84 24.69
N ALA A 237 -3.96 -2.57 24.33
CA ALA A 237 -5.03 -1.60 24.51
C ALA A 237 -6.22 -1.90 23.61
N ALA A 238 -5.95 -2.13 22.31
CA ALA A 238 -7.03 -2.44 21.39
C ALA A 238 -7.81 -3.67 21.83
N GLU A 239 -7.11 -4.68 22.37
CA GLU A 239 -7.80 -5.88 22.85
C GLU A 239 -8.71 -5.54 24.02
N HIS A 240 -8.25 -4.68 24.93
CA HIS A 240 -9.06 -4.28 26.07
C HIS A 240 -10.34 -3.59 25.62
N ALA A 241 -10.27 -2.79 24.55
CA ALA A 241 -11.48 -2.11 24.06
C ALA A 241 -12.49 -3.12 23.51
N PHE A 242 -12.02 -4.24 22.97
CA PHE A 242 -12.94 -5.27 22.50
C PHE A 242 -13.51 -6.07 23.66
N GLU A 243 -12.68 -6.42 24.64
CA GLU A 243 -13.15 -7.27 25.73
C GLU A 243 -14.15 -6.55 26.62
N HIS A 244 -14.01 -5.24 26.80
CA HIS A 244 -14.90 -4.47 27.64
C HIS A 244 -15.79 -3.52 26.85
N TRP A 245 -15.88 -3.70 25.54
CA TRP A 245 -16.58 -2.75 24.68
C TRP A 245 -17.96 -2.38 25.24
N GLN A 246 -18.72 -3.37 25.68
CA GLN A 246 -20.12 -3.15 26.07
C GLN A 246 -20.26 -2.55 27.48
N GLU A 247 -19.19 -2.38 28.24
CA GLU A 247 -19.32 -1.98 29.63
C GLU A 247 -19.57 -0.49 29.76
N ASP A 248 -20.49 -0.13 30.67
CA ASP A 248 -20.79 1.28 30.90
C ASP A 248 -19.62 2.01 31.52
N ALA A 249 -19.00 1.41 32.54
CA ALA A 249 -17.86 2.05 33.18
C ALA A 249 -16.71 2.27 32.20
N PHE A 250 -16.61 1.43 31.18
CA PHE A 250 -15.56 1.60 30.18
C PHE A 250 -15.94 2.65 29.14
N PHE A 251 -17.21 2.73 28.79
CA PHE A 251 -17.65 3.77 27.86
C PHE A 251 -17.43 5.15 28.45
N ALA A 252 -17.74 5.33 29.73
CA ALA A 252 -17.56 6.63 30.37
C ALA A 252 -16.08 6.95 30.55
N SER A 253 -15.31 6.00 31.07
CA SER A 253 -13.90 6.24 31.36
C SER A 253 -13.15 6.72 30.13
N GLN A 254 -13.63 6.41 28.93
CA GLN A 254 -12.94 6.87 27.72
C GLN A 254 -13.05 8.38 27.53
N PHE A 255 -14.02 9.04 28.17
CA PHE A 255 -14.07 10.49 28.09
C PHE A 255 -12.98 11.15 28.92
N LEU A 256 -12.38 10.42 29.85
CA LEU A 256 -11.29 10.93 30.68
C LEU A 256 -9.92 10.43 30.22
N ASN A 257 -9.82 9.17 29.84
CA ASN A 257 -8.54 8.54 29.50
C ASN A 257 -8.52 8.00 28.08
N GLY A 258 -9.43 8.45 27.22
CA GLY A 258 -9.54 7.95 25.87
C GLY A 258 -8.78 8.80 24.87
N LEU A 259 -9.19 8.68 23.61
CA LEU A 259 -8.54 9.43 22.53
C LEU A 259 -8.91 10.91 22.56
N ASN A 260 -10.14 11.24 22.96
CA ASN A 260 -10.64 12.61 22.97
C ASN A 260 -11.01 12.98 24.41
N PRO A 261 -10.00 13.20 25.27
CA PRO A 261 -10.28 13.40 26.70
C PRO A 261 -10.48 14.86 27.10
N VAL A 262 -10.72 15.73 26.13
CA VAL A 262 -10.73 17.17 26.38
C VAL A 262 -12.14 17.74 26.34
N LEU A 263 -13.16 16.88 26.24
CA LEU A 263 -14.55 17.39 26.06
C LEU A 263 -15.38 17.38 27.35
N ILE A 264 -15.25 16.36 28.19
CA ILE A 264 -16.13 16.26 29.40
C ILE A 264 -16.00 17.51 30.27
N ARG A 265 -17.14 18.04 30.74
CA ARG A 265 -17.20 19.22 31.62
C ARG A 265 -18.28 19.00 32.69
N ARG A 266 -18.17 19.71 33.82
CA ARG A 266 -19.14 19.60 34.96
C ARG A 266 -20.46 20.28 34.59
N CYS A 267 -21.57 19.85 35.21
CA CYS A 267 -22.89 20.44 34.91
C CYS A 267 -23.40 21.29 36.07
N HIS A 268 -23.47 22.62 35.90
CA HIS A 268 -24.08 23.48 36.95
C HIS A 268 -25.58 23.18 36.97
N TYR A 269 -26.17 23.03 35.78
CA TYR A 269 -27.59 22.65 35.59
C TYR A 269 -27.66 21.71 34.39
N LEU A 270 -28.69 20.87 34.33
CA LEU A 270 -28.86 19.98 33.15
C LEU A 270 -29.30 20.89 31.99
N PRO A 271 -28.80 20.70 30.75
CA PRO A 271 -29.19 21.56 29.63
C PRO A 271 -30.70 21.47 29.36
N LYS A 272 -31.33 22.60 29.05
CA LYS A 272 -32.79 22.66 28.80
C LYS A 272 -33.18 21.84 27.58
N ASN A 273 -32.33 21.83 26.54
CA ASN A 273 -32.57 21.08 25.28
C ASN A 273 -32.60 19.57 25.52
N PHE A 274 -31.83 19.08 26.50
CA PHE A 274 -31.75 17.64 26.82
C PHE A 274 -32.35 17.40 28.21
N PRO A 275 -33.83 17.22 28.43
CA PRO A 275 -34.70 17.02 29.59
C PRO A 275 -34.57 15.59 30.13
N VAL A 276 -33.99 15.48 31.33
CA VAL A 276 -33.79 14.18 32.03
C VAL A 276 -34.53 14.27 33.37
N THR A 277 -35.36 13.28 33.67
CA THR A 277 -36.13 13.34 34.94
C THR A 277 -35.61 12.29 35.93
N ASP A 278 -35.76 12.58 37.22
CA ASP A 278 -35.42 11.66 38.31
C ASP A 278 -35.84 10.23 37.97
N ALA A 279 -37.03 10.08 37.38
CA ALA A 279 -37.51 8.76 37.01
C ALA A 279 -36.56 8.07 36.04
N MET A 280 -36.11 8.81 35.01
CA MET A 280 -35.21 8.23 34.03
C MET A 280 -33.96 7.65 34.69
N VAL A 281 -33.36 8.41 35.60
CA VAL A 281 -32.07 8.04 36.18
C VAL A 281 -32.20 7.44 37.57
N ALA A 282 -33.43 7.31 38.09
CA ALA A 282 -33.61 6.74 39.42
C ALA A 282 -32.95 5.39 39.57
N SER A 283 -32.72 4.69 38.45
CA SER A 283 -32.10 3.37 38.52
C SER A 283 -30.67 3.47 39.03
N VAL A 284 -29.86 4.33 38.40
CA VAL A 284 -28.45 4.44 38.77
C VAL A 284 -28.32 5.20 40.08
N LEU A 285 -28.85 6.43 40.13
CA LEU A 285 -28.71 7.25 41.34
C LEU A 285 -29.37 6.61 42.55
N GLY A 286 -30.30 5.68 42.36
CA GLY A 286 -30.99 5.07 43.46
C GLY A 286 -31.89 6.05 44.19
N PRO A 287 -32.64 5.56 45.17
CA PRO A 287 -33.55 6.44 45.92
C PRO A 287 -32.85 7.32 46.94
N GLY A 288 -31.52 7.24 47.06
CA GLY A 288 -30.83 8.01 48.09
C GLY A 288 -30.68 9.48 47.79
N THR A 289 -30.83 9.89 46.53
CA THR A 289 -30.55 11.27 46.16
C THR A 289 -31.33 11.64 44.90
N SER A 290 -31.74 12.90 44.84
CA SER A 290 -32.37 13.45 43.65
C SER A 290 -31.31 13.83 42.62
N LEU A 291 -31.77 14.15 41.42
CA LEU A 291 -30.86 14.60 40.37
C LEU A 291 -30.44 16.06 40.59
N GLN A 292 -31.31 16.87 41.19
CA GLN A 292 -30.92 18.23 41.56
C GLN A 292 -29.95 18.22 42.73
N ALA A 293 -29.98 17.18 43.56
CA ALA A 293 -29.02 17.07 44.65
C ALA A 293 -27.63 16.74 44.11
N GLU A 294 -27.55 16.02 42.99
CA GLU A 294 -26.25 15.71 42.41
C GLU A 294 -25.65 16.89 41.65
N LEU A 295 -26.50 17.77 41.09
CA LEU A 295 -25.99 19.01 40.53
C LEU A 295 -25.28 19.84 41.59
N GLU A 296 -25.84 19.90 42.80
CA GLU A 296 -25.21 20.64 43.88
C GLU A 296 -23.94 19.95 44.38
N LYS A 297 -23.90 18.63 44.32
CA LYS A 297 -22.74 17.87 44.77
C LYS A 297 -21.58 17.89 43.77
N GLY A 298 -21.79 18.47 42.58
CA GLY A 298 -20.77 18.44 41.56
C GLY A 298 -20.49 17.08 40.99
N SER A 299 -21.42 16.13 41.12
CA SER A 299 -21.21 14.75 40.67
C SER A 299 -21.74 14.49 39.27
N LEU A 300 -22.33 15.47 38.61
CA LEU A 300 -22.93 15.29 37.28
C LEU A 300 -22.07 15.99 36.24
N PHE A 301 -21.75 15.27 35.17
CA PHE A 301 -20.92 15.79 34.09
C PHE A 301 -21.64 15.59 32.76
N LEU A 302 -21.20 16.36 31.76
CA LEU A 302 -21.84 16.36 30.45
C LEU A 302 -20.79 16.30 29.35
N VAL A 303 -21.09 15.53 28.31
CA VAL A 303 -20.27 15.44 27.10
C VAL A 303 -21.13 15.93 25.94
N ASP A 304 -20.82 17.11 25.43
CA ASP A 304 -21.65 17.79 24.44
C ASP A 304 -20.97 17.73 23.08
N HIS A 305 -21.55 16.97 22.16
CA HIS A 305 -21.11 16.96 20.77
C HIS A 305 -21.96 17.88 19.90
N GLY A 306 -22.63 18.86 20.51
CA GLY A 306 -23.53 19.75 19.81
C GLY A 306 -22.94 20.39 18.57
N ILE A 307 -21.62 20.59 18.52
CA ILE A 307 -21.00 21.25 17.38
C ILE A 307 -21.23 20.49 16.07
N LEU A 308 -21.64 19.22 16.15
CA LEU A 308 -21.92 18.46 14.93
C LEU A 308 -23.30 18.73 14.36
N SER A 309 -24.17 19.40 15.11
CA SER A 309 -25.56 19.54 14.69
C SER A 309 -25.64 20.21 13.32
N GLY A 310 -26.49 19.65 12.46
CA GLY A 310 -26.67 20.20 11.13
C GLY A 310 -25.42 20.19 10.28
N ILE A 311 -24.51 19.25 10.54
CA ILE A 311 -23.26 19.17 9.80
C ILE A 311 -23.50 18.39 8.51
N GLN A 312 -22.75 18.73 7.47
CA GLN A 312 -22.92 18.07 6.18
C GLN A 312 -22.36 16.66 6.24
N THR A 313 -23.11 15.71 5.69
CA THR A 313 -22.70 14.32 5.67
C THR A 313 -22.02 13.98 4.35
N ASN A 314 -21.34 12.83 4.35
CA ASN A 314 -20.63 12.32 3.20
C ASN A 314 -21.43 11.19 2.56
N VAL A 315 -21.01 10.80 1.35
CA VAL A 315 -21.60 9.67 0.64
C VAL A 315 -20.50 8.64 0.42
N ILE A 316 -20.66 7.46 1.01
CA ILE A 316 -19.66 6.40 0.95
C ILE A 316 -20.24 5.25 0.16
N ASN A 317 -19.52 4.83 -0.89
CA ASN A 317 -19.98 3.74 -1.76
C ASN A 317 -21.39 4.00 -2.27
N GLY A 318 -21.66 5.26 -2.59
CA GLY A 318 -22.96 5.66 -3.09
C GLY A 318 -24.08 5.69 -2.07
N LYS A 319 -23.78 5.46 -0.80
CA LYS A 319 -24.79 5.44 0.24
C LYS A 319 -24.66 6.66 1.12
N PRO A 320 -25.75 7.38 1.37
CA PRO A 320 -25.68 8.55 2.25
C PRO A 320 -25.27 8.12 3.66
N GLN A 321 -24.31 8.85 4.23
CA GLN A 321 -23.88 8.60 5.59
C GLN A 321 -24.48 9.65 6.51
N PHE A 322 -24.48 9.33 7.80
CA PHE A 322 -25.16 10.14 8.80
C PHE A 322 -24.20 10.48 9.94
N SER A 323 -24.64 11.44 10.75
CA SER A 323 -23.99 11.77 12.01
C SER A 323 -25.04 12.24 12.98
N ALA A 324 -24.69 12.26 14.26
CA ALA A 324 -25.54 12.81 15.31
C ALA A 324 -24.84 13.99 15.96
N ALA A 325 -25.55 14.60 16.92
CA ALA A 325 -24.99 15.65 17.76
C ALA A 325 -25.35 15.34 19.21
N PRO A 326 -24.89 14.21 19.72
CA PRO A 326 -25.45 13.67 20.96
C PRO A 326 -25.07 14.53 22.17
N MET A 327 -25.75 14.22 23.28
CA MET A 327 -25.39 14.75 24.58
C MET A 327 -25.41 13.59 25.57
N THR A 328 -24.32 13.43 26.32
CA THR A 328 -24.14 12.34 27.25
C THR A 328 -24.13 12.90 28.67
N LEU A 329 -25.02 12.42 29.51
CA LEU A 329 -25.02 12.76 30.93
C LEU A 329 -24.28 11.66 31.69
N LEU A 330 -23.28 12.06 32.47
CA LEU A 330 -22.45 11.12 33.21
C LEU A 330 -22.52 11.44 34.70
N TYR A 331 -22.52 10.39 35.52
CA TYR A 331 -22.61 10.51 36.97
C TYR A 331 -21.35 9.94 37.59
N GLN A 332 -20.77 10.66 38.55
CA GLN A 332 -19.56 10.23 39.22
C GLN A 332 -19.94 9.55 40.53
N SER A 333 -19.83 8.22 40.55
CA SER A 333 -20.11 7.41 41.77
C SER A 333 -19.19 7.87 42.90
N PRO A 334 -19.68 7.96 44.15
CA PRO A 334 -18.88 8.41 45.30
C PRO A 334 -17.83 7.38 45.77
N GLY A 335 -16.89 7.83 46.61
CA GLY A 335 -15.82 6.97 47.15
C GLY A 335 -14.96 6.38 46.05
N CYS A 336 -14.59 7.21 45.07
CA CYS A 336 -13.75 6.81 43.90
C CYS A 336 -14.45 5.69 43.11
N GLY A 337 -15.77 5.79 42.97
CA GLY A 337 -16.60 4.82 42.23
C GLY A 337 -16.45 4.99 40.73
N PRO A 338 -16.88 4.00 39.92
CA PRO A 338 -16.74 4.10 38.47
C PRO A 338 -17.60 5.24 37.92
N LEU A 339 -17.11 5.92 36.88
CA LEU A 339 -17.93 6.99 36.24
C LEU A 339 -18.86 6.26 35.28
N LEU A 340 -20.17 6.36 35.53
CA LEU A 340 -21.17 5.66 34.68
C LEU A 340 -22.07 6.73 34.07
N PRO A 341 -22.65 6.57 32.71
CA PRO A 341 -23.58 7.33 31.87
C PRO A 341 -25.00 7.21 32.39
N LEU A 342 -25.66 8.37 32.55
CA LEU A 342 -27.06 8.38 32.96
C LEU A 342 -28.02 8.35 31.79
N ALA A 343 -27.70 9.05 30.70
CA ALA A 343 -28.63 9.17 29.60
C ALA A 343 -27.91 9.73 28.38
N ILE A 344 -28.34 9.27 27.21
CA ILE A 344 -27.82 9.74 25.93
C ILE A 344 -28.99 10.24 25.11
N GLN A 345 -28.98 11.53 24.78
CA GLN A 345 -29.88 12.09 23.78
C GLN A 345 -29.06 12.28 22.50
N LEU A 346 -29.52 11.68 21.41
CA LEU A 346 -28.78 11.67 20.15
C LEU A 346 -29.05 12.89 19.30
N SER A 347 -29.79 13.87 19.81
CA SER A 347 -30.12 15.06 19.04
C SER A 347 -30.10 16.28 19.94
N GLN A 348 -29.77 17.43 19.35
CA GLN A 348 -29.84 18.69 20.08
C GLN A 348 -31.25 19.21 20.23
N THR A 349 -32.20 18.68 19.46
CA THR A 349 -33.59 19.08 19.58
C THR A 349 -34.35 17.99 20.33
N PRO A 350 -34.78 18.23 21.57
CA PRO A 350 -35.55 17.22 22.30
C PRO A 350 -36.95 17.10 21.76
N GLY A 351 -37.56 15.95 22.03
CA GLY A 351 -38.94 15.73 21.61
C GLY A 351 -39.28 14.27 21.39
N PRO A 352 -40.48 14.04 20.85
CA PRO A 352 -40.95 12.66 20.65
C PRO A 352 -40.03 11.82 19.78
N ASN A 353 -39.40 12.41 18.76
CA ASN A 353 -38.47 11.69 17.90
C ASN A 353 -37.01 11.88 18.33
N SER A 354 -36.79 12.24 19.59
CA SER A 354 -35.45 12.31 20.18
C SER A 354 -35.48 11.58 21.51
N PRO A 355 -35.59 10.25 21.48
CA PRO A 355 -35.64 9.50 22.74
C PRO A 355 -34.40 9.74 23.58
N ILE A 356 -34.60 9.75 24.89
CA ILE A 356 -33.49 9.86 25.84
C ILE A 356 -33.20 8.45 26.32
N PHE A 357 -32.17 7.84 25.75
CA PHE A 357 -31.83 6.46 26.04
C PHE A 357 -31.14 6.35 27.39
N LEU A 358 -31.43 5.26 28.10
CA LEU A 358 -31.00 5.04 29.47
C LEU A 358 -30.38 3.66 29.58
N PRO A 359 -29.53 3.44 30.58
CA PRO A 359 -28.91 2.12 30.76
C PRO A 359 -29.94 1.04 31.08
N THR A 360 -31.22 1.41 31.19
CA THR A 360 -32.26 0.43 31.41
C THR A 360 -32.91 -0.04 30.11
N ASP A 361 -32.64 0.64 29.00
CA ASP A 361 -33.22 0.24 27.70
C ASP A 361 -32.64 -1.09 27.20
N ASP A 362 -33.19 -1.64 26.11
CA ASP A 362 -32.71 -2.95 25.60
C ASP A 362 -31.25 -2.86 25.15
N LYS A 363 -30.54 -3.99 25.17
CA LYS A 363 -29.07 -4.02 24.91
C LYS A 363 -28.77 -3.37 23.56
N TRP A 364 -29.54 -3.67 22.52
CA TRP A 364 -29.34 -3.03 21.19
C TRP A 364 -29.63 -1.52 21.27
N ASP A 365 -30.62 -1.11 22.06
CA ASP A 365 -30.96 0.34 22.23
C ASP A 365 -29.81 1.06 22.93
N TRP A 366 -29.48 0.66 24.16
CA TRP A 366 -28.39 1.28 24.90
C TRP A 366 -27.09 1.20 24.12
N LEU A 367 -26.77 0.03 23.56
CA LEU A 367 -25.56 -0.10 22.76
C LEU A 367 -25.58 0.85 21.56
N LEU A 368 -26.64 0.80 20.77
CA LEU A 368 -26.72 1.67 19.60
C LEU A 368 -26.56 3.12 19.98
N ALA A 369 -27.18 3.53 21.09
CA ALA A 369 -27.03 4.90 21.56
C ALA A 369 -25.56 5.23 21.82
N LYS A 370 -24.84 4.30 22.48
CA LYS A 370 -23.46 4.58 22.83
C LYS A 370 -22.54 4.58 21.61
N THR A 371 -22.90 3.81 20.57
CA THR A 371 -22.05 3.79 19.38
C THR A 371 -22.20 5.07 18.57
N TRP A 372 -23.39 5.67 18.57
CA TRP A 372 -23.56 6.98 17.97
C TRP A 372 -22.68 8.01 18.68
N VAL A 373 -22.60 7.93 20.01
CA VAL A 373 -21.74 8.84 20.75
C VAL A 373 -20.28 8.59 20.41
N ARG A 374 -19.94 7.31 20.25
CA ARG A 374 -18.58 6.91 19.84
C ARG A 374 -18.33 7.47 18.44
N ASN A 375 -19.35 7.45 17.58
CA ASN A 375 -19.25 7.99 16.19
C ASN A 375 -19.03 9.51 16.27
N ALA A 376 -19.78 10.18 17.15
CA ALA A 376 -19.67 11.64 17.37
C ALA A 376 -18.27 11.96 17.90
N GLU A 377 -17.76 11.08 18.79
CA GLU A 377 -16.41 11.21 19.39
C GLU A 377 -15.36 11.15 18.26
N PHE A 378 -15.57 10.29 17.27
CA PHE A 378 -14.62 10.18 16.12
C PHE A 378 -14.57 11.49 15.33
N SER A 379 -15.70 11.97 14.82
CA SER A 379 -15.69 13.21 14.04
C SER A 379 -15.04 14.34 14.82
N PHE A 380 -15.48 14.55 16.06
CA PHE A 380 -14.97 15.65 16.88
C PHE A 380 -13.47 15.57 17.06
N HIS A 381 -12.95 14.35 17.26
CA HIS A 381 -11.54 14.19 17.60
C HIS A 381 -10.64 14.42 16.39
N GLU A 382 -10.95 13.78 15.27
CA GLU A 382 -10.04 13.83 14.11
C GLU A 382 -9.99 15.20 13.48
N ALA A 383 -11.10 15.94 13.47
CA ALA A 383 -11.11 17.26 12.85
C ALA A 383 -10.65 18.36 13.82
N LEU A 384 -11.20 18.35 15.04
CA LEU A 384 -10.95 19.44 15.99
C LEU A 384 -9.77 19.11 16.90
N THR A 385 -9.93 18.11 17.76
CA THR A 385 -8.86 17.75 18.73
C THR A 385 -7.54 17.43 18.01
N HIS A 386 -7.51 16.34 17.24
CA HIS A 386 -6.27 15.90 16.54
C HIS A 386 -5.80 16.84 15.41
N LEU A 387 -6.71 17.33 14.57
CA LEU A 387 -6.27 18.13 13.38
C LEU A 387 -6.04 19.60 13.71
N LEU A 388 -7.13 20.35 13.93
CA LEU A 388 -7.08 21.81 14.22
C LEU A 388 -6.22 22.18 15.43
N HIS A 389 -6.38 21.45 16.54
CA HIS A 389 -5.72 21.81 17.82
C HIS A 389 -4.30 21.25 17.93
N SER A 390 -4.01 20.13 17.27
CA SER A 390 -2.70 19.52 17.45
C SER A 390 -1.87 19.46 16.17
N HIS A 391 -2.36 20.00 15.06
CA HIS A 391 -1.58 20.02 13.82
C HIS A 391 -1.55 21.41 13.21
N LEU A 392 -2.69 22.07 13.11
CA LEU A 392 -2.76 23.34 12.40
C LEU A 392 -2.22 24.48 13.27
N LEU A 393 -2.59 24.51 14.55
CA LEU A 393 -2.01 25.51 15.45
C LEU A 393 -0.52 25.28 15.65
N PRO A 394 -0.05 24.06 15.94
CA PRO A 394 1.40 23.82 15.93
C PRO A 394 2.08 24.32 14.66
N GLU A 395 1.46 24.13 13.50
CA GLU A 395 2.06 24.61 12.25
C GLU A 395 2.15 26.13 12.25
N VAL A 396 1.15 26.81 12.80
CA VAL A 396 1.22 28.26 12.94
C VAL A 396 2.42 28.62 13.81
N PHE A 397 2.47 28.08 15.03
CA PHE A 397 3.59 28.38 15.92
C PHE A 397 4.92 28.14 15.20
N THR A 398 5.01 27.04 14.46
CA THR A 398 6.23 26.72 13.74
C THR A 398 6.56 27.77 12.70
N LEU A 399 5.58 28.11 11.85
CA LEU A 399 5.82 29.03 10.74
C LEU A 399 6.11 30.44 11.22
N ALA A 400 5.68 30.80 12.43
CA ALA A 400 5.95 32.14 12.95
C ALA A 400 7.35 32.24 13.53
N THR A 401 7.84 31.20 14.23
CA THR A 401 9.20 31.27 14.74
C THR A 401 10.22 31.20 13.61
N LEU A 402 9.89 30.51 12.51
CA LEU A 402 10.78 30.51 11.35
C LEU A 402 10.87 31.88 10.71
N ARG A 403 9.74 32.59 10.64
CA ARG A 403 9.69 33.85 9.91
C ARG A 403 10.14 35.02 10.75
N GLN A 404 9.94 34.96 12.06
CA GLN A 404 10.09 36.13 12.92
C GLN A 404 11.23 36.03 13.92
N LEU A 405 11.72 34.83 14.21
CA LEU A 405 12.76 34.65 15.20
C LEU A 405 14.04 34.16 14.53
N PRO A 406 15.11 34.94 14.55
CA PRO A 406 16.34 34.53 13.87
C PRO A 406 17.05 33.40 14.59
N HIS A 407 18.07 32.86 13.91
CA HIS A 407 18.72 31.63 14.36
C HIS A 407 19.40 31.80 15.71
N CYS A 408 19.85 33.01 16.03
CA CYS A 408 20.57 33.23 17.27
C CYS A 408 19.66 33.64 18.41
N HIS A 409 18.37 33.85 18.15
CA HIS A 409 17.47 34.32 19.19
C HIS A 409 17.28 33.23 20.25
N PRO A 410 17.15 33.61 21.52
CA PRO A 410 16.89 32.58 22.56
C PRO A 410 15.59 31.84 22.33
N LEU A 411 14.55 32.53 21.87
CA LEU A 411 13.26 31.88 21.63
C LEU A 411 13.36 30.89 20.48
N PHE A 412 14.14 31.20 19.45
CA PHE A 412 14.38 30.23 18.39
C PHE A 412 15.01 28.96 18.94
N LYS A 413 16.13 29.09 19.66
CA LYS A 413 16.78 27.94 20.25
C LYS A 413 15.80 27.09 21.06
N LEU A 414 14.91 27.75 21.82
CA LEU A 414 14.02 27.00 22.69
C LEU A 414 12.94 26.27 21.89
N LEU A 415 12.40 26.91 20.87
CA LEU A 415 11.25 26.38 20.15
C LEU A 415 11.63 25.43 19.02
N ILE A 416 12.80 25.60 18.40
CA ILE A 416 13.10 24.91 17.14
C ILE A 416 12.95 23.40 17.25
N PRO A 417 13.32 22.74 18.35
CA PRO A 417 13.12 21.28 18.41
C PRO A 417 11.65 20.90 18.46
N HIS A 418 10.79 21.77 19.00
CA HIS A 418 9.37 21.47 19.11
C HIS A 418 8.60 21.79 17.84
N THR A 419 9.32 21.98 16.73
CA THR A 419 8.72 22.15 15.43
C THR A 419 9.23 21.13 14.41
N ARG A 420 10.15 20.26 14.82
CA ARG A 420 10.78 19.31 13.90
C ARG A 420 9.73 18.49 13.17
N TYR A 421 9.70 18.61 11.84
CA TYR A 421 8.91 17.79 10.93
C TYR A 421 7.44 18.20 10.86
N THR A 422 7.02 19.22 11.62
CA THR A 422 5.61 19.59 11.61
C THR A 422 5.14 20.06 10.23
N LEU A 423 5.99 20.83 9.53
CA LEU A 423 5.57 21.35 8.23
C LEU A 423 5.49 20.25 7.19
N HIS A 424 6.39 19.29 7.25
CA HIS A 424 6.35 18.17 6.30
C HIS A 424 5.08 17.35 6.50
N ILE A 425 4.78 16.99 7.75
CA ILE A 425 3.64 16.12 8.02
C ILE A 425 2.33 16.82 7.67
N ASN A 426 2.25 18.14 7.86
CA ASN A 426 1.01 18.84 7.57
C ASN A 426 0.80 19.05 6.06
N THR A 427 1.85 19.39 5.32
CA THR A 427 1.69 19.43 3.87
C THR A 427 1.34 18.04 3.34
N LEU A 428 2.00 17.02 3.86
CA LEU A 428 1.62 15.64 3.57
C LEU A 428 0.14 15.42 3.83
N ALA A 429 -0.38 15.99 4.92
CA ALA A 429 -1.79 15.83 5.26
C ALA A 429 -2.69 16.44 4.18
N ARG A 430 -2.54 17.75 3.93
CA ARG A 430 -3.34 18.42 2.92
C ARG A 430 -3.14 17.82 1.54
N GLU A 431 -2.02 17.15 1.31
CA GLU A 431 -1.73 16.54 0.02
C GLU A 431 -2.24 15.10 -0.08
N LEU A 432 -2.28 14.38 1.03
CA LEU A 432 -2.57 12.95 1.01
C LEU A 432 -3.79 12.54 1.81
N LEU A 433 -4.34 13.42 2.63
CA LEU A 433 -5.39 13.03 3.58
C LEU A 433 -6.72 13.71 3.33
N ILE A 434 -6.73 15.00 2.99
CA ILE A 434 -7.96 15.77 2.87
C ILE A 434 -8.30 16.10 1.42
N VAL A 435 -7.60 15.48 0.47
CA VAL A 435 -7.90 15.66 -0.95
C VAL A 435 -9.05 14.72 -1.32
N PRO A 436 -9.89 15.07 -2.28
CA PRO A 436 -10.94 14.14 -2.70
C PRO A 436 -10.33 12.82 -3.19
N GLY A 437 -10.91 11.71 -2.72
CA GLY A 437 -10.41 10.39 -3.12
C GLY A 437 -9.44 9.85 -2.08
N GLN A 438 -9.43 10.46 -0.89
CA GLN A 438 -8.56 10.05 0.25
C GLN A 438 -9.44 9.52 1.39
N VAL A 439 -8.82 9.08 2.49
CA VAL A 439 -9.57 8.41 3.60
C VAL A 439 -10.70 9.31 4.10
N VAL A 440 -10.48 10.61 4.27
CA VAL A 440 -11.58 11.49 4.74
C VAL A 440 -12.70 11.52 3.68
N ASP A 441 -12.34 11.64 2.40
CA ASP A 441 -13.35 11.72 1.30
C ASP A 441 -14.10 10.39 1.15
N ARG A 442 -13.38 9.30 0.88
CA ARG A 442 -14.00 7.96 0.70
C ARG A 442 -14.54 7.29 1.98
N SER A 443 -13.77 7.28 3.07
CA SER A 443 -14.16 6.46 4.25
C SER A 443 -14.73 7.22 5.45
N THR A 444 -14.90 8.55 5.36
CA THR A 444 -15.42 9.29 6.52
C THR A 444 -16.88 9.72 6.29
N GLY A 445 -17.74 9.50 7.30
CA GLY A 445 -19.15 9.91 7.22
C GLY A 445 -19.29 11.42 7.08
N ILE A 446 -18.44 12.18 7.77
CA ILE A 446 -18.51 13.67 7.69
C ILE A 446 -17.89 14.16 6.36
N GLY A 447 -16.81 13.54 5.89
CA GLY A 447 -16.18 13.94 4.65
C GLY A 447 -15.36 15.21 4.75
N ILE A 448 -14.82 15.61 3.60
CA ILE A 448 -14.01 16.83 3.53
C ILE A 448 -14.83 18.03 3.96
N GLU A 449 -16.02 18.20 3.37
CA GLU A 449 -16.88 19.32 3.72
C GLU A 449 -17.15 19.37 5.21
N GLY A 450 -17.54 18.22 5.79
CA GLY A 450 -17.86 18.19 7.21
C GLY A 450 -16.66 18.47 8.10
N PHE A 451 -15.47 18.07 7.66
CA PHE A 451 -14.27 18.44 8.40
C PHE A 451 -14.01 19.94 8.33
N SER A 452 -14.10 20.51 7.13
CA SER A 452 -13.90 21.95 6.99
C SER A 452 -14.97 22.72 7.77
N GLU A 453 -16.21 22.22 7.75
CA GLU A 453 -17.27 22.88 8.50
C GLU A 453 -17.00 22.84 10.00
N LEU A 454 -16.53 21.70 10.50
CA LEU A 454 -16.20 21.59 11.92
C LEU A 454 -15.10 22.56 12.31
N ILE A 455 -14.01 22.58 11.53
CA ILE A 455 -12.89 23.46 11.85
C ILE A 455 -13.34 24.92 11.77
N GLN A 456 -14.08 25.27 10.71
CA GLN A 456 -14.63 26.62 10.61
C GLN A 456 -15.47 26.97 11.83
N ARG A 457 -16.29 26.02 12.32
CA ARG A 457 -17.15 26.30 13.45
C ARG A 457 -16.36 26.41 14.73
N ASN A 458 -15.47 25.43 14.97
CA ASN A 458 -14.65 25.36 16.21
C ASN A 458 -13.68 26.55 16.32
N MET A 459 -13.38 27.23 15.22
CA MET A 459 -12.45 28.40 15.27
C MET A 459 -13.07 29.52 16.12
N LYS A 460 -14.38 29.69 16.01
CA LYS A 460 -15.16 30.71 16.76
C LYS A 460 -15.13 30.43 18.27
N GLN A 461 -15.13 29.16 18.68
CA GLN A 461 -15.10 28.79 20.13
C GLN A 461 -13.67 28.73 20.66
N LEU A 462 -12.66 28.89 19.81
CA LEU A 462 -11.24 28.81 20.27
C LEU A 462 -10.98 29.92 21.30
N ASN A 463 -10.27 29.58 22.38
CA ASN A 463 -9.91 30.57 23.42
C ASN A 463 -8.57 30.18 24.06
N TYR A 464 -7.92 31.15 24.70
CA TYR A 464 -6.59 30.97 25.35
C TYR A 464 -6.71 29.96 26.51
N SER A 465 -7.83 30.01 27.23
CA SER A 465 -8.12 29.15 28.40
C SER A 465 -8.13 27.66 28.03
N LEU A 466 -8.60 27.30 26.82
CA LEU A 466 -8.64 25.86 26.44
C LEU A 466 -7.29 25.38 25.87
N LEU A 467 -6.34 26.29 25.69
CA LEU A 467 -4.98 25.92 25.19
C LEU A 467 -4.01 25.79 26.37
N CYS A 468 -4.38 26.33 27.53
CA CYS A 468 -3.60 26.26 28.76
C CYS A 468 -4.27 25.27 29.70
N LEU A 469 -3.61 24.14 29.95
CA LEU A 469 -4.26 23.05 30.67
C LEU A 469 -4.79 23.48 32.04
N PRO A 470 -4.03 24.21 32.86
CA PRO A 470 -4.58 24.63 34.16
C PRO A 470 -5.95 25.29 34.05
N GLU A 471 -6.10 26.28 33.16
CA GLU A 471 -7.39 26.92 33.01
C GLU A 471 -8.43 25.98 32.42
N ASP A 472 -8.01 25.14 31.48
CA ASP A 472 -8.95 24.22 30.83
C ASP A 472 -9.64 23.33 31.86
N ILE A 473 -8.86 22.61 32.67
CA ILE A 473 -9.46 21.69 33.62
C ILE A 473 -10.29 22.45 34.65
N ARG A 474 -9.92 23.69 34.94
CA ARG A 474 -10.69 24.49 35.89
C ARG A 474 -11.94 25.08 35.26
N THR A 475 -11.85 25.47 33.98
CA THR A 475 -13.02 25.97 33.27
C THR A 475 -14.08 24.88 33.15
N ARG A 476 -13.70 23.68 32.73
CA ARG A 476 -14.65 22.59 32.63
C ARG A 476 -15.04 22.02 33.99
N GLY A 477 -14.42 22.49 35.07
CA GLY A 477 -14.76 22.00 36.39
C GLY A 477 -14.44 20.54 36.60
N VAL A 478 -13.41 20.04 35.94
CA VAL A 478 -13.03 18.63 36.02
C VAL A 478 -11.78 18.47 36.89
N GLU A 479 -11.57 19.39 37.83
CA GLU A 479 -10.37 19.34 38.66
C GLU A 479 -10.48 18.30 39.78
N ASP A 480 -11.69 17.93 40.18
CA ASP A 480 -11.88 17.01 41.29
C ASP A 480 -12.36 15.63 40.86
N ILE A 481 -12.60 15.42 39.58
CA ILE A 481 -13.11 14.12 39.11
C ILE A 481 -12.01 13.07 39.26
N PRO A 482 -12.30 11.92 39.86
CA PRO A 482 -11.26 10.89 39.99
C PRO A 482 -11.12 10.05 38.74
N GLY A 483 -9.96 9.40 38.63
CA GLY A 483 -9.66 8.57 37.48
C GLY A 483 -9.34 9.33 36.21
N TYR A 484 -8.96 10.59 36.33
CA TYR A 484 -8.76 11.48 35.18
C TYR A 484 -7.26 11.61 34.93
N TYR A 485 -6.69 10.57 34.33
CA TYR A 485 -5.22 10.46 34.08
C TYR A 485 -4.72 11.53 33.10
N TYR A 486 -5.51 11.86 32.08
CA TYR A 486 -5.08 12.94 31.19
C TYR A 486 -4.84 14.22 31.97
N ARG A 487 -5.70 14.50 32.96
CA ARG A 487 -5.51 15.68 33.80
C ARG A 487 -4.31 15.50 34.72
N ASP A 488 -4.26 14.36 35.41
CA ASP A 488 -3.18 14.11 36.36
C ASP A 488 -1.81 14.26 35.69
N ASP A 489 -1.61 13.55 34.57
CA ASP A 489 -0.31 13.62 33.91
C ASP A 489 -0.13 14.95 33.21
N GLY A 490 -1.19 15.47 32.57
CA GLY A 490 -1.09 16.76 31.91
C GLY A 490 -0.59 17.85 32.83
N MET A 491 -1.25 18.03 33.97
CA MET A 491 -0.84 19.05 34.92
C MET A 491 0.59 18.84 35.39
N GLN A 492 1.05 17.59 35.45
CA GLN A 492 2.44 17.32 35.80
C GLN A 492 3.39 17.83 34.73
N ILE A 493 3.09 17.51 33.46
CA ILE A 493 3.94 17.93 32.36
C ILE A 493 3.87 19.43 32.16
N TRP A 494 2.67 20.00 32.26
CA TRP A 494 2.54 21.46 32.15
C TRP A 494 3.40 22.16 33.19
N GLY A 495 3.40 21.65 34.43
CA GLY A 495 4.20 22.26 35.47
C GLY A 495 5.69 22.22 35.16
N ALA A 496 6.17 21.10 34.61
CA ALA A 496 7.60 21.00 34.30
C ALA A 496 7.98 21.93 33.16
N VAL A 497 7.14 22.01 32.13
CA VAL A 497 7.46 22.87 31.00
C VAL A 497 7.44 24.34 31.42
N GLU A 498 6.49 24.73 32.27
CA GLU A 498 6.44 26.13 32.68
C GLU A 498 7.63 26.49 33.57
N ARG A 499 7.98 25.62 34.51
CA ARG A 499 9.15 25.89 35.35
C ARG A 499 10.43 25.88 34.55
N PHE A 500 10.46 25.13 33.45
CA PHE A 500 11.61 25.15 32.55
C PHE A 500 11.59 26.38 31.65
N VAL A 501 10.43 26.66 31.05
CA VAL A 501 10.27 27.89 30.26
C VAL A 501 10.60 29.10 31.13
N SER A 502 10.12 29.10 32.37
CA SER A 502 10.38 30.22 33.26
C SER A 502 11.87 30.40 33.53
N GLU A 503 12.65 29.32 33.49
CA GLU A 503 14.08 29.44 33.73
C GLU A 503 14.81 30.02 32.52
N ILE A 504 14.43 29.62 31.31
CA ILE A 504 15.06 30.16 30.12
C ILE A 504 14.69 31.63 29.94
N ILE A 505 13.40 31.93 30.08
CA ILE A 505 12.96 33.33 30.02
C ILE A 505 13.68 34.16 31.08
N GLY A 506 13.93 33.59 32.25
CA GLY A 506 14.60 34.33 33.29
C GLY A 506 16.08 34.56 33.01
N ILE A 507 16.65 33.85 32.04
CA ILE A 507 18.04 34.02 31.71
C ILE A 507 18.23 35.18 30.75
N TYR A 508 17.39 35.27 29.73
CA TYR A 508 17.61 36.15 28.59
C TYR A 508 16.77 37.42 28.63
N TYR A 509 15.77 37.49 29.50
CA TYR A 509 14.97 38.70 29.66
C TYR A 509 15.06 39.13 31.12
N PRO A 510 15.74 40.24 31.44
CA PRO A 510 15.87 40.62 32.85
C PRO A 510 14.64 41.33 33.41
N SER A 511 13.72 41.77 32.57
CA SER A 511 12.64 42.62 33.01
C SER A 511 11.45 42.47 32.07
N ASP A 512 10.34 43.11 32.46
CA ASP A 512 9.16 43.13 31.60
C ASP A 512 9.40 44.01 30.37
N GLU A 513 10.16 45.09 30.51
CA GLU A 513 10.42 45.92 29.34
C GLU A 513 11.36 45.22 28.36
N SER A 514 12.14 44.25 28.82
CA SER A 514 12.92 43.43 27.91
C SER A 514 12.02 42.72 26.91
N VAL A 515 10.87 42.22 27.39
CA VAL A 515 9.94 41.52 26.52
C VAL A 515 9.25 42.51 25.58
N GLN A 516 8.76 43.63 26.12
CA GLN A 516 8.18 44.66 25.28
C GLN A 516 9.18 45.18 24.26
N ASP A 517 10.46 45.26 24.63
CA ASP A 517 11.50 45.79 23.75
C ASP A 517 11.89 44.82 22.64
N ASP A 518 11.65 43.53 22.84
CA ASP A 518 11.98 42.52 21.82
C ASP A 518 11.02 42.66 20.65
N ARG A 519 11.43 43.41 19.63
CA ARG A 519 10.57 43.62 18.48
C ARG A 519 10.31 42.32 17.73
N GLU A 520 11.34 41.49 17.58
CA GLU A 520 11.15 40.20 16.92
C GLU A 520 10.15 39.34 17.67
N LEU A 521 10.20 39.38 19.00
CA LEU A 521 9.23 38.63 19.79
C LEU A 521 7.83 39.14 19.55
N GLN A 522 7.61 40.44 19.71
CA GLN A 522 6.27 40.99 19.52
C GLN A 522 5.76 40.71 18.13
N ALA A 523 6.63 40.79 17.13
CA ALA A 523 6.24 40.43 15.77
C ALA A 523 5.85 38.96 15.69
N TRP A 524 6.61 38.09 16.35
CA TRP A 524 6.30 36.66 16.38
C TRP A 524 4.88 36.41 16.88
N VAL A 525 4.54 36.99 18.04
CA VAL A 525 3.22 36.78 18.61
C VAL A 525 2.15 37.43 17.75
N ARG A 526 2.50 38.52 17.07
CA ARG A 526 1.53 39.21 16.23
C ARG A 526 1.12 38.37 15.04
N GLU A 527 2.07 37.64 14.46
CA GLU A 527 1.75 36.81 13.30
C GLU A 527 0.89 35.62 13.69
N ILE A 528 1.08 35.08 14.90
CA ILE A 528 0.27 33.95 15.34
C ILE A 528 -1.18 34.36 15.53
N PHE A 529 -1.41 35.53 16.15
CA PHE A 529 -2.77 35.98 16.40
C PHE A 529 -3.51 36.29 15.11
N SER A 530 -2.79 36.64 14.05
CA SER A 530 -3.40 36.96 12.75
C SER A 530 -3.56 35.71 11.89
N LYS A 531 -2.45 35.07 11.54
CA LYS A 531 -2.48 33.94 10.62
C LYS A 531 -3.06 32.69 11.24
N GLY A 532 -3.12 32.61 12.57
CA GLY A 532 -3.54 31.39 13.23
C GLY A 532 -4.89 31.47 13.91
N PHE A 533 -5.20 32.63 14.51
CA PHE A 533 -6.46 32.84 15.18
C PHE A 533 -7.34 33.89 14.48
N LEU A 534 -6.84 34.49 13.39
CA LEU A 534 -7.67 35.33 12.53
C LEU A 534 -8.12 36.62 13.22
N ASN A 535 -7.29 37.13 14.14
CA ASN A 535 -7.55 38.40 14.81
C ASN A 535 -8.89 38.36 15.56
N GLN A 536 -9.22 37.21 16.14
CA GLN A 536 -10.48 37.04 16.86
C GLN A 536 -10.31 37.50 18.30
N GLU A 537 -11.07 38.52 18.69
CA GLU A 537 -11.02 39.01 20.06
C GLU A 537 -11.58 37.98 21.04
N SER A 538 -12.56 37.19 20.61
CA SER A 538 -13.11 36.16 21.48
C SER A 538 -12.07 35.10 21.85
N SER A 539 -10.98 35.01 21.10
CA SER A 539 -9.96 33.99 21.37
C SER A 539 -9.21 34.27 22.66
N GLY A 540 -9.06 35.54 23.03
CA GLY A 540 -8.32 35.90 24.22
C GLY A 540 -6.84 35.67 24.05
N ILE A 541 -6.43 35.34 22.83
CA ILE A 541 -5.03 35.06 22.54
C ILE A 541 -4.26 36.39 22.52
N PRO A 542 -3.16 36.51 23.24
CA PRO A 542 -2.39 37.75 23.20
C PRO A 542 -1.93 38.07 21.79
N SER A 543 -2.15 39.33 21.38
CA SER A 543 -1.51 39.89 20.20
C SER A 543 -0.27 40.69 20.56
N SER A 544 0.03 40.78 21.86
CA SER A 544 1.24 41.42 22.35
C SER A 544 1.55 40.79 23.69
N LEU A 545 2.81 40.88 24.10
CA LEU A 545 3.26 40.31 25.37
C LEU A 545 3.98 41.39 26.16
N GLU A 546 3.37 41.82 27.27
CA GLU A 546 3.89 42.90 28.10
C GLU A 546 4.66 42.40 29.31
N THR A 547 4.26 41.28 29.90
CA THR A 547 4.96 40.71 31.04
C THR A 547 5.81 39.53 30.59
N ARG A 548 6.91 39.31 31.30
CA ARG A 548 7.64 38.06 31.08
C ARG A 548 6.99 36.89 31.78
N GLU A 549 6.08 37.14 32.72
CA GLU A 549 5.18 36.10 33.16
C GLU A 549 4.23 35.70 32.04
N ALA A 550 3.75 36.69 31.27
CA ALA A 550 2.86 36.39 30.15
C ALA A 550 3.59 35.69 29.02
N LEU A 551 4.86 36.01 28.80
CA LEU A 551 5.64 35.29 27.79
C LEU A 551 5.90 33.86 28.23
N VAL A 552 6.27 33.65 29.49
CA VAL A 552 6.45 32.30 30.01
C VAL A 552 5.19 31.48 29.81
N GLN A 553 4.03 32.08 30.09
CA GLN A 553 2.77 31.38 29.91
C GLN A 553 2.50 31.11 28.44
N TYR A 554 2.81 32.09 27.57
CA TYR A 554 2.57 31.92 26.15
C TYR A 554 3.47 30.82 25.56
N VAL A 555 4.76 30.88 25.84
CA VAL A 555 5.69 29.91 25.28
C VAL A 555 5.41 28.53 25.85
N THR A 556 5.07 28.44 27.13
CA THR A 556 4.70 27.17 27.72
C THR A 556 3.49 26.57 27.01
N MET A 557 2.47 27.40 26.75
CA MET A 557 1.32 26.95 25.99
C MET A 557 1.76 26.43 24.62
N VAL A 558 2.62 27.18 23.94
CA VAL A 558 3.09 26.76 22.62
C VAL A 558 3.78 25.40 22.71
N ILE A 559 4.73 25.27 23.63
CA ILE A 559 5.45 24.01 23.78
C ILE A 559 4.48 22.87 24.04
N PHE A 560 3.63 23.00 25.06
CA PHE A 560 2.73 21.92 25.44
C PHE A 560 1.90 21.44 24.25
N THR A 561 1.27 22.38 23.55
CA THR A 561 0.40 22.03 22.39
C THR A 561 1.18 21.15 21.41
N CYS A 562 2.41 21.55 21.09
CA CYS A 562 3.29 20.84 20.13
C CYS A 562 3.67 19.43 20.61
N SER A 563 3.89 19.25 21.93
CA SER A 563 4.35 17.92 22.41
C SER A 563 3.28 17.10 23.15
N ALA A 564 2.98 17.46 24.40
CA ALA A 564 2.05 16.68 25.24
C ALA A 564 0.62 16.65 24.70
N LYS A 565 0.09 17.80 24.23
CA LYS A 565 -1.31 17.85 23.73
C LYS A 565 -1.50 16.82 22.62
N HIS A 566 -0.73 16.94 21.54
CA HIS A 566 -0.82 16.04 20.39
C HIS A 566 -0.61 14.60 20.80
N ALA A 567 0.45 14.34 21.57
CA ALA A 567 0.73 12.98 22.01
C ALA A 567 -0.50 12.36 22.68
N ALA A 568 -1.10 13.08 23.62
CA ALA A 568 -2.26 12.54 24.33
C ALA A 568 -3.39 12.17 23.37
N VAL A 569 -3.64 13.02 22.37
CA VAL A 569 -4.74 12.77 21.43
C VAL A 569 -4.32 11.88 20.27
N SER A 570 -3.03 11.60 20.12
CA SER A 570 -2.51 10.87 18.98
C SER A 570 -2.16 9.41 19.30
N ALA A 571 -1.67 9.14 20.52
CA ALA A 571 -1.14 7.82 20.82
C ALA A 571 -2.22 6.75 20.81
N GLY A 572 -3.43 7.10 21.25
CA GLY A 572 -4.50 6.11 21.39
C GLY A 572 -5.51 6.11 20.27
N GLN A 573 -5.05 6.34 19.04
CA GLN A 573 -5.96 6.37 17.89
C GLN A 573 -6.33 4.95 17.45
N PHE A 574 -5.32 4.13 17.15
CA PHE A 574 -5.60 2.74 16.80
C PHE A 574 -6.14 1.96 17.99
N ASP A 575 -5.66 2.28 19.20
CA ASP A 575 -6.14 1.58 20.39
C ASP A 575 -7.64 1.75 20.57
N SER A 576 -8.20 2.85 20.08
CA SER A 576 -9.62 3.13 20.22
C SER A 576 -10.45 2.63 19.04
N CYS A 577 -9.86 2.49 17.85
CA CYS A 577 -10.61 2.14 16.65
C CYS A 577 -10.35 0.72 16.15
N ALA A 578 -9.44 -0.03 16.79
CA ALA A 578 -9.23 -1.42 16.39
C ALA A 578 -10.53 -2.20 16.40
N TRP A 579 -11.25 -2.10 17.52
CA TRP A 579 -12.62 -2.65 17.57
C TRP A 579 -13.48 -1.59 16.86
N MET A 580 -14.00 -1.92 15.68
CA MET A 580 -14.73 -0.93 14.85
C MET A 580 -15.96 -0.40 15.59
N PRO A 581 -16.75 -1.20 16.34
CA PRO A 581 -17.90 -0.67 17.08
C PRO A 581 -17.49 0.42 18.10
N ASN A 582 -16.31 0.27 18.70
CA ASN A 582 -15.80 1.22 19.74
C ASN A 582 -15.58 2.60 19.13
N LEU A 583 -15.03 2.66 17.91
CA LEU A 583 -14.81 3.97 17.23
C LEU A 583 -15.19 3.86 15.74
N PRO A 584 -16.48 3.69 15.38
CA PRO A 584 -16.87 3.54 13.97
C PRO A 584 -16.81 4.97 13.40
N PRO A 585 -16.14 5.30 12.12
CA PRO A 585 -15.87 6.54 11.37
C PRO A 585 -17.06 7.09 10.61
N SER A 586 -18.14 6.32 10.49
CA SER A 586 -19.32 6.74 9.75
C SER A 586 -20.49 5.86 10.13
N MET A 587 -21.69 6.38 9.94
CA MET A 587 -22.93 5.64 10.18
C MET A 587 -23.77 5.66 8.91
N GLN A 588 -24.43 4.54 8.62
CA GLN A 588 -25.15 4.38 7.37
C GLN A 588 -26.66 4.48 7.51
N LEU A 589 -27.17 4.65 8.73
CA LEU A 589 -28.59 4.85 8.93
C LEU A 589 -28.81 6.02 9.87
N PRO A 590 -29.93 6.72 9.77
CA PRO A 590 -30.19 7.83 10.67
C PRO A 590 -30.34 7.34 12.09
N PRO A 591 -30.05 8.17 13.08
CA PRO A 591 -30.28 7.77 14.46
C PRO A 591 -31.73 7.41 14.68
N PRO A 592 -32.02 6.51 15.62
CA PRO A 592 -33.40 6.04 15.79
C PRO A 592 -34.27 7.10 16.45
N THR A 593 -35.50 7.23 15.95
CA THR A 593 -36.46 8.16 16.51
C THR A 593 -37.38 7.51 17.54
N SER A 594 -37.16 6.25 17.88
CA SER A 594 -37.99 5.55 18.84
C SER A 594 -37.20 4.41 19.46
N LYS A 595 -37.54 4.09 20.71
CA LYS A 595 -36.95 2.96 21.39
C LYS A 595 -37.56 1.65 20.89
N GLY A 596 -37.00 0.54 21.36
CA GLY A 596 -37.54 -0.78 21.08
C GLY A 596 -37.48 -1.23 19.65
N LEU A 597 -36.91 -0.44 18.75
CA LEU A 597 -36.79 -0.80 17.34
C LEU A 597 -35.38 -1.22 16.96
N ALA A 598 -34.48 -1.38 17.93
CA ALA A 598 -33.12 -1.79 17.64
C ALA A 598 -33.03 -3.30 17.56
N THR A 599 -32.14 -3.77 16.70
CA THR A 599 -31.89 -5.21 16.55
C THR A 599 -30.42 -5.42 16.23
N CYS A 600 -29.93 -6.62 16.48
CA CYS A 600 -28.58 -6.96 16.07
C CYS A 600 -28.41 -6.73 14.57
N GLU A 601 -29.41 -7.15 13.79
CA GLU A 601 -29.33 -6.97 12.33
C GLU A 601 -29.28 -5.49 11.96
N GLY A 602 -30.03 -4.65 12.68
CA GLY A 602 -29.97 -3.22 12.41
C GLY A 602 -28.72 -2.55 12.96
N PHE A 603 -28.06 -3.19 13.93
CA PHE A 603 -26.80 -2.65 14.43
C PHE A 603 -25.73 -2.73 13.35
N ILE A 604 -25.59 -3.90 12.73
CA ILE A 604 -24.61 -4.05 11.65
C ILE A 604 -24.97 -3.16 10.47
N ALA A 605 -26.27 -3.08 10.13
CA ALA A 605 -26.70 -2.27 9.00
C ALA A 605 -26.27 -0.81 9.16
N THR A 606 -26.41 -0.27 10.37
CA THR A 606 -26.03 1.12 10.61
C THR A 606 -24.52 1.31 10.58
N LEU A 607 -23.75 0.27 10.91
CA LEU A 607 -22.31 0.40 10.98
C LEU A 607 -21.72 0.69 9.59
N PRO A 608 -20.54 1.28 9.55
CA PRO A 608 -19.93 1.67 8.26
C PRO A 608 -19.50 0.44 7.48
N PRO A 609 -19.34 0.58 6.17
CA PRO A 609 -18.95 -0.57 5.34
C PRO A 609 -17.52 -1.02 5.66
N VAL A 610 -17.18 -2.19 5.12
CA VAL A 610 -15.89 -2.81 5.42
C VAL A 610 -14.74 -1.98 4.84
N ASN A 611 -14.84 -1.63 3.55
CA ASN A 611 -13.76 -0.87 2.92
C ASN A 611 -13.57 0.48 3.60
N ALA A 612 -14.65 1.08 4.08
CA ALA A 612 -14.53 2.31 4.86
C ALA A 612 -13.89 2.04 6.21
N THR A 613 -14.24 0.90 6.83
CA THR A 613 -13.68 0.52 8.11
C THR A 613 -12.16 0.35 8.01
N CYS A 614 -11.72 -0.54 7.11
CA CYS A 614 -10.31 -0.88 7.08
C CYS A 614 -9.45 0.28 6.60
N ASP A 615 -10.01 1.19 5.81
CA ASP A 615 -9.23 2.34 5.35
C ASP A 615 -8.92 3.29 6.49
N VAL A 616 -9.85 3.47 7.43
CA VAL A 616 -9.62 4.34 8.57
C VAL A 616 -8.68 3.67 9.57
N ILE A 617 -8.92 2.40 9.86
CA ILE A 617 -8.05 1.67 10.79
C ILE A 617 -6.62 1.63 10.28
N LEU A 618 -6.45 1.44 8.97
CA LEU A 618 -5.11 1.49 8.37
C LEU A 618 -4.47 2.86 8.57
N ALA A 619 -5.25 3.94 8.40
CA ALA A 619 -4.71 5.28 8.56
C ALA A 619 -4.39 5.58 10.02
N LEU A 620 -5.31 5.27 10.92
CA LEU A 620 -5.07 5.54 12.33
C LEU A 620 -3.91 4.68 12.86
N TRP A 621 -3.79 3.46 12.38
CA TRP A 621 -2.65 2.63 12.77
C TRP A 621 -1.34 3.30 12.44
N LEU A 622 -1.24 3.90 11.26
CA LEU A 622 -0.02 4.55 10.82
C LEU A 622 0.19 5.91 11.47
N LEU A 623 -0.84 6.47 12.10
CA LEU A 623 -0.76 7.78 12.73
C LEU A 623 -0.55 7.72 14.24
N SER A 624 -0.71 6.53 14.82
CA SER A 624 -0.69 6.36 16.29
C SER A 624 0.71 6.37 16.90
N LYS A 625 1.76 6.10 16.12
CA LYS A 625 3.11 6.08 16.72
C LYS A 625 4.14 6.74 15.79
N GLU A 626 5.27 7.14 16.37
CA GLU A 626 6.41 7.76 15.66
C GLU A 626 7.14 6.67 14.88
N PRO A 627 7.31 6.79 13.55
CA PRO A 627 7.99 5.76 12.76
C PRO A 627 9.51 5.94 12.77
N GLY A 628 10.14 5.76 13.94
CA GLY A 628 11.60 5.89 14.10
C GLY A 628 12.03 7.35 14.26
N ASP A 629 13.35 7.58 14.34
CA ASP A 629 13.90 8.97 14.44
C ASP A 629 13.20 9.72 15.59
N GLN A 630 13.11 9.09 16.77
CA GLN A 630 12.38 9.69 17.91
C GLN A 630 13.33 10.41 18.87
N ARG A 631 12.97 11.65 19.21
CA ARG A 631 13.70 12.46 20.21
C ARG A 631 12.60 13.01 21.12
N PRO A 632 12.22 12.37 22.42
CA PRO A 632 11.22 12.62 23.47
C PRO A 632 11.24 14.04 23.99
N LEU A 633 10.19 14.44 24.70
CA LEU A 633 10.14 15.77 25.30
C LEU A 633 11.38 16.00 26.16
N GLY A 634 12.06 17.12 25.93
CA GLY A 634 13.22 17.49 26.71
C GLY A 634 14.54 17.00 26.16
N THR A 635 14.54 16.12 25.17
CA THR A 635 15.78 15.64 24.56
C THR A 635 16.14 16.57 23.41
N TYR A 636 17.24 17.30 23.59
CA TYR A 636 17.73 18.28 22.59
C TYR A 636 19.10 17.84 22.08
N PRO A 637 19.16 16.88 21.13
CA PRO A 637 20.43 16.40 20.58
C PRO A 637 21.20 17.54 19.92
N ASP A 638 20.51 18.44 19.21
CA ASP A 638 21.21 19.60 18.58
C ASP A 638 21.52 20.58 19.70
N GLU A 639 22.80 20.93 19.87
CA GLU A 639 23.24 21.84 20.96
C GLU A 639 23.08 23.30 20.53
N HIS A 640 21.84 23.80 20.46
CA HIS A 640 21.60 25.23 20.10
C HIS A 640 22.06 26.10 21.28
N PHE A 641 21.65 25.73 22.50
CA PHE A 641 22.11 26.48 23.67
C PHE A 641 23.53 26.04 24.01
N THR A 642 24.49 26.95 23.84
CA THR A 642 25.88 26.66 24.16
C THR A 642 26.25 27.13 25.55
N GLU A 643 25.73 28.28 25.98
CA GLU A 643 26.03 28.83 27.29
C GLU A 643 25.67 27.82 28.38
N GLU A 644 26.37 27.93 29.52
CA GLU A 644 26.18 26.96 30.59
C GLU A 644 24.82 27.09 31.24
N ALA A 645 24.32 28.32 31.39
CA ALA A 645 23.07 28.54 32.11
C ALA A 645 21.89 27.81 31.46
N PRO A 646 21.63 27.97 30.17
CA PRO A 646 20.51 27.21 29.56
C PRO A 646 20.73 25.71 29.60
N ARG A 647 21.98 25.27 29.52
CA ARG A 647 22.26 23.83 29.56
C ARG A 647 21.88 23.24 30.91
N ARG A 648 22.09 23.99 32.00
CA ARG A 648 21.70 23.48 33.32
C ARG A 648 20.19 23.44 33.48
N SER A 649 19.47 24.36 32.83
CA SER A 649 18.01 24.30 32.88
C SER A 649 17.50 23.09 32.11
N ILE A 650 18.11 22.78 30.97
CA ILE A 650 17.71 21.61 30.19
C ILE A 650 17.88 20.34 31.01
N ALA A 651 19.08 20.14 31.57
CA ALA A 651 19.35 18.94 32.35
C ALA A 651 18.43 18.86 33.56
N THR A 652 18.11 20.01 34.15
CA THR A 652 17.14 20.02 35.25
C THR A 652 15.75 19.68 34.74
N PHE A 653 15.38 20.25 33.59
CA PHE A 653 14.06 19.97 33.01
C PHE A 653 13.94 18.51 32.61
N GLN A 654 15.04 17.87 32.19
CA GLN A 654 14.97 16.47 31.80
C GLN A 654 14.80 15.56 33.00
N SER A 655 15.45 15.89 34.13
CA SER A 655 15.30 15.06 35.33
C SER A 655 13.94 15.24 35.97
N ARG A 656 13.38 16.45 35.90
CA ARG A 656 12.02 16.65 36.40
C ARG A 656 11.00 15.87 35.56
N LEU A 657 11.25 15.73 34.26
CA LEU A 657 10.40 14.91 33.41
C LEU A 657 10.50 13.44 33.79
N ALA A 658 11.72 12.95 34.03
CA ALA A 658 11.92 11.56 34.44
C ALA A 658 11.21 11.26 35.75
N GLN A 659 11.20 12.23 36.68
CA GLN A 659 10.44 12.06 37.91
C GLN A 659 8.95 11.93 37.61
N ILE A 660 8.44 12.75 36.69
CA ILE A 660 7.05 12.61 36.28
C ILE A 660 6.81 11.24 35.68
N SER A 661 7.72 10.79 34.80
CA SER A 661 7.59 9.48 34.18
C SER A 661 7.57 8.35 35.20
N ARG A 662 8.25 8.53 36.33
CA ARG A 662 8.33 7.44 37.32
C ARG A 662 7.05 7.31 38.13
N GLY A 663 6.38 8.44 38.37
CA GLY A 663 5.09 8.44 39.10
C GLY A 663 4.01 7.79 38.26
N ILE A 664 4.04 8.04 36.94
CA ILE A 664 3.07 7.46 35.97
C ILE A 664 3.24 5.94 35.95
N GLN A 665 4.49 5.47 35.96
CA GLN A 665 4.77 4.01 35.96
C GLN A 665 4.23 3.42 37.26
N GLU A 666 4.45 4.11 38.38
CA GLU A 666 3.96 3.65 39.70
C GLU A 666 2.42 3.65 39.71
N ARG A 667 1.80 4.72 39.19
CA ARG A 667 0.32 4.81 39.13
C ARG A 667 -0.22 3.73 38.20
N ASN A 668 0.45 3.51 37.07
CA ASN A 668 -0.01 2.50 36.07
C ASN A 668 0.23 1.08 36.58
N GLN A 669 1.03 0.91 37.62
CA GLN A 669 1.29 -0.43 38.13
C GLN A 669 0.00 -1.11 38.59
N GLY A 670 -0.95 -0.35 39.12
CA GLY A 670 -2.14 -0.94 39.67
C GLY A 670 -3.39 -0.70 38.85
N LEU A 671 -3.25 -0.37 37.58
CA LEU A 671 -4.37 -0.14 36.68
C LEU A 671 -4.43 -1.25 35.64
N VAL A 672 -5.61 -1.85 35.48
CA VAL A 672 -5.80 -2.82 34.41
C VAL A 672 -5.48 -2.19 33.06
N LEU A 673 -6.14 -1.07 32.75
CA LEU A 673 -5.84 -0.35 31.53
C LEU A 673 -4.96 0.86 31.86
N PRO A 674 -3.65 0.72 31.82
CA PRO A 674 -2.78 1.84 32.16
C PRO A 674 -2.92 2.97 31.15
N TYR A 675 -2.77 4.20 31.67
CA TYR A 675 -2.75 5.39 30.82
C TYR A 675 -1.29 5.71 30.54
N THR A 676 -0.87 5.51 29.29
CA THR A 676 0.52 5.68 28.89
C THR A 676 0.72 6.84 27.92
N TYR A 677 -0.34 7.48 27.46
CA TYR A 677 -0.22 8.45 26.39
C TYR A 677 0.54 9.70 26.79
N LEU A 678 0.62 10.01 28.09
CA LEU A 678 1.34 11.19 28.57
C LEU A 678 2.65 10.83 29.27
N ASP A 679 3.23 9.68 28.94
CA ASP A 679 4.52 9.33 29.53
C ASP A 679 5.65 10.08 28.83
N PRO A 680 6.33 10.99 29.52
CA PRO A 680 7.34 11.86 28.88
C PRO A 680 8.26 11.10 27.94
N PRO A 681 8.79 9.96 28.35
CA PRO A 681 9.63 9.17 27.43
C PRO A 681 8.92 8.84 26.12
N LEU A 682 7.59 8.78 26.16
CA LEU A 682 6.77 8.42 24.96
C LEU A 682 6.17 9.68 24.31
N ILE A 683 6.62 10.86 24.73
CA ILE A 683 6.07 12.12 24.15
C ILE A 683 7.14 12.75 23.23
N GLU A 684 6.79 12.98 21.97
CA GLU A 684 7.72 13.59 20.99
C GLU A 684 7.88 15.08 21.27
N ASN A 685 9.05 15.63 20.93
CA ASN A 685 9.36 17.08 21.13
C ASN A 685 8.41 17.92 20.28
N SER A 686 8.10 17.46 19.07
CA SER A 686 7.25 18.21 18.10
C SER A 686 6.20 17.29 17.46
N VAL A 687 5.23 17.89 16.78
CA VAL A 687 4.18 17.14 16.04
C VAL A 687 4.79 16.70 14.69
N SER A 688 5.06 15.41 14.54
CA SER A 688 5.67 14.87 13.33
C SER A 688 4.93 13.64 12.79
N ILE A 689 3.81 13.25 13.40
CA ILE A 689 3.00 12.15 12.90
C ILE A 689 1.52 12.46 13.19
N HIS B 20 -29.90 -55.38 11.28
CA HIS B 20 -29.22 -55.02 10.04
C HIS B 20 -28.14 -53.97 10.27
N MET B 21 -27.58 -53.95 11.49
CA MET B 21 -26.56 -52.94 11.87
C MET B 21 -25.27 -53.12 11.06
N ALA B 22 -24.62 -52.01 10.72
CA ALA B 22 -23.34 -52.00 9.95
C ALA B 22 -22.33 -51.07 10.64
N GLU B 23 -21.04 -51.34 10.48
CA GLU B 23 -19.99 -50.49 11.11
C GLU B 23 -18.81 -50.29 10.15
N PHE B 24 -18.23 -49.09 10.13
CA PHE B 24 -17.06 -48.77 9.26
C PHE B 24 -16.02 -47.96 10.06
N ARG B 25 -14.76 -48.01 9.63
CA ARG B 25 -13.68 -47.20 10.26
C ARG B 25 -13.50 -45.96 9.38
N VAL B 26 -13.60 -44.77 9.97
CA VAL B 26 -13.54 -43.52 9.21
C VAL B 26 -12.20 -42.85 9.48
N ARG B 27 -11.41 -42.66 8.42
CA ARG B 27 -10.13 -41.97 8.50
C ARG B 27 -10.27 -40.61 7.82
N VAL B 28 -9.85 -39.55 8.52
CA VAL B 28 -10.00 -38.19 8.03
C VAL B 28 -8.65 -37.50 8.11
N SER B 29 -8.29 -36.76 7.05
CA SER B 29 -7.01 -36.07 6.96
C SER B 29 -7.28 -34.59 6.71
N THR B 30 -7.01 -33.77 7.72
CA THR B 30 -7.16 -32.29 7.62
C THR B 30 -5.91 -31.71 6.96
N GLY B 31 -6.00 -30.45 6.50
CA GLY B 31 -4.88 -29.78 5.80
C GLY B 31 -3.70 -29.43 6.70
N GLU B 32 -2.52 -29.25 6.10
CA GLU B 32 -1.29 -28.86 6.82
C GLU B 32 -1.13 -27.34 6.78
N ALA B 33 -2.06 -26.65 6.09
CA ALA B 33 -2.03 -25.18 5.94
C ALA B 33 -2.43 -24.48 7.24
N PHE B 34 -2.08 -23.19 7.36
CA PHE B 34 -2.41 -22.46 8.62
C PHE B 34 -3.92 -22.52 8.84
N GLY B 35 -4.33 -22.82 10.07
CA GLY B 35 -5.76 -22.92 10.41
C GLY B 35 -6.53 -23.88 9.52
N ALA B 36 -6.05 -25.10 9.32
CA ALA B 36 -6.83 -26.05 8.50
C ALA B 36 -7.79 -26.85 9.40
N GLY B 37 -7.59 -26.76 10.71
CA GLY B 37 -8.43 -27.44 11.68
C GLY B 37 -9.46 -26.53 12.33
N THR B 38 -10.50 -27.15 12.87
CA THR B 38 -11.59 -26.44 13.53
C THR B 38 -11.80 -27.01 14.92
N TRP B 39 -12.80 -26.49 15.61
CA TRP B 39 -13.25 -27.02 16.90
C TRP B 39 -14.72 -27.40 16.87
N ASP B 40 -15.36 -27.36 15.71
CA ASP B 40 -16.77 -27.70 15.57
C ASP B 40 -16.95 -29.22 15.49
N LYS B 41 -18.17 -29.66 15.81
CA LYS B 41 -18.50 -31.07 15.69
C LYS B 41 -18.84 -31.41 14.24
N VAL B 42 -18.58 -32.65 13.86
CA VAL B 42 -18.74 -33.10 12.48
C VAL B 42 -19.52 -34.41 12.46
N SER B 43 -20.58 -34.46 11.68
CA SER B 43 -21.36 -35.66 11.45
C SER B 43 -21.17 -36.12 10.02
N VAL B 44 -21.52 -37.38 9.76
CA VAL B 44 -21.35 -37.97 8.44
C VAL B 44 -22.50 -38.93 8.16
N SER B 45 -23.14 -38.74 7.02
CA SER B 45 -24.15 -39.66 6.51
C SER B 45 -23.55 -40.50 5.40
N ILE B 46 -24.09 -41.71 5.24
CA ILE B 46 -23.62 -42.65 4.22
C ILE B 46 -24.80 -43.08 3.38
N VAL B 47 -24.73 -42.81 2.07
CA VAL B 47 -25.77 -43.18 1.13
C VAL B 47 -25.34 -44.44 0.39
N GLY B 48 -26.19 -45.47 0.43
CA GLY B 48 -25.90 -46.72 -0.23
C GLY B 48 -26.89 -47.06 -1.33
N THR B 49 -26.74 -48.24 -1.93
CA THR B 49 -27.66 -48.65 -2.98
C THR B 49 -29.05 -48.95 -2.42
N ARG B 50 -29.14 -49.33 -1.15
CA ARG B 50 -30.43 -49.66 -0.56
C ARG B 50 -31.13 -48.39 -0.06
N GLY B 51 -30.45 -47.59 0.73
CA GLY B 51 -31.05 -46.39 1.28
C GLY B 51 -30.05 -45.34 1.71
N GLU B 52 -30.34 -44.65 2.81
CA GLU B 52 -29.50 -43.57 3.31
C GLU B 52 -29.35 -43.72 4.82
N SER B 53 -28.15 -43.42 5.32
CA SER B 53 -27.85 -43.51 6.74
C SER B 53 -28.23 -42.23 7.46
N PRO B 54 -28.63 -42.33 8.74
CA PRO B 54 -28.89 -41.11 9.51
C PRO B 54 -27.58 -40.42 9.84
N PRO B 55 -27.61 -39.10 10.05
CA PRO B 55 -26.38 -38.39 10.41
C PRO B 55 -25.71 -39.02 11.62
N LEU B 56 -24.40 -39.21 11.52
CA LEU B 56 -23.64 -39.90 12.55
C LEU B 56 -22.53 -39.01 13.08
N PRO B 57 -22.59 -38.57 14.34
CA PRO B 57 -21.53 -37.71 14.87
C PRO B 57 -20.19 -38.45 14.94
N LEU B 58 -19.12 -37.71 14.71
CA LEU B 58 -17.79 -38.31 14.75
C LEU B 58 -17.14 -38.22 16.13
N THR B 66 -7.28 -30.33 15.05
CA THR B 66 -6.17 -29.57 14.42
C THR B 66 -5.74 -30.06 13.02
N ALA B 67 -4.96 -29.21 12.36
CA ALA B 67 -4.47 -29.39 11.00
C ALA B 67 -3.44 -30.52 10.97
N GLY B 68 -3.29 -31.12 9.78
CA GLY B 68 -2.36 -32.23 9.55
C GLY B 68 -2.76 -33.48 10.31
N ALA B 69 -3.84 -33.42 11.09
CA ALA B 69 -4.31 -34.58 11.88
C ALA B 69 -4.79 -35.70 10.95
N GLU B 70 -4.40 -36.95 11.26
CA GLU B 70 -4.79 -38.13 10.45
C GLU B 70 -5.45 -39.19 11.35
N GLU B 71 -6.19 -38.74 12.38
CA GLU B 71 -6.85 -39.66 13.35
C GLU B 71 -8.04 -40.38 12.70
N ASP B 72 -8.40 -41.56 13.23
CA ASP B 72 -9.51 -42.38 12.71
C ASP B 72 -10.76 -42.18 13.59
N PHE B 73 -11.87 -42.82 13.21
CA PHE B 73 -13.12 -42.72 13.94
C PHE B 73 -13.85 -44.06 13.84
N GLN B 74 -14.80 -44.26 14.74
CA GLN B 74 -15.66 -45.42 14.74
C GLN B 74 -17.11 -45.00 14.54
N VAL B 75 -17.86 -45.77 13.77
CA VAL B 75 -19.24 -45.44 13.46
C VAL B 75 -20.00 -46.73 13.19
N THR B 76 -21.26 -46.76 13.61
CA THR B 76 -22.14 -47.91 13.44
C THR B 76 -23.39 -47.46 12.69
N LEU B 77 -23.55 -47.92 11.45
CA LEU B 77 -24.77 -47.66 10.71
C LEU B 77 -25.92 -48.42 11.36
N PRO B 78 -27.05 -47.76 11.62
CA PRO B 78 -28.21 -48.50 12.15
C PRO B 78 -28.74 -49.52 11.16
N GLU B 79 -28.42 -49.38 9.87
CA GLU B 79 -28.87 -50.30 8.83
C GLU B 79 -27.85 -50.29 7.71
N ASP B 80 -27.70 -51.44 7.04
CA ASP B 80 -26.77 -51.56 5.93
C ASP B 80 -27.40 -50.97 4.68
N VAL B 81 -26.68 -50.07 4.02
CA VAL B 81 -27.21 -49.35 2.87
C VAL B 81 -26.70 -49.99 1.59
N GLY B 82 -26.14 -51.19 1.71
CA GLY B 82 -25.63 -51.86 0.53
C GLY B 82 -24.34 -51.23 0.04
N ARG B 83 -24.16 -51.28 -1.29
CA ARG B 83 -22.96 -50.72 -1.90
C ARG B 83 -22.88 -49.23 -1.59
N VAL B 84 -21.66 -48.77 -1.30
CA VAL B 84 -21.45 -47.37 -0.89
C VAL B 84 -21.45 -46.48 -2.13
N LEU B 85 -22.31 -45.48 -2.14
CA LEU B 85 -22.46 -44.59 -3.28
C LEU B 85 -21.96 -43.18 -3.01
N LEU B 86 -22.42 -42.54 -1.94
CA LEU B 86 -22.03 -41.18 -1.62
C LEU B 86 -21.61 -41.08 -0.16
N LEU B 87 -20.78 -40.07 0.12
CA LEU B 87 -20.37 -39.75 1.49
C LEU B 87 -20.72 -38.28 1.74
N ARG B 88 -21.70 -38.05 2.61
CA ARG B 88 -22.08 -36.71 3.04
C ARG B 88 -21.36 -36.36 4.34
N VAL B 89 -20.81 -35.15 4.39
CA VAL B 89 -20.05 -34.67 5.54
C VAL B 89 -20.65 -33.35 5.98
N HIS B 90 -21.45 -33.38 7.03
CA HIS B 90 -22.07 -32.18 7.58
C HIS B 90 -21.12 -31.49 8.54
N LYS B 91 -21.25 -30.17 8.65
CA LYS B 91 -20.45 -29.38 9.56
C LYS B 91 -21.35 -28.66 10.54
N ALA B 92 -20.78 -28.33 11.70
CA ALA B 92 -21.56 -27.78 12.80
C ALA B 92 -22.19 -26.44 12.41
N ALA B 99 -12.84 -21.86 9.57
CA ALA B 99 -13.27 -22.86 8.57
C ALA B 99 -12.44 -24.15 8.75
N TRP B 100 -12.75 -25.17 7.95
CA TRP B 100 -12.06 -26.45 8.05
C TRP B 100 -11.70 -26.92 6.65
N PHE B 101 -10.42 -27.25 6.44
CA PHE B 101 -9.94 -27.72 5.15
C PHE B 101 -9.73 -29.23 5.22
N CYS B 102 -10.64 -29.98 4.60
CA CYS B 102 -10.53 -31.42 4.54
C CYS B 102 -9.73 -31.85 3.32
N ARG B 103 -8.85 -32.84 3.49
CA ARG B 103 -8.10 -33.39 2.38
C ARG B 103 -8.82 -34.59 1.76
N TRP B 104 -9.00 -35.66 2.54
CA TRP B 104 -9.63 -36.87 2.03
C TRP B 104 -10.25 -37.65 3.18
N PHE B 105 -11.31 -38.39 2.87
CA PHE B 105 -11.96 -39.33 3.76
C PHE B 105 -11.63 -40.76 3.35
N GLN B 106 -11.74 -41.68 4.30
CA GLN B 106 -11.51 -43.09 4.01
C GLN B 106 -12.43 -43.92 4.89
N LEU B 107 -13.40 -44.62 4.28
CA LEU B 107 -14.28 -45.47 5.11
C LEU B 107 -13.89 -46.94 4.89
N THR B 108 -14.11 -47.80 5.89
CA THR B 108 -13.72 -49.23 5.73
C THR B 108 -14.93 -50.14 5.99
N PRO B 109 -15.39 -50.92 5.00
CA PRO B 109 -16.51 -51.84 5.15
C PRO B 109 -16.07 -53.17 5.78
N PRO B 110 -16.99 -54.11 6.06
CA PRO B 110 -16.66 -55.40 6.68
C PRO B 110 -15.86 -56.33 5.75
N GLY B 113 -11.21 -54.31 2.70
CA GLY B 113 -11.57 -53.41 1.59
C GLY B 113 -11.45 -51.96 2.00
N HIS B 114 -11.11 -51.08 1.06
CA HIS B 114 -10.97 -49.63 1.36
C HIS B 114 -11.59 -48.79 0.25
N LEU B 115 -12.22 -47.68 0.61
CA LEU B 115 -12.82 -46.75 -0.38
C LEU B 115 -12.44 -45.33 0.01
N LEU B 116 -11.59 -44.70 -0.82
CA LEU B 116 -11.07 -43.36 -0.58
C LEU B 116 -12.03 -42.33 -1.16
N PHE B 117 -12.29 -41.28 -0.38
CA PHE B 117 -13.15 -40.17 -0.81
C PHE B 117 -12.32 -38.89 -0.79
N PRO B 118 -11.60 -38.59 -1.88
CA PRO B 118 -10.78 -37.36 -1.91
C PRO B 118 -11.68 -36.13 -1.87
N CYS B 119 -11.30 -35.17 -1.04
CA CYS B 119 -12.06 -33.95 -0.87
C CYS B 119 -11.27 -32.74 -1.34
N TYR B 120 -10.30 -32.30 -0.52
CA TYR B 120 -9.44 -31.17 -0.88
C TYR B 120 -10.24 -29.89 -1.06
N GLN B 121 -11.24 -29.69 -0.21
CA GLN B 121 -12.07 -28.50 -0.22
C GLN B 121 -12.08 -27.87 1.18
N TRP B 122 -12.76 -26.74 1.30
CA TRP B 122 -12.95 -26.05 2.57
C TRP B 122 -14.39 -26.21 3.03
N LEU B 123 -14.57 -26.12 4.35
CA LEU B 123 -15.91 -26.15 5.00
C LEU B 123 -15.99 -24.91 5.89
N GLU B 124 -16.84 -23.95 5.54
CA GLU B 124 -16.98 -22.69 6.32
C GLU B 124 -18.36 -22.66 6.98
N GLY B 125 -18.39 -22.42 8.30
CA GLY B 125 -19.65 -22.35 9.06
C GLY B 125 -20.42 -23.66 8.98
N ALA B 126 -21.70 -23.58 8.60
CA ALA B 126 -22.54 -24.80 8.49
C ALA B 126 -22.74 -25.14 7.01
N GLY B 127 -22.41 -26.37 6.62
CA GLY B 127 -22.54 -26.80 5.21
C GLY B 127 -22.17 -28.25 5.03
N THR B 128 -22.94 -28.97 4.20
CA THR B 128 -22.68 -30.38 3.92
C THR B 128 -22.00 -30.54 2.57
N LEU B 129 -21.14 -31.55 2.48
CA LEU B 129 -20.37 -31.82 1.27
C LEU B 129 -20.57 -33.27 0.87
N VAL B 130 -21.01 -33.50 -0.36
CA VAL B 130 -21.25 -34.84 -0.89
C VAL B 130 -20.06 -35.25 -1.73
N LEU B 131 -19.55 -36.47 -1.51
CA LEU B 131 -18.35 -36.96 -2.16
C LEU B 131 -18.60 -38.35 -2.72
N GLN B 132 -18.27 -38.54 -3.99
CA GLN B 132 -18.24 -39.86 -4.59
C GLN B 132 -16.87 -40.50 -4.36
N GLU B 133 -16.78 -41.79 -4.68
CA GLU B 133 -15.51 -42.48 -4.48
C GLU B 133 -14.45 -41.93 -5.43
N GLY B 134 -13.19 -42.11 -5.03
CA GLY B 134 -12.10 -41.50 -5.78
C GLY B 134 -11.96 -42.01 -7.20
N THR B 135 -12.39 -43.25 -7.45
CA THR B 135 -12.28 -43.80 -8.80
C THR B 135 -13.01 -42.89 -9.79
N ALA B 136 -12.26 -42.24 -10.69
CA ALA B 136 -12.84 -41.32 -11.64
C ALA B 136 -14.00 -41.99 -12.38
N LYS B 137 -15.00 -41.19 -12.75
CA LYS B 137 -16.23 -41.74 -13.31
C LYS B 137 -16.79 -40.75 -14.33
N VAL B 138 -16.94 -41.21 -15.58
CA VAL B 138 -17.63 -40.41 -16.62
C VAL B 138 -19.15 -40.61 -16.41
N SER B 139 -20.00 -39.76 -17.00
CA SER B 139 -21.45 -39.90 -16.75
C SER B 139 -21.95 -41.29 -17.20
N TRP B 140 -21.48 -41.79 -18.34
CA TRP B 140 -21.88 -43.13 -18.85
C TRP B 140 -21.25 -44.28 -18.03
N ALA B 141 -20.20 -44.01 -17.26
CA ALA B 141 -19.51 -45.08 -16.50
C ALA B 141 -20.43 -45.72 -15.46
N ASP B 142 -21.18 -44.92 -14.70
CA ASP B 142 -22.11 -45.50 -13.69
C ASP B 142 -23.51 -44.92 -13.94
N HIS B 143 -24.50 -45.78 -14.17
CA HIS B 143 -25.87 -45.30 -14.48
C HIS B 143 -26.83 -45.38 -13.27
N HIS B 144 -26.37 -45.87 -12.11
CA HIS B 144 -27.27 -45.89 -10.92
C HIS B 144 -27.69 -44.43 -10.70
N PRO B 145 -29.11 -43.99 -10.56
CA PRO B 145 -29.80 -42.70 -10.51
C PRO B 145 -29.35 -41.80 -9.37
N VAL B 146 -28.89 -42.37 -8.27
CA VAL B 146 -28.45 -41.54 -7.15
C VAL B 146 -27.18 -40.78 -7.53
N LEU B 147 -26.34 -41.37 -8.37
CA LEU B 147 -25.09 -40.72 -8.76
C LEU B 147 -25.29 -39.70 -9.86
N GLN B 148 -26.16 -40.00 -10.82
CA GLN B 148 -26.45 -39.02 -11.87
C GLN B 148 -27.08 -37.78 -11.28
N GLN B 149 -28.06 -37.97 -10.39
CA GLN B 149 -28.70 -36.84 -9.74
C GLN B 149 -27.69 -36.04 -8.92
N GLN B 150 -26.66 -36.69 -8.38
CA GLN B 150 -25.67 -36.00 -7.58
C GLN B 150 -24.73 -35.18 -8.45
N ARG B 151 -24.32 -35.73 -9.60
CA ARG B 151 -23.50 -34.96 -10.54
C ARG B 151 -24.18 -33.64 -10.88
N GLN B 152 -25.44 -33.71 -11.31
CA GLN B 152 -26.15 -32.51 -11.72
C GLN B 152 -26.28 -31.53 -10.56
N GLU B 153 -26.67 -32.02 -9.39
CA GLU B 153 -26.82 -31.13 -8.24
C GLU B 153 -25.55 -30.34 -7.98
N GLU B 154 -24.40 -31.03 -7.93
CA GLU B 154 -23.14 -30.32 -7.73
C GLU B 154 -22.90 -29.31 -8.86
N LEU B 155 -23.24 -29.67 -10.09
CA LEU B 155 -23.04 -28.75 -11.20
C LEU B 155 -24.05 -27.60 -11.16
N GLN B 156 -25.30 -27.90 -10.79
CA GLN B 156 -26.27 -26.83 -10.63
C GLN B 156 -25.82 -25.85 -9.56
N ALA B 157 -25.05 -26.32 -8.57
CA ALA B 157 -24.54 -25.44 -7.54
C ALA B 157 -23.32 -24.67 -8.02
N ARG B 158 -22.33 -25.38 -8.59
CA ARG B 158 -21.13 -24.71 -9.09
C ARG B 158 -21.47 -23.62 -10.10
N GLN B 159 -22.60 -23.77 -10.82
CA GLN B 159 -22.96 -22.79 -11.82
C GLN B 159 -23.60 -21.55 -11.20
N GLU B 160 -24.33 -21.72 -10.09
CA GLU B 160 -24.78 -20.58 -9.32
C GLU B 160 -23.68 -20.00 -8.46
N MET B 161 -22.61 -20.76 -8.20
CA MET B 161 -21.49 -20.32 -7.39
C MET B 161 -20.45 -19.58 -8.23
N TYR B 162 -20.25 -19.99 -9.48
CA TYR B 162 -19.28 -19.39 -10.38
C TYR B 162 -20.02 -18.97 -11.65
N GLN B 163 -20.38 -17.69 -11.74
CA GLN B 163 -21.15 -17.18 -12.91
C GLN B 163 -20.29 -16.29 -13.80
N TRP B 164 -20.60 -16.29 -15.10
CA TRP B 164 -19.88 -15.47 -16.11
C TRP B 164 -20.37 -14.03 -16.08
N LYS B 165 -19.53 -13.10 -16.54
CA LYS B 165 -19.94 -11.67 -16.67
C LYS B 165 -19.27 -11.11 -17.94
N ALA B 166 -19.93 -10.16 -18.60
CA ALA B 166 -19.34 -9.53 -19.80
C ALA B 166 -18.48 -8.36 -19.32
N TYR B 167 -17.26 -8.68 -18.88
CA TYR B 167 -16.33 -7.64 -18.35
C TYR B 167 -16.22 -6.47 -19.33
N ASN B 168 -16.05 -6.75 -20.62
CA ASN B 168 -15.91 -5.65 -21.56
C ASN B 168 -16.32 -6.15 -22.93
N PRO B 169 -17.01 -5.33 -23.74
CA PRO B 169 -17.27 -5.73 -25.12
C PRO B 169 -16.00 -6.19 -25.83
N GLY B 170 -16.10 -7.32 -26.54
CA GLY B 170 -14.99 -7.88 -27.27
C GLY B 170 -13.98 -8.65 -26.45
N TRP B 171 -14.16 -8.74 -25.15
CA TRP B 171 -13.27 -9.48 -24.27
C TRP B 171 -13.84 -10.87 -24.01
N PRO B 172 -12.99 -11.81 -23.58
CA PRO B 172 -13.53 -13.05 -23.03
C PRO B 172 -14.31 -12.77 -21.77
N HIS B 173 -15.39 -13.52 -21.56
CA HIS B 173 -16.09 -13.44 -20.28
C HIS B 173 -15.16 -13.89 -19.16
N CYS B 174 -15.45 -13.43 -17.95
CA CYS B 174 -14.60 -13.71 -16.81
C CYS B 174 -15.47 -14.06 -15.62
N LEU B 175 -14.82 -14.27 -14.47
CA LEU B 175 -15.56 -14.53 -13.24
C LEU B 175 -16.31 -13.28 -12.81
N ASP B 176 -17.58 -13.45 -12.45
CA ASP B 176 -18.49 -12.34 -12.13
C ASP B 176 -18.41 -12.01 -10.64
N GLU B 177 -17.20 -11.69 -10.21
CA GLU B 177 -16.96 -11.22 -8.85
C GLU B 177 -16.08 -10.00 -8.91
N LYS B 178 -16.30 -9.08 -7.95
CA LYS B 178 -15.60 -7.80 -7.93
C LYS B 178 -14.37 -7.79 -7.04
N THR B 179 -14.41 -8.46 -5.88
CA THR B 179 -13.32 -8.39 -4.93
C THR B 179 -12.87 -9.79 -4.54
N VAL B 180 -11.59 -9.92 -4.21
CA VAL B 180 -11.10 -11.18 -3.67
C VAL B 180 -11.79 -11.52 -2.36
N GLU B 181 -12.46 -10.55 -1.74
CA GLU B 181 -13.33 -10.80 -0.61
C GLU B 181 -14.64 -11.46 -1.01
N ASP B 182 -14.93 -11.51 -2.30
CA ASP B 182 -16.10 -12.18 -2.84
C ASP B 182 -15.81 -13.61 -3.29
N LEU B 183 -14.54 -14.01 -3.18
CA LEU B 183 -14.14 -15.36 -3.65
C LEU B 183 -14.39 -16.40 -2.56
N GLU B 184 -14.64 -17.64 -2.96
CA GLU B 184 -14.85 -18.75 -2.01
C GLU B 184 -13.49 -19.20 -1.49
N LEU B 185 -13.44 -19.88 -0.34
CA LEU B 185 -12.18 -20.34 0.28
C LEU B 185 -11.45 -21.32 -0.66
N ASN B 186 -12.20 -22.17 -1.37
CA ASN B 186 -11.62 -23.19 -2.29
C ASN B 186 -10.80 -22.53 -3.39
N ILE B 187 -11.25 -21.43 -3.97
CA ILE B 187 -10.48 -20.76 -5.07
C ILE B 187 -9.65 -19.59 -4.53
N LYS B 188 -9.77 -19.27 -3.24
CA LYS B 188 -9.02 -18.12 -2.65
C LYS B 188 -7.53 -18.43 -2.49
N TYR B 189 -6.71 -17.38 -2.51
CA TYR B 189 -5.23 -17.47 -2.36
C TYR B 189 -4.93 -18.00 -0.96
N SER B 190 -3.89 -18.82 -0.83
CA SER B 190 -3.51 -19.38 0.49
C SER B 190 -3.08 -18.25 1.42
N THR B 191 -3.46 -18.32 2.70
CA THR B 191 -3.09 -17.29 3.69
C THR B 191 -1.57 -17.08 3.67
N ALA B 192 -0.80 -18.17 3.65
CA ALA B 192 0.67 -18.09 3.63
C ALA B 192 1.13 -17.39 2.35
N LYS B 193 0.66 -17.84 1.19
CA LYS B 193 1.06 -17.24 -0.08
C LYS B 193 0.69 -15.77 -0.13
N ASN B 194 -0.50 -15.43 0.35
CA ASN B 194 -0.91 -14.03 0.38
C ASN B 194 0.06 -13.19 1.21
N ALA B 195 0.40 -13.68 2.41
CA ALA B 195 1.35 -12.97 3.26
C ALA B 195 2.68 -12.74 2.56
N ASN B 196 3.14 -13.73 1.79
CA ASN B 196 4.36 -13.55 1.03
C ASN B 196 4.24 -12.41 0.04
N PHE B 197 3.08 -12.28 -0.61
CA PHE B 197 2.94 -11.31 -1.70
C PHE B 197 2.87 -9.89 -1.16
N TYR B 198 2.01 -9.65 -0.16
CA TYR B 198 1.90 -8.30 0.38
C TYR B 198 3.05 -7.95 1.32
N LEU B 199 3.81 -8.94 1.78
CA LEU B 199 5.03 -8.63 2.53
C LEU B 199 6.16 -8.17 1.61
N GLN B 200 6.21 -8.71 0.39
CA GLN B 200 7.23 -8.31 -0.57
C GLN B 200 6.88 -6.99 -1.26
N ALA B 201 5.62 -6.81 -1.65
CA ALA B 201 5.23 -5.56 -2.29
C ALA B 201 5.41 -4.37 -1.35
N GLY B 202 5.25 -4.59 -0.04
CA GLY B 202 5.47 -3.52 0.90
C GLY B 202 6.90 -3.04 0.92
N SER B 203 7.84 -3.98 1.03
CA SER B 203 9.25 -3.60 1.07
C SER B 203 9.74 -3.10 -0.28
N ALA B 204 9.25 -3.71 -1.36
CA ALA B 204 9.68 -3.29 -2.70
C ALA B 204 9.18 -1.88 -3.01
N PHE B 205 7.93 -1.58 -2.66
CA PHE B 205 7.43 -0.22 -2.79
C PHE B 205 8.17 0.73 -1.84
N ALA B 206 8.33 0.30 -0.58
CA ALA B 206 9.02 1.14 0.40
C ALA B 206 10.44 1.47 -0.04
N GLU B 207 11.15 0.50 -0.63
CA GLU B 207 12.50 0.76 -1.09
C GLU B 207 12.53 1.85 -2.15
N MET B 208 11.60 1.80 -3.11
CA MET B 208 11.66 2.73 -4.23
C MET B 208 11.14 4.12 -3.84
N LYS B 209 10.07 4.19 -3.05
CA LYS B 209 9.57 5.51 -2.66
C LYS B 209 10.59 6.26 -1.81
N ILE B 210 11.33 5.54 -0.97
CA ILE B 210 12.33 6.17 -0.12
C ILE B 210 13.42 6.81 -0.97
N LYS B 211 13.72 6.22 -2.12
CA LYS B 211 14.78 6.69 -3.01
C LYS B 211 14.28 7.76 -3.98
N GLY B 212 13.10 8.33 -3.75
CA GLY B 212 12.54 9.35 -4.62
C GLY B 212 12.15 8.89 -6.00
N LEU B 213 12.45 7.64 -6.38
CA LEU B 213 12.18 7.19 -7.74
C LEU B 213 10.70 7.15 -8.08
N LEU B 214 9.82 7.02 -7.09
CA LEU B 214 8.38 6.99 -7.34
C LEU B 214 7.74 8.36 -7.33
N ASP B 215 8.51 9.42 -7.10
CA ASP B 215 7.98 10.78 -7.07
C ASP B 215 8.74 11.75 -7.96
N ARG B 216 9.58 11.24 -8.87
CA ARG B 216 10.23 12.06 -9.88
C ARG B 216 9.36 12.02 -11.15
N LYS B 217 8.68 13.13 -11.44
CA LYS B 217 7.78 13.23 -12.57
C LYS B 217 8.49 13.72 -13.83
N GLY B 218 9.81 13.90 -13.79
CA GLY B 218 10.58 14.35 -14.93
C GLY B 218 11.41 13.23 -15.54
N LEU B 219 12.26 13.64 -16.49
CA LEU B 219 13.08 12.70 -17.24
C LEU B 219 14.25 12.20 -16.38
N TRP B 220 14.86 11.11 -16.85
CA TRP B 220 16.08 10.62 -16.22
C TRP B 220 17.23 11.58 -16.47
N ARG B 221 18.06 11.77 -15.45
CA ARG B 221 19.22 12.63 -15.60
C ARG B 221 20.13 12.16 -16.73
N SER B 222 20.14 10.86 -17.00
CA SER B 222 21.04 10.29 -17.99
C SER B 222 20.74 8.81 -18.14
N LEU B 223 21.23 8.23 -19.24
CA LEU B 223 21.29 6.78 -19.33
C LEU B 223 22.05 6.21 -18.14
N ASN B 224 23.10 6.92 -17.70
CA ASN B 224 23.90 6.44 -16.59
C ASN B 224 23.08 6.31 -15.31
N GLU B 225 22.08 7.17 -15.13
CA GLU B 225 21.27 7.12 -13.92
C GLU B 225 20.30 5.95 -13.91
N MET B 226 19.92 5.42 -15.08
CA MET B 226 19.01 4.29 -15.12
C MET B 226 19.61 3.03 -14.49
N LYS B 227 20.91 3.02 -14.20
CA LYS B 227 21.51 1.90 -13.51
C LYS B 227 21.06 1.81 -12.06
N ARG B 228 20.52 2.90 -11.50
CA ARG B 228 20.06 2.86 -10.11
C ARG B 228 19.03 1.77 -9.89
N ILE B 229 18.29 1.39 -10.94
CA ILE B 229 17.29 0.34 -10.80
C ILE B 229 17.92 -0.94 -10.27
N PHE B 230 19.16 -1.23 -10.66
CA PHE B 230 19.83 -2.43 -10.18
C PHE B 230 20.17 -2.38 -8.70
N ASN B 231 20.13 -1.19 -8.08
CA ASN B 231 20.21 -1.12 -6.63
C ASN B 231 18.93 -1.57 -5.96
N PHE B 232 17.83 -1.64 -6.73
CA PHE B 232 16.56 -2.16 -6.21
C PHE B 232 16.55 -3.68 -6.21
N ARG B 233 16.55 -4.28 -7.40
CA ARG B 233 16.64 -5.72 -7.54
C ARG B 233 17.59 -6.03 -8.69
N ARG B 234 18.39 -7.09 -8.53
CA ARG B 234 19.44 -7.44 -9.46
C ARG B 234 19.29 -8.89 -9.89
N THR B 235 19.73 -9.19 -11.13
CA THR B 235 19.64 -10.54 -11.67
C THR B 235 20.63 -10.68 -12.82
N PRO B 236 21.32 -11.82 -12.92
CA PRO B 236 22.26 -12.01 -14.05
C PRO B 236 21.61 -11.81 -15.41
N ALA B 237 20.32 -12.13 -15.55
CA ALA B 237 19.63 -11.86 -16.81
C ALA B 237 19.49 -10.36 -17.04
N ALA B 238 18.99 -9.64 -16.04
CA ALA B 238 18.90 -8.19 -16.14
C ALA B 238 20.27 -7.56 -16.40
N GLU B 239 21.28 -8.06 -15.69
CA GLU B 239 22.67 -7.54 -15.84
C GLU B 239 23.11 -7.75 -17.30
N HIS B 240 22.84 -8.93 -17.85
CA HIS B 240 23.20 -9.26 -19.25
C HIS B 240 22.46 -8.33 -20.21
N ALA B 241 21.18 -8.05 -19.93
CA ALA B 241 20.35 -7.19 -20.79
C ALA B 241 20.97 -5.79 -20.87
N PHE B 242 21.41 -5.24 -19.73
CA PHE B 242 22.03 -3.89 -19.70
C PHE B 242 23.35 -3.86 -20.49
N GLU B 243 24.21 -4.87 -20.28
CA GLU B 243 25.55 -4.92 -20.94
C GLU B 243 25.48 -5.13 -22.45
N HIS B 244 24.56 -5.97 -22.94
CA HIS B 244 24.47 -6.26 -24.40
C HIS B 244 23.33 -5.47 -25.05
N TRP B 245 22.72 -4.54 -24.30
CA TRP B 245 21.57 -3.72 -24.76
C TRP B 245 21.72 -3.22 -26.21
N GLN B 246 22.92 -2.75 -26.58
CA GLN B 246 23.07 -2.13 -27.89
C GLN B 246 23.53 -3.11 -28.97
N GLU B 247 23.55 -4.40 -28.68
CA GLU B 247 24.02 -5.39 -29.64
C GLU B 247 22.87 -5.85 -30.52
N ASP B 248 23.05 -5.74 -31.84
CA ASP B 248 22.02 -6.20 -32.77
C ASP B 248 21.71 -7.68 -32.60
N ALA B 249 22.71 -8.49 -32.25
CA ALA B 249 22.45 -9.90 -32.01
C ALA B 249 21.61 -10.11 -30.76
N PHE B 250 21.77 -9.26 -29.75
CA PHE B 250 20.95 -9.38 -28.56
C PHE B 250 19.55 -8.80 -28.80
N PHE B 251 19.47 -7.71 -29.56
CA PHE B 251 18.17 -7.18 -29.96
C PHE B 251 17.41 -8.16 -30.83
N ALA B 252 18.10 -8.95 -31.63
CA ALA B 252 17.45 -9.91 -32.54
C ALA B 252 17.20 -11.26 -31.90
N SER B 253 17.87 -11.59 -30.80
CA SER B 253 17.61 -12.87 -30.14
C SER B 253 16.45 -12.80 -29.17
N GLN B 254 16.04 -11.60 -28.76
CA GLN B 254 14.93 -11.47 -27.81
C GLN B 254 13.59 -11.76 -28.46
N PHE B 255 13.51 -11.73 -29.79
CA PHE B 255 12.31 -12.22 -30.45
C PHE B 255 12.22 -13.74 -30.40
N LEU B 256 13.32 -14.43 -30.06
CA LEU B 256 13.34 -15.87 -29.94
C LEU B 256 13.34 -16.36 -28.50
N ASN B 257 13.93 -15.61 -27.57
CA ASN B 257 14.13 -16.10 -26.21
C ASN B 257 13.84 -15.03 -25.16
N GLY B 258 13.05 -14.03 -25.50
CA GLY B 258 12.81 -12.94 -24.58
C GLY B 258 11.41 -12.95 -23.99
N LEU B 259 10.87 -11.76 -23.76
CA LEU B 259 9.59 -11.66 -23.07
C LEU B 259 8.44 -12.12 -23.95
N ASN B 260 8.54 -11.82 -25.26
CA ASN B 260 7.47 -12.15 -26.24
C ASN B 260 8.07 -12.77 -27.51
N PRO B 261 8.37 -14.09 -27.54
CA PRO B 261 8.96 -14.74 -28.72
C PRO B 261 7.97 -15.32 -29.75
N VAL B 262 6.67 -15.23 -29.47
CA VAL B 262 5.58 -15.76 -30.35
C VAL B 262 5.46 -15.03 -31.70
N LEU B 263 5.70 -13.72 -31.73
CA LEU B 263 5.46 -12.88 -32.94
C LEU B 263 6.30 -13.24 -34.18
N ILE B 264 7.59 -13.52 -34.03
CA ILE B 264 8.48 -13.78 -35.21
C ILE B 264 7.89 -14.83 -36.17
N ARG B 265 7.89 -14.52 -37.47
CA ARG B 265 7.40 -15.44 -38.49
C ARG B 265 8.21 -15.24 -39.77
N ARG B 266 8.43 -16.34 -40.49
CA ARG B 266 9.23 -16.29 -41.70
C ARG B 266 8.50 -15.55 -42.82
N CYS B 267 9.24 -14.72 -43.56
CA CYS B 267 8.67 -13.90 -44.68
C CYS B 267 8.72 -14.66 -46.00
N HIS B 268 7.56 -15.09 -46.52
CA HIS B 268 7.55 -15.69 -47.89
C HIS B 268 7.83 -14.58 -48.91
N TYR B 269 7.31 -13.39 -48.64
CA TYR B 269 7.52 -12.20 -49.50
C TYR B 269 7.89 -11.02 -48.60
N LEU B 270 8.38 -9.94 -49.22
CA LEU B 270 8.64 -8.70 -48.44
C LEU B 270 7.30 -7.96 -48.46
N PRO B 271 6.74 -7.54 -47.31
CA PRO B 271 5.42 -6.88 -47.32
C PRO B 271 5.48 -5.58 -48.12
N LYS B 272 4.39 -5.26 -48.85
CA LYS B 272 4.30 -4.02 -49.66
C LYS B 272 4.35 -2.78 -48.75
N ASN B 273 3.79 -2.89 -47.54
CA ASN B 273 3.80 -1.83 -46.50
C ASN B 273 5.26 -1.48 -46.13
N PHE B 274 6.14 -2.48 -46.06
CA PHE B 274 7.58 -2.30 -45.74
C PHE B 274 8.43 -2.33 -47.03
N PRO B 275 8.71 -1.20 -47.71
CA PRO B 275 9.46 -1.22 -48.97
C PRO B 275 10.99 -1.20 -48.83
N VAL B 276 11.58 -2.36 -48.54
CA VAL B 276 13.02 -2.51 -48.37
C VAL B 276 13.64 -2.83 -49.72
N THR B 277 14.88 -2.39 -49.93
CA THR B 277 15.60 -2.61 -51.17
C THR B 277 16.91 -3.33 -50.89
N ASP B 278 17.53 -3.81 -51.97
CA ASP B 278 18.84 -4.44 -51.84
C ASP B 278 19.87 -3.45 -51.33
N ALA B 279 19.78 -2.19 -51.74
CA ALA B 279 20.76 -1.18 -51.34
C ALA B 279 20.75 -0.95 -49.83
N MET B 280 19.59 -1.14 -49.19
CA MET B 280 19.50 -0.93 -47.74
C MET B 280 20.24 -2.03 -46.98
N VAL B 281 20.17 -3.27 -47.47
CA VAL B 281 20.69 -4.42 -46.74
C VAL B 281 22.02 -4.90 -47.30
N ALA B 282 22.49 -4.34 -48.40
CA ALA B 282 23.73 -4.83 -49.02
C ALA B 282 24.87 -4.91 -48.01
N SER B 283 24.84 -4.07 -46.97
CA SER B 283 25.89 -4.10 -45.96
C SER B 283 25.84 -5.39 -45.15
N VAL B 284 24.69 -5.68 -44.54
CA VAL B 284 24.56 -6.88 -43.72
C VAL B 284 24.66 -8.13 -44.59
N LEU B 285 23.97 -8.15 -45.74
CA LEU B 285 23.96 -9.34 -46.57
C LEU B 285 25.22 -9.47 -47.40
N GLY B 286 25.88 -8.36 -47.73
CA GLY B 286 27.07 -8.39 -48.54
C GLY B 286 26.75 -8.63 -49.99
N PRO B 287 27.73 -8.40 -50.88
CA PRO B 287 27.49 -8.54 -52.31
C PRO B 287 27.25 -9.98 -52.76
N GLY B 288 27.24 -10.94 -51.83
CA GLY B 288 27.12 -12.33 -52.23
C GLY B 288 25.71 -12.67 -52.68
N THR B 289 24.71 -12.36 -51.86
CA THR B 289 23.35 -12.80 -52.09
C THR B 289 22.42 -11.61 -52.31
N SER B 290 21.25 -11.91 -52.88
CA SER B 290 20.20 -10.95 -53.11
C SER B 290 19.13 -11.06 -52.02
N LEU B 291 18.17 -10.13 -52.07
CA LEU B 291 17.10 -10.13 -51.07
C LEU B 291 16.05 -11.17 -51.40
N GLN B 292 15.54 -11.15 -52.63
CA GLN B 292 14.72 -12.28 -53.09
C GLN B 292 15.47 -13.59 -52.91
N ALA B 293 16.77 -13.60 -53.22
CA ALA B 293 17.57 -14.80 -53.03
C ALA B 293 17.58 -15.26 -51.58
N GLU B 294 17.35 -14.35 -50.62
CA GLU B 294 17.20 -14.75 -49.23
C GLU B 294 15.76 -15.16 -48.90
N LEU B 295 14.77 -14.51 -49.50
CA LEU B 295 13.39 -14.96 -49.33
C LEU B 295 13.24 -16.42 -49.75
N GLU B 296 13.88 -16.81 -50.86
CA GLU B 296 13.75 -18.18 -51.34
C GLU B 296 14.51 -19.18 -50.48
N LYS B 297 15.55 -18.75 -49.76
CA LYS B 297 16.23 -19.62 -48.82
C LYS B 297 15.48 -19.74 -47.50
N GLY B 298 14.65 -18.78 -47.16
CA GLY B 298 13.93 -18.80 -45.90
C GLY B 298 14.70 -18.24 -44.73
N SER B 299 15.63 -17.32 -44.97
CA SER B 299 16.41 -16.70 -43.90
C SER B 299 15.86 -15.35 -43.48
N LEU B 300 14.93 -14.77 -44.24
CA LEU B 300 14.32 -13.49 -43.89
C LEU B 300 13.13 -13.73 -42.97
N PHE B 301 13.08 -12.99 -41.86
CA PHE B 301 12.01 -13.10 -40.88
C PHE B 301 11.44 -11.72 -40.59
N LEU B 302 10.31 -11.70 -39.88
CA LEU B 302 9.55 -10.47 -39.71
C LEU B 302 8.87 -10.46 -38.35
N VAL B 303 9.02 -9.36 -37.62
CA VAL B 303 8.24 -9.07 -36.43
C VAL B 303 7.30 -7.92 -36.79
N ASP B 304 5.99 -8.15 -36.67
CA ASP B 304 4.99 -7.18 -37.08
C ASP B 304 4.12 -6.82 -35.88
N HIS B 305 4.23 -5.57 -35.43
CA HIS B 305 3.40 -5.02 -34.36
C HIS B 305 2.24 -4.20 -34.91
N GLY B 306 1.83 -4.46 -36.14
CA GLY B 306 0.79 -3.67 -36.79
C GLY B 306 -0.46 -3.47 -35.97
N ILE B 307 -0.72 -4.40 -35.04
CA ILE B 307 -1.93 -4.31 -34.23
C ILE B 307 -1.96 -3.04 -33.39
N LEU B 308 -0.80 -2.47 -33.08
CA LEU B 308 -0.75 -1.21 -32.32
C LEU B 308 -1.07 0.01 -33.18
N SER B 309 -1.19 -0.15 -34.49
CA SER B 309 -1.43 0.99 -35.38
C SER B 309 -2.69 1.75 -34.96
N GLY B 310 -2.55 3.07 -34.85
CA GLY B 310 -3.68 3.97 -34.50
C GLY B 310 -4.25 3.67 -33.12
N ILE B 311 -3.52 2.91 -32.29
CA ILE B 311 -4.00 2.57 -30.93
C ILE B 311 -4.09 3.84 -30.08
N GLN B 312 -5.10 3.93 -29.22
CA GLN B 312 -5.28 5.10 -28.34
C GLN B 312 -4.12 5.10 -27.33
N THR B 313 -3.57 6.28 -27.00
CA THR B 313 -2.43 6.37 -26.07
C THR B 313 -2.86 7.01 -24.75
N ASN B 314 -2.01 6.93 -23.71
CA ASN B 314 -2.38 7.54 -22.40
C ASN B 314 -1.67 8.88 -22.19
N VAL B 315 -2.05 9.58 -21.11
CA VAL B 315 -1.42 10.80 -20.59
C VAL B 315 -0.69 10.42 -19.31
N ILE B 316 0.58 10.80 -19.22
CA ILE B 316 1.40 10.55 -18.04
C ILE B 316 1.98 11.88 -17.57
N ASN B 317 1.69 12.23 -16.33
CA ASN B 317 2.18 13.49 -15.75
C ASN B 317 1.76 14.67 -16.60
N GLY B 318 0.56 14.59 -17.18
CA GLY B 318 0.05 15.66 -18.02
C GLY B 318 0.65 15.73 -19.40
N LYS B 319 1.49 14.77 -19.78
CA LYS B 319 2.09 14.82 -21.10
C LYS B 319 1.49 13.74 -22.00
N PRO B 320 1.46 13.95 -23.31
CA PRO B 320 0.94 12.93 -24.21
C PRO B 320 1.95 11.81 -24.40
N GLN B 321 1.44 10.58 -24.45
CA GLN B 321 2.27 9.40 -24.63
C GLN B 321 2.00 8.78 -26.00
N PHE B 322 3.05 8.32 -26.65
CA PHE B 322 2.98 7.87 -28.03
C PHE B 322 3.39 6.41 -28.14
N SER B 323 2.92 5.78 -29.21
CA SER B 323 3.28 4.41 -29.55
C SER B 323 3.56 4.35 -31.03
N ALA B 324 4.38 3.38 -31.43
CA ALA B 324 4.60 3.08 -32.83
C ALA B 324 3.84 1.82 -33.21
N ALA B 325 3.87 1.49 -34.50
CA ALA B 325 3.33 0.23 -35.02
C ALA B 325 4.40 -0.42 -35.89
N PRO B 326 5.49 -0.89 -35.28
CA PRO B 326 6.69 -1.19 -36.05
C PRO B 326 6.66 -2.53 -36.78
N MET B 327 7.42 -2.56 -37.87
CA MET B 327 7.83 -3.79 -38.54
C MET B 327 9.35 -3.85 -38.48
N THR B 328 9.89 -5.01 -38.12
CA THR B 328 11.33 -5.20 -38.10
C THR B 328 11.68 -6.39 -38.98
N LEU B 329 12.61 -6.19 -39.90
CA LEU B 329 13.12 -7.27 -40.73
C LEU B 329 14.31 -7.91 -40.04
N LEU B 330 14.33 -9.25 -40.03
CA LEU B 330 15.41 -10.00 -39.37
C LEU B 330 16.02 -10.99 -40.37
N TYR B 331 17.35 -11.11 -40.35
CA TYR B 331 18.06 -12.03 -41.27
C TYR B 331 18.80 -13.10 -40.45
N GLN B 332 18.61 -14.37 -40.81
CA GLN B 332 19.32 -15.47 -40.09
C GLN B 332 20.64 -15.71 -40.83
N SER B 333 21.76 -15.57 -40.13
CA SER B 333 23.11 -15.73 -40.71
C SER B 333 23.36 -17.16 -41.16
N PRO B 334 24.15 -17.39 -42.23
CA PRO B 334 24.42 -18.74 -42.71
C PRO B 334 25.33 -19.50 -41.74
N GLY B 335 25.08 -20.80 -41.60
CA GLY B 335 25.91 -21.67 -40.73
C GLY B 335 25.67 -21.43 -39.24
N CYS B 336 24.39 -21.38 -38.83
CA CYS B 336 24.03 -21.27 -37.42
C CYS B 336 24.68 -20.04 -36.78
N GLY B 337 24.66 -18.93 -37.51
CA GLY B 337 25.16 -17.67 -37.00
C GLY B 337 24.06 -16.89 -36.31
N PRO B 338 24.35 -15.65 -35.92
CA PRO B 338 23.36 -14.87 -35.16
C PRO B 338 22.25 -14.35 -36.06
N LEU B 339 21.05 -14.30 -35.52
CA LEU B 339 19.95 -13.61 -36.19
C LEU B 339 20.21 -12.11 -36.14
N LEU B 340 20.14 -11.46 -37.29
CA LEU B 340 20.47 -10.05 -37.37
C LEU B 340 19.30 -9.25 -37.92
N PRO B 341 19.03 -8.08 -37.37
CA PRO B 341 18.03 -7.19 -37.98
C PRO B 341 18.59 -6.48 -39.20
N LEU B 342 17.70 -6.22 -40.15
CA LEU B 342 18.07 -5.56 -41.40
C LEU B 342 17.47 -4.18 -41.55
N ALA B 343 16.21 -4.01 -41.18
CA ALA B 343 15.54 -2.73 -41.35
C ALA B 343 14.41 -2.63 -40.33
N ILE B 344 14.08 -1.39 -39.97
CA ILE B 344 13.00 -1.12 -39.04
C ILE B 344 12.19 0.04 -39.63
N GLN B 345 10.88 -0.18 -39.73
CA GLN B 345 9.91 0.86 -40.15
C GLN B 345 8.94 1.05 -38.99
N LEU B 346 9.07 2.17 -38.27
CA LEU B 346 8.23 2.46 -37.07
C LEU B 346 6.75 2.59 -37.45
N SER B 347 6.45 3.22 -38.59
CA SER B 347 5.03 3.37 -39.01
C SER B 347 4.57 2.17 -39.85
N GLN B 348 3.27 1.89 -39.85
CA GLN B 348 2.67 0.80 -40.65
C GLN B 348 2.31 1.34 -42.04
N THR B 349 2.45 2.65 -42.24
CA THR B 349 2.14 3.31 -43.53
C THR B 349 3.45 3.73 -44.21
N PRO B 350 3.72 3.26 -45.45
CA PRO B 350 4.92 3.66 -46.18
C PRO B 350 4.78 5.10 -46.71
N GLY B 351 5.91 5.74 -47.00
CA GLY B 351 5.98 7.13 -47.46
C GLY B 351 7.18 7.82 -46.84
N PRO B 352 7.69 9.15 -47.30
CA PRO B 352 8.83 10.01 -46.95
C PRO B 352 8.91 10.35 -45.47
N ASN B 353 7.79 10.34 -44.75
CA ASN B 353 7.76 10.68 -43.34
C ASN B 353 7.75 9.45 -42.43
N SER B 354 8.09 8.28 -42.97
CA SER B 354 8.27 7.07 -42.18
C SER B 354 9.54 6.39 -42.67
N PRO B 355 10.70 6.84 -42.18
CA PRO B 355 11.97 6.29 -42.66
C PRO B 355 12.10 4.81 -42.35
N ILE B 356 12.92 4.14 -43.15
CA ILE B 356 13.31 2.75 -42.90
C ILE B 356 14.70 2.80 -42.29
N PHE B 357 14.77 2.76 -40.96
CA PHE B 357 16.04 2.82 -40.27
C PHE B 357 16.79 1.51 -40.44
N LEU B 358 18.11 1.62 -40.61
CA LEU B 358 18.95 0.41 -40.82
C LEU B 358 20.02 0.33 -39.73
N PRO B 359 20.70 -0.83 -39.57
CA PRO B 359 21.79 -1.00 -38.61
C PRO B 359 22.99 -0.09 -38.94
N THR B 360 23.21 0.16 -40.24
CA THR B 360 24.31 1.01 -40.80
C THR B 360 24.09 2.51 -40.52
N ASP B 361 22.89 2.92 -40.12
CA ASP B 361 22.51 4.33 -39.81
C ASP B 361 23.17 4.82 -38.52
N ASP B 362 23.13 6.14 -38.28
CA ASP B 362 23.75 6.74 -37.08
C ASP B 362 23.20 6.04 -35.83
N LYS B 363 24.09 5.70 -34.91
CA LYS B 363 23.81 4.95 -33.65
C LYS B 363 22.50 5.41 -32.98
N TRP B 364 22.29 6.73 -32.87
CA TRP B 364 21.08 7.20 -32.18
C TRP B 364 19.83 6.98 -33.01
N ASP B 365 19.93 7.02 -34.35
CA ASP B 365 18.79 6.67 -35.18
C ASP B 365 18.49 5.18 -35.08
N TRP B 366 19.52 4.34 -35.23
CA TRP B 366 19.29 2.89 -35.16
C TRP B 366 18.91 2.45 -33.76
N LEU B 367 19.56 3.01 -32.75
CA LEU B 367 19.21 2.67 -31.37
C LEU B 367 17.78 3.10 -31.07
N LEU B 368 17.41 4.31 -31.46
CA LEU B 368 16.05 4.79 -31.23
C LEU B 368 15.03 3.87 -31.89
N ALA B 369 15.25 3.52 -33.15
CA ALA B 369 14.32 2.61 -33.82
C ALA B 369 14.15 1.31 -33.04
N LYS B 370 15.25 0.80 -32.47
CA LYS B 370 15.18 -0.48 -31.76
C LYS B 370 14.36 -0.38 -30.49
N THR B 371 14.45 0.75 -29.77
CA THR B 371 13.69 0.87 -28.54
C THR B 371 12.23 1.25 -28.79
N TRP B 372 11.91 1.82 -29.96
CA TRP B 372 10.52 1.94 -30.35
C TRP B 372 9.90 0.56 -30.56
N VAL B 373 10.67 -0.39 -31.07
CA VAL B 373 10.19 -1.76 -31.20
C VAL B 373 10.09 -2.41 -29.82
N ARG B 374 11.13 -2.25 -28.99
CA ARG B 374 11.08 -2.77 -27.64
C ARG B 374 9.88 -2.21 -26.88
N ASN B 375 9.53 -0.95 -27.15
CA ASN B 375 8.31 -0.40 -26.59
C ASN B 375 7.08 -1.06 -27.20
N ALA B 376 7.12 -1.31 -28.51
CA ALA B 376 6.04 -2.05 -29.15
C ALA B 376 5.90 -3.45 -28.55
N GLU B 377 7.04 -4.09 -28.24
CA GLU B 377 6.98 -5.41 -27.60
C GLU B 377 6.31 -5.34 -26.24
N PHE B 378 6.63 -4.30 -25.46
CA PHE B 378 6.04 -4.17 -24.13
C PHE B 378 4.52 -4.11 -24.19
N SER B 379 3.99 -3.14 -24.94
CA SER B 379 2.54 -3.01 -25.06
C SER B 379 1.90 -4.30 -25.58
N PHE B 380 2.51 -4.91 -26.60
CA PHE B 380 1.96 -6.14 -27.17
C PHE B 380 1.98 -7.27 -26.16
N HIS B 381 3.11 -7.44 -25.46
CA HIS B 381 3.29 -8.59 -24.59
C HIS B 381 2.35 -8.54 -23.38
N GLU B 382 2.31 -7.39 -22.69
CA GLU B 382 1.55 -7.29 -21.46
C GLU B 382 0.05 -7.32 -21.71
N ALA B 383 -0.40 -6.85 -22.87
CA ALA B 383 -1.83 -6.85 -23.16
C ALA B 383 -2.29 -8.20 -23.71
N LEU B 384 -1.61 -8.71 -24.73
CA LEU B 384 -2.06 -9.89 -25.46
C LEU B 384 -1.34 -11.15 -24.98
N THR B 385 -0.03 -11.22 -25.20
CA THR B 385 0.72 -12.44 -24.88
C THR B 385 0.56 -12.84 -23.42
N HIS B 386 0.70 -11.87 -22.50
CA HIS B 386 0.59 -12.18 -21.07
C HIS B 386 -0.86 -12.17 -20.61
N LEU B 387 -1.52 -11.02 -20.76
CA LEU B 387 -2.93 -10.86 -20.30
C LEU B 387 -3.93 -11.61 -21.19
N LEU B 388 -4.00 -11.32 -22.49
CA LEU B 388 -5.07 -12.04 -23.25
C LEU B 388 -4.88 -13.56 -23.30
N HIS B 389 -3.69 -14.04 -23.68
CA HIS B 389 -3.48 -15.51 -23.80
C HIS B 389 -3.20 -16.18 -22.46
N SER B 390 -2.20 -15.70 -21.73
CA SER B 390 -1.77 -16.30 -20.43
C SER B 390 -2.80 -16.18 -19.29
N HIS B 391 -3.50 -15.05 -19.15
CA HIS B 391 -4.41 -14.89 -17.98
C HIS B 391 -5.90 -15.04 -18.31
N LEU B 392 -6.40 -14.37 -19.35
CA LEU B 392 -7.85 -14.40 -19.68
C LEU B 392 -8.26 -15.80 -20.16
N LEU B 393 -7.56 -16.33 -21.17
CA LEU B 393 -7.84 -17.67 -21.67
C LEU B 393 -7.71 -18.73 -20.59
N PRO B 394 -6.63 -18.77 -19.80
CA PRO B 394 -6.60 -19.73 -18.67
C PRO B 394 -7.77 -19.58 -17.73
N GLU B 395 -8.26 -18.36 -17.50
CA GLU B 395 -9.42 -18.18 -16.64
C GLU B 395 -10.67 -18.80 -17.25
N VAL B 396 -10.84 -18.64 -18.57
CA VAL B 396 -11.99 -19.27 -19.23
C VAL B 396 -11.92 -20.78 -19.09
N PHE B 397 -10.72 -21.36 -19.26
CA PHE B 397 -10.58 -22.80 -19.06
C PHE B 397 -10.99 -23.20 -17.65
N THR B 398 -10.60 -22.40 -16.65
CA THR B 398 -10.89 -22.73 -15.26
C THR B 398 -12.38 -22.65 -14.97
N LEU B 399 -13.00 -21.52 -15.33
CA LEU B 399 -14.41 -21.31 -15.02
C LEU B 399 -15.29 -22.39 -15.62
N ALA B 400 -15.05 -22.73 -16.90
CA ALA B 400 -15.82 -23.80 -17.52
C ALA B 400 -15.57 -25.14 -16.85
N THR B 401 -14.35 -25.36 -16.33
CA THR B 401 -14.07 -26.62 -15.64
C THR B 401 -14.90 -26.74 -14.37
N LEU B 402 -15.02 -25.65 -13.61
CA LEU B 402 -15.81 -25.69 -12.38
C LEU B 402 -17.31 -25.75 -12.69
N ARG B 403 -17.74 -25.19 -13.81
CA ARG B 403 -19.15 -25.12 -14.13
C ARG B 403 -19.68 -26.41 -14.75
N GLN B 404 -18.83 -27.16 -15.46
CA GLN B 404 -19.31 -28.27 -16.28
C GLN B 404 -18.79 -29.64 -15.85
N LEU B 405 -17.64 -29.75 -15.20
CA LEU B 405 -17.06 -31.04 -14.88
C LEU B 405 -17.13 -31.30 -13.39
N PRO B 406 -17.92 -32.28 -12.93
CA PRO B 406 -18.03 -32.54 -11.49
C PRO B 406 -16.75 -33.11 -10.92
N HIS B 407 -16.74 -33.20 -9.59
CA HIS B 407 -15.52 -33.55 -8.86
C HIS B 407 -15.00 -34.94 -9.23
N CYS B 408 -15.88 -35.82 -9.69
CA CYS B 408 -15.50 -37.21 -9.97
C CYS B 408 -15.12 -37.46 -11.43
N HIS B 409 -15.23 -36.45 -12.29
CA HIS B 409 -14.89 -36.64 -13.69
C HIS B 409 -13.38 -36.70 -13.87
N PRO B 410 -12.87 -37.66 -14.67
CA PRO B 410 -11.41 -37.73 -14.87
C PRO B 410 -10.82 -36.42 -15.37
N LEU B 411 -11.54 -35.71 -16.23
CA LEU B 411 -11.02 -34.46 -16.75
C LEU B 411 -10.88 -33.42 -15.64
N PHE B 412 -11.80 -33.43 -14.68
CA PHE B 412 -11.68 -32.52 -13.54
C PHE B 412 -10.42 -32.81 -12.74
N LYS B 413 -10.22 -34.07 -12.37
CA LYS B 413 -9.04 -34.44 -11.58
C LYS B 413 -7.75 -34.09 -12.31
N LEU B 414 -7.75 -34.22 -13.63
CA LEU B 414 -6.56 -33.94 -14.42
C LEU B 414 -6.31 -32.43 -14.52
N LEU B 415 -7.38 -31.65 -14.68
CA LEU B 415 -7.29 -30.21 -14.94
C LEU B 415 -7.23 -29.36 -13.68
N ILE B 416 -8.01 -29.69 -12.65
CA ILE B 416 -8.18 -28.82 -11.48
C ILE B 416 -6.86 -28.31 -10.92
N PRO B 417 -5.77 -29.09 -10.89
CA PRO B 417 -4.50 -28.54 -10.38
C PRO B 417 -3.86 -27.51 -11.30
N HIS B 418 -4.25 -27.47 -12.57
CA HIS B 418 -3.76 -26.48 -13.49
C HIS B 418 -4.64 -25.24 -13.55
N THR B 419 -5.60 -25.11 -12.62
CA THR B 419 -6.41 -23.91 -12.48
C THR B 419 -6.17 -23.23 -11.14
N ARG B 420 -5.38 -23.82 -10.26
CA ARG B 420 -5.23 -23.31 -8.90
C ARG B 420 -4.86 -21.83 -8.90
N TYR B 421 -5.63 -21.05 -8.16
CA TYR B 421 -5.39 -19.64 -7.88
C TYR B 421 -5.70 -18.75 -9.09
N THR B 422 -6.01 -19.31 -10.25
CA THR B 422 -6.16 -18.50 -11.45
C THR B 422 -7.30 -17.50 -11.35
N LEU B 423 -8.37 -17.85 -10.63
CA LEU B 423 -9.47 -16.91 -10.48
C LEU B 423 -9.13 -15.81 -9.49
N HIS B 424 -8.36 -16.15 -8.45
CA HIS B 424 -7.93 -15.14 -7.49
C HIS B 424 -7.02 -14.11 -8.13
N ILE B 425 -6.03 -14.57 -8.92
CA ILE B 425 -5.07 -13.66 -9.52
C ILE B 425 -5.72 -12.76 -10.54
N ASN B 426 -6.79 -13.23 -11.21
CA ASN B 426 -7.47 -12.40 -12.20
C ASN B 426 -8.31 -11.32 -11.53
N THR B 427 -9.24 -11.73 -10.65
CA THR B 427 -10.02 -10.75 -9.91
C THR B 427 -9.10 -9.77 -9.20
N LEU B 428 -7.95 -10.24 -8.75
CA LEU B 428 -6.93 -9.35 -8.19
C LEU B 428 -6.42 -8.38 -9.25
N ALA B 429 -6.37 -8.82 -10.51
CA ALA B 429 -5.89 -7.97 -11.59
C ALA B 429 -6.93 -6.92 -11.99
N ARG B 430 -8.19 -7.34 -12.15
CA ARG B 430 -9.25 -6.38 -12.40
C ARG B 430 -9.49 -5.46 -11.21
N GLU B 431 -9.01 -5.85 -10.03
CA GLU B 431 -9.21 -5.09 -8.80
C GLU B 431 -8.04 -4.20 -8.45
N LEU B 432 -6.85 -4.47 -9.00
CA LEU B 432 -5.64 -3.79 -8.57
C LEU B 432 -4.74 -3.32 -9.70
N LEU B 433 -5.05 -3.63 -10.96
CA LEU B 433 -4.06 -3.32 -11.98
C LEU B 433 -4.61 -2.53 -13.15
N ILE B 434 -5.79 -2.88 -13.66
CA ILE B 434 -6.34 -2.24 -14.85
C ILE B 434 -7.52 -1.36 -14.47
N VAL B 435 -7.54 -0.85 -13.24
CA VAL B 435 -8.66 0.00 -12.75
C VAL B 435 -8.15 1.44 -12.71
N PRO B 436 -8.93 2.50 -13.03
CA PRO B 436 -8.37 3.86 -13.12
C PRO B 436 -7.58 4.32 -11.88
N GLY B 437 -6.41 4.92 -12.13
CA GLY B 437 -5.49 5.40 -11.07
C GLY B 437 -4.47 4.35 -10.68
N GLN B 438 -4.53 3.16 -11.29
CA GLN B 438 -3.56 2.08 -10.99
C GLN B 438 -2.35 2.16 -11.93
N VAL B 439 -1.42 1.22 -11.83
CA VAL B 439 -0.14 1.24 -12.60
C VAL B 439 -0.39 1.25 -14.12
N VAL B 440 -1.36 0.48 -14.62
CA VAL B 440 -1.58 0.50 -16.09
C VAL B 440 -1.98 1.92 -16.49
N ASP B 441 -2.92 2.52 -15.75
CA ASP B 441 -3.35 3.91 -16.04
C ASP B 441 -2.23 4.91 -15.70
N ARG B 442 -1.53 4.71 -14.58
CA ARG B 442 -0.46 5.67 -14.16
C ARG B 442 0.78 5.66 -15.05
N SER B 443 1.30 4.49 -15.41
CA SER B 443 2.63 4.45 -16.09
C SER B 443 2.66 3.78 -17.48
N THR B 444 1.53 3.49 -18.11
CA THR B 444 1.65 2.85 -19.45
C THR B 444 1.32 3.85 -20.55
N GLY B 445 2.04 3.77 -21.68
CA GLY B 445 1.80 4.68 -22.81
C GLY B 445 0.57 4.27 -23.60
N ILE B 446 -0.05 3.15 -23.22
CA ILE B 446 -1.24 2.67 -23.90
C ILE B 446 -2.44 2.94 -23.01
N GLY B 447 -2.23 2.85 -21.70
CA GLY B 447 -3.28 3.05 -20.73
C GLY B 447 -4.34 1.97 -20.81
N ILE B 448 -5.29 2.00 -19.89
CA ILE B 448 -6.32 0.96 -19.85
C ILE B 448 -7.08 0.92 -21.17
N GLU B 449 -7.32 2.09 -21.77
CA GLU B 449 -8.01 2.15 -23.06
C GLU B 449 -7.29 1.33 -24.11
N GLY B 450 -5.99 1.60 -24.28
CA GLY B 450 -5.13 0.90 -25.24
C GLY B 450 -5.13 -0.61 -25.00
N PHE B 451 -5.01 -1.03 -23.74
CA PHE B 451 -4.99 -2.47 -23.41
C PHE B 451 -6.30 -3.12 -23.83
N SER B 452 -7.43 -2.46 -23.56
CA SER B 452 -8.75 -3.03 -23.93
C SER B 452 -8.87 -3.13 -25.46
N GLU B 453 -8.49 -2.08 -26.18
CA GLU B 453 -8.61 -2.05 -27.67
C GLU B 453 -7.73 -3.16 -28.27
N LEU B 454 -6.52 -3.34 -27.73
CA LEU B 454 -5.60 -4.40 -28.24
C LEU B 454 -6.26 -5.77 -28.00
N ILE B 455 -6.89 -5.95 -26.84
CA ILE B 455 -7.57 -7.23 -26.51
C ILE B 455 -8.76 -7.41 -27.46
N GLN B 456 -9.55 -6.36 -27.69
CA GLN B 456 -10.66 -6.49 -28.62
C GLN B 456 -10.18 -6.78 -30.04
N ARG B 457 -9.11 -6.09 -30.46
CA ARG B 457 -8.59 -6.32 -31.81
C ARG B 457 -7.94 -7.69 -31.94
N ASN B 458 -7.14 -8.08 -30.95
CA ASN B 458 -6.43 -9.35 -31.03
C ASN B 458 -7.36 -10.55 -30.87
N MET B 459 -8.49 -10.36 -30.20
CA MET B 459 -9.45 -11.45 -30.04
C MET B 459 -9.99 -11.91 -31.38
N LYS B 460 -10.21 -10.97 -32.31
CA LYS B 460 -10.82 -11.31 -33.59
C LYS B 460 -9.87 -12.03 -34.53
N GLN B 461 -8.57 -12.02 -34.25
CA GLN B 461 -7.60 -12.78 -35.02
C GLN B 461 -7.09 -14.00 -34.27
N LEU B 462 -7.60 -14.25 -33.07
CA LEU B 462 -7.21 -15.42 -32.31
C LEU B 462 -7.44 -16.68 -33.14
N ASN B 463 -6.65 -17.72 -32.86
CA ASN B 463 -6.61 -18.87 -33.75
C ASN B 463 -6.13 -20.10 -32.98
N TYR B 464 -6.74 -21.26 -33.29
CA TYR B 464 -6.40 -22.50 -32.61
C TYR B 464 -4.95 -22.91 -32.85
N SER B 465 -4.42 -22.65 -34.04
CA SER B 465 -3.04 -23.00 -34.34
C SER B 465 -2.06 -22.29 -33.41
N LEU B 466 -2.25 -20.98 -33.21
CA LEU B 466 -1.30 -20.24 -32.40
C LEU B 466 -1.38 -20.63 -30.94
N LEU B 467 -2.45 -21.30 -30.51
CA LEU B 467 -2.54 -21.83 -29.16
C LEU B 467 -2.02 -23.25 -29.03
N CYS B 468 -1.81 -23.95 -30.15
CA CYS B 468 -1.17 -25.26 -30.17
C CYS B 468 0.27 -25.06 -30.63
N LEU B 469 1.22 -25.24 -29.72
CA LEU B 469 2.62 -24.89 -29.98
C LEU B 469 3.17 -25.48 -31.27
N PRO B 470 3.04 -26.78 -31.54
CA PRO B 470 3.59 -27.32 -32.80
C PRO B 470 2.96 -26.71 -34.03
N GLU B 471 1.64 -26.52 -34.02
CA GLU B 471 0.97 -25.88 -35.15
C GLU B 471 1.40 -24.43 -35.26
N ASP B 472 1.58 -23.75 -34.14
CA ASP B 472 1.99 -22.35 -34.18
C ASP B 472 3.34 -22.18 -34.88
N ILE B 473 4.31 -23.03 -34.55
CA ILE B 473 5.64 -22.82 -35.08
C ILE B 473 5.76 -23.35 -36.51
N ARG B 474 4.95 -24.35 -36.88
CA ARG B 474 4.88 -24.71 -38.29
C ARG B 474 4.26 -23.59 -39.11
N THR B 475 3.21 -22.95 -38.58
CA THR B 475 2.51 -21.92 -39.32
C THR B 475 3.37 -20.68 -39.51
N ARG B 476 4.04 -20.23 -38.44
CA ARG B 476 4.93 -19.09 -38.55
C ARG B 476 6.20 -19.39 -39.36
N GLY B 477 6.43 -20.65 -39.69
CA GLY B 477 7.62 -21.01 -40.44
C GLY B 477 8.91 -20.92 -39.67
N VAL B 478 8.87 -21.22 -38.37
CA VAL B 478 10.05 -21.04 -37.51
C VAL B 478 10.49 -22.37 -36.94
N GLU B 479 10.26 -23.45 -37.69
CA GLU B 479 10.74 -24.76 -37.27
C GLU B 479 12.24 -24.89 -37.42
N ASP B 480 12.83 -24.14 -38.35
CA ASP B 480 14.20 -24.37 -38.77
C ASP B 480 15.19 -23.36 -38.20
N ILE B 481 14.73 -22.17 -37.81
CA ILE B 481 15.68 -21.13 -37.41
C ILE B 481 16.42 -21.58 -36.15
N PRO B 482 17.73 -21.37 -36.05
CA PRO B 482 18.49 -21.85 -34.90
C PRO B 482 18.50 -20.88 -33.74
N GLY B 483 18.79 -21.43 -32.55
CA GLY B 483 18.84 -20.61 -31.35
C GLY B 483 17.50 -20.23 -30.79
N TYR B 484 16.44 -20.94 -31.15
CA TYR B 484 15.07 -20.62 -30.73
C TYR B 484 14.72 -21.49 -29.52
N TYR B 485 15.29 -21.12 -28.37
CA TYR B 485 15.18 -21.98 -27.19
C TYR B 485 13.76 -22.05 -26.64
N TYR B 486 12.93 -21.03 -26.90
CA TYR B 486 11.52 -21.16 -26.53
C TYR B 486 10.84 -22.24 -27.35
N ARG B 487 11.22 -22.37 -28.63
CA ARG B 487 10.67 -23.44 -29.46
C ARG B 487 11.20 -24.79 -29.03
N ASP B 488 12.52 -24.92 -28.91
CA ASP B 488 13.11 -26.19 -28.51
C ASP B 488 12.50 -26.71 -27.22
N ASP B 489 12.39 -25.83 -26.22
CA ASP B 489 11.93 -26.26 -24.90
C ASP B 489 10.43 -26.51 -24.90
N GLY B 490 9.65 -25.62 -25.50
CA GLY B 490 8.21 -25.83 -25.59
C GLY B 490 7.86 -27.13 -26.29
N MET B 491 8.41 -27.32 -27.50
CA MET B 491 8.17 -28.57 -28.22
C MET B 491 8.46 -29.78 -27.35
N GLN B 492 9.54 -29.70 -26.56
CA GLN B 492 9.85 -30.75 -25.58
C GLN B 492 8.72 -30.88 -24.56
N ILE B 493 8.34 -29.76 -23.94
CA ILE B 493 7.31 -29.79 -22.91
C ILE B 493 5.96 -30.16 -23.50
N TRP B 494 5.64 -29.66 -24.70
CA TRP B 494 4.38 -30.01 -25.34
C TRP B 494 4.28 -31.51 -25.57
N GLY B 495 5.38 -32.14 -26.00
CA GLY B 495 5.35 -33.58 -26.21
C GLY B 495 5.09 -34.36 -24.93
N ALA B 496 5.64 -33.89 -23.81
CA ALA B 496 5.45 -34.60 -22.55
C ALA B 496 4.00 -34.52 -22.09
N VAL B 497 3.42 -33.32 -22.10
CA VAL B 497 2.02 -33.17 -21.71
C VAL B 497 1.12 -34.00 -22.61
N GLU B 498 1.27 -33.83 -23.92
CA GLU B 498 0.44 -34.59 -24.86
C GLU B 498 0.48 -36.08 -24.57
N ARG B 499 1.67 -36.62 -24.29
CA ARG B 499 1.77 -38.04 -23.99
C ARG B 499 1.13 -38.37 -22.64
N PHE B 500 1.29 -37.48 -21.65
CA PHE B 500 0.60 -37.67 -20.38
C PHE B 500 -0.91 -37.65 -20.59
N VAL B 501 -1.41 -36.63 -21.28
CA VAL B 501 -2.86 -36.51 -21.50
C VAL B 501 -3.40 -37.75 -22.21
N SER B 502 -2.66 -38.26 -23.21
CA SER B 502 -3.15 -39.41 -23.97
C SER B 502 -3.26 -40.66 -23.10
N GLU B 503 -2.25 -40.92 -22.27
CA GLU B 503 -2.35 -42.05 -21.34
C GLU B 503 -3.57 -41.90 -20.45
N ILE B 504 -3.92 -40.67 -20.07
CA ILE B 504 -5.06 -40.45 -19.19
C ILE B 504 -6.36 -40.61 -19.95
N ILE B 505 -6.46 -39.97 -21.11
CA ILE B 505 -7.64 -40.14 -21.97
C ILE B 505 -7.78 -41.59 -22.40
N GLY B 506 -6.65 -42.29 -22.59
CA GLY B 506 -6.72 -43.69 -22.98
C GLY B 506 -7.22 -44.59 -21.87
N ILE B 507 -6.97 -44.21 -20.62
CA ILE B 507 -7.49 -44.98 -19.50
C ILE B 507 -9.00 -44.90 -19.46
N TYR B 508 -9.55 -43.68 -19.48
CA TYR B 508 -10.95 -43.44 -19.19
C TYR B 508 -11.83 -43.36 -20.43
N TYR B 509 -11.26 -43.13 -21.61
CA TYR B 509 -12.05 -43.07 -22.83
C TYR B 509 -11.68 -44.21 -23.76
N PRO B 510 -12.50 -45.26 -23.85
CA PRO B 510 -12.13 -46.41 -24.67
C PRO B 510 -12.29 -46.18 -26.16
N SER B 511 -13.04 -45.17 -26.56
CA SER B 511 -13.27 -44.92 -28.00
C SER B 511 -13.75 -43.48 -28.25
N ASP B 512 -13.90 -43.14 -29.54
CA ASP B 512 -14.41 -41.82 -29.99
C ASP B 512 -15.87 -41.69 -29.53
N GLU B 513 -16.62 -42.78 -29.60
CA GLU B 513 -18.06 -42.80 -29.21
C GLU B 513 -18.18 -42.44 -27.72
N SER B 514 -17.26 -42.94 -26.89
CA SER B 514 -17.25 -42.62 -25.43
C SER B 514 -17.00 -41.12 -25.24
N VAL B 515 -16.16 -40.52 -26.08
CA VAL B 515 -15.84 -39.07 -26.06
C VAL B 515 -17.09 -38.29 -26.49
N GLN B 516 -17.70 -38.66 -27.62
CA GLN B 516 -18.88 -37.96 -28.11
C GLN B 516 -20.05 -38.07 -27.15
N ASP B 517 -20.14 -39.18 -26.41
CA ASP B 517 -21.27 -39.38 -25.49
C ASP B 517 -21.07 -38.73 -24.13
N ASP B 518 -19.87 -38.23 -23.83
CA ASP B 518 -19.67 -37.49 -22.59
C ASP B 518 -20.35 -36.13 -22.67
N ARG B 519 -21.62 -36.06 -22.25
CA ARG B 519 -22.37 -34.82 -22.34
C ARG B 519 -21.74 -33.71 -21.50
N GLU B 520 -21.13 -34.07 -20.37
CA GLU B 520 -20.43 -33.06 -19.57
C GLU B 520 -19.21 -32.53 -20.31
N LEU B 521 -18.43 -33.42 -20.92
CA LEU B 521 -17.28 -32.98 -21.69
C LEU B 521 -17.69 -32.02 -22.80
N GLN B 522 -18.72 -32.40 -23.58
CA GLN B 522 -19.12 -31.57 -24.71
C GLN B 522 -19.60 -30.20 -24.23
N ALA B 523 -20.35 -30.16 -23.13
CA ALA B 523 -20.78 -28.88 -22.57
C ALA B 523 -19.61 -28.06 -22.05
N TRP B 524 -18.47 -28.70 -21.80
CA TRP B 524 -17.27 -27.99 -21.35
C TRP B 524 -16.57 -27.28 -22.50
N VAL B 525 -16.43 -27.97 -23.65
CA VAL B 525 -15.82 -27.35 -24.80
C VAL B 525 -16.71 -26.25 -25.37
N ARG B 526 -18.03 -26.44 -25.31
CA ARG B 526 -18.95 -25.44 -25.86
C ARG B 526 -18.91 -24.15 -25.04
N GLU B 527 -18.97 -24.27 -23.72
CA GLU B 527 -18.87 -23.09 -22.87
C GLU B 527 -17.61 -22.29 -23.19
N ILE B 528 -16.48 -22.98 -23.36
CA ILE B 528 -15.23 -22.29 -23.66
C ILE B 528 -15.33 -21.58 -25.01
N PHE B 529 -15.89 -22.26 -26.01
CA PHE B 529 -15.97 -21.66 -27.34
C PHE B 529 -16.82 -20.40 -27.34
N SER B 530 -17.87 -20.36 -26.51
CA SER B 530 -18.76 -19.19 -26.46
C SER B 530 -18.25 -18.14 -25.47
N LYS B 531 -18.12 -18.52 -24.20
CA LYS B 531 -17.73 -17.54 -23.18
C LYS B 531 -16.33 -17.02 -23.44
N GLY B 532 -15.42 -17.87 -23.91
CA GLY B 532 -14.03 -17.49 -24.07
C GLY B 532 -13.70 -16.93 -25.44
N PHE B 533 -14.02 -17.68 -26.49
CA PHE B 533 -13.70 -17.30 -27.86
C PHE B 533 -14.87 -16.63 -28.58
N LEU B 534 -15.99 -16.40 -27.88
CA LEU B 534 -17.10 -15.62 -28.43
C LEU B 534 -17.63 -16.23 -29.72
N ASN B 535 -17.76 -17.55 -29.76
CA ASN B 535 -18.34 -18.26 -30.90
C ASN B 535 -17.71 -17.84 -32.22
N GLN B 536 -16.43 -17.46 -32.21
CA GLN B 536 -15.80 -17.01 -33.44
C GLN B 536 -15.36 -18.21 -34.26
N GLU B 537 -15.87 -18.29 -35.49
CA GLU B 537 -15.59 -19.44 -36.35
C GLU B 537 -14.20 -19.37 -36.95
N SER B 538 -13.73 -18.16 -37.27
CA SER B 538 -12.39 -18.01 -37.82
C SER B 538 -11.31 -18.41 -36.83
N SER B 539 -11.62 -18.42 -35.52
CA SER B 539 -10.65 -18.85 -34.53
C SER B 539 -10.29 -20.32 -34.71
N GLY B 540 -11.18 -21.12 -35.28
CA GLY B 540 -10.93 -22.53 -35.47
C GLY B 540 -10.90 -23.36 -34.21
N ILE B 541 -11.20 -22.77 -33.06
CA ILE B 541 -11.27 -23.55 -31.82
C ILE B 541 -12.47 -24.49 -31.88
N PRO B 542 -12.28 -25.78 -31.69
CA PRO B 542 -13.41 -26.71 -31.78
C PRO B 542 -14.53 -26.35 -30.82
N SER B 543 -15.76 -26.39 -31.34
CA SER B 543 -16.96 -26.25 -30.52
C SER B 543 -17.47 -27.59 -30.01
N SER B 544 -16.81 -28.68 -30.36
CA SER B 544 -17.17 -30.01 -29.88
C SER B 544 -15.99 -30.93 -30.12
N LEU B 545 -15.95 -32.02 -29.36
CA LEU B 545 -14.88 -33.00 -29.47
C LEU B 545 -15.49 -34.33 -29.92
N GLU B 546 -15.08 -34.80 -31.10
CA GLU B 546 -15.65 -36.04 -31.69
C GLU B 546 -14.65 -37.20 -31.66
N THR B 547 -13.37 -36.93 -31.44
CA THR B 547 -12.37 -38.02 -31.43
C THR B 547 -11.47 -37.91 -30.19
N ARG B 548 -10.87 -39.03 -29.79
CA ARG B 548 -9.93 -39.08 -28.64
C ARG B 548 -8.70 -38.21 -28.96
N GLU B 549 -8.24 -38.27 -30.21
CA GLU B 549 -7.07 -37.46 -30.65
C GLU B 549 -7.39 -35.97 -30.50
N ALA B 550 -8.59 -35.55 -30.90
CA ALA B 550 -9.00 -34.13 -30.78
C ALA B 550 -9.07 -33.76 -29.29
N LEU B 551 -9.61 -34.67 -28.46
CA LEU B 551 -9.74 -34.44 -27.00
C LEU B 551 -8.35 -34.32 -26.38
N VAL B 552 -7.41 -35.17 -26.80
CA VAL B 552 -6.02 -35.14 -26.26
C VAL B 552 -5.39 -33.80 -26.66
N GLN B 553 -5.51 -33.44 -27.94
CA GLN B 553 -4.98 -32.16 -28.41
C GLN B 553 -5.59 -31.00 -27.64
N TYR B 554 -6.90 -31.04 -27.42
CA TYR B 554 -7.57 -29.93 -26.73
C TYR B 554 -7.13 -29.82 -25.28
N VAL B 555 -6.99 -30.96 -24.58
CA VAL B 555 -6.58 -30.93 -23.19
C VAL B 555 -5.13 -30.47 -23.07
N THR B 556 -4.27 -30.93 -23.98
CA THR B 556 -2.88 -30.50 -23.97
C THR B 556 -2.78 -28.98 -24.09
N MET B 557 -3.50 -28.41 -25.06
CA MET B 557 -3.46 -26.97 -25.24
C MET B 557 -3.87 -26.24 -23.95
N VAL B 558 -4.94 -26.71 -23.31
CA VAL B 558 -5.39 -26.07 -22.06
C VAL B 558 -4.29 -26.18 -21.00
N ILE B 559 -3.85 -27.40 -20.71
CA ILE B 559 -2.84 -27.61 -19.68
C ILE B 559 -1.55 -26.89 -20.00
N PHE B 560 -1.22 -26.75 -21.29
CA PHE B 560 0.03 -26.08 -21.67
C PHE B 560 -0.05 -24.58 -21.44
N THR B 561 -1.11 -23.93 -21.94
CA THR B 561 -1.27 -22.50 -21.76
C THR B 561 -1.45 -22.11 -20.30
N CYS B 562 -1.95 -23.01 -19.45
CA CYS B 562 -2.06 -22.76 -18.02
C CYS B 562 -0.73 -22.91 -17.29
N SER B 563 0.25 -23.58 -17.88
CA SER B 563 1.51 -23.81 -17.17
C SER B 563 2.70 -23.31 -17.97
N ALA B 564 3.21 -24.13 -18.90
CA ALA B 564 4.44 -23.79 -19.61
C ALA B 564 4.30 -22.46 -20.36
N LYS B 565 3.14 -22.19 -20.95
CA LYS B 565 3.01 -21.01 -21.78
C LYS B 565 3.08 -19.73 -20.96
N HIS B 566 2.35 -19.67 -19.85
CA HIS B 566 2.43 -18.51 -18.96
C HIS B 566 3.84 -18.32 -18.44
N ALA B 567 4.51 -19.41 -18.04
CA ALA B 567 5.84 -19.28 -17.44
C ALA B 567 6.84 -18.69 -18.42
N ALA B 568 6.70 -19.00 -19.72
CA ALA B 568 7.65 -18.52 -20.71
C ALA B 568 7.46 -17.04 -21.04
N VAL B 569 6.27 -16.48 -20.78
CA VAL B 569 6.02 -15.07 -21.05
C VAL B 569 6.00 -14.24 -19.77
N SER B 570 6.00 -14.87 -18.59
CA SER B 570 5.96 -14.18 -17.32
C SER B 570 7.30 -14.16 -16.59
N ALA B 571 8.11 -15.22 -16.71
CA ALA B 571 9.30 -15.35 -15.88
C ALA B 571 10.36 -14.30 -16.20
N GLY B 572 10.39 -13.78 -17.42
CA GLY B 572 11.42 -12.85 -17.82
C GLY B 572 10.96 -11.41 -17.96
N GLN B 573 9.92 -11.05 -17.20
CA GLN B 573 9.42 -9.68 -17.27
C GLN B 573 10.41 -8.69 -16.66
N PHE B 574 10.87 -8.98 -15.44
CA PHE B 574 11.84 -8.10 -14.81
C PHE B 574 13.21 -8.20 -15.48
N ASP B 575 13.57 -9.38 -15.99
CA ASP B 575 14.84 -9.51 -16.71
C ASP B 575 14.89 -8.59 -17.92
N SER B 576 13.74 -8.25 -18.47
CA SER B 576 13.67 -7.46 -19.70
C SER B 576 13.47 -5.97 -19.47
N CYS B 577 12.84 -5.57 -18.36
CA CYS B 577 12.54 -4.17 -18.13
C CYS B 577 13.48 -3.49 -17.15
N ALA B 578 14.20 -4.26 -16.33
CA ALA B 578 15.09 -3.66 -15.32
C ALA B 578 15.98 -2.58 -15.92
N TRP B 579 16.59 -2.88 -17.07
CA TRP B 579 17.22 -1.84 -17.89
C TRP B 579 16.12 -1.23 -18.77
N MET B 580 15.56 -0.12 -18.32
CA MET B 580 14.36 0.44 -18.94
C MET B 580 14.46 0.59 -20.46
N PRO B 581 15.57 1.03 -21.05
CA PRO B 581 15.59 1.16 -22.51
C PRO B 581 15.35 -0.16 -23.23
N ASN B 582 15.66 -1.27 -22.56
CA ASN B 582 15.43 -2.60 -23.19
C ASN B 582 13.93 -2.83 -23.35
N LEU B 583 13.12 -2.42 -22.38
CA LEU B 583 11.64 -2.60 -22.47
C LEU B 583 10.92 -1.33 -21.99
N PRO B 584 10.95 -0.20 -22.74
CA PRO B 584 10.26 1.01 -22.30
C PRO B 584 8.75 0.80 -22.23
N PRO B 585 8.07 1.24 -21.14
CA PRO B 585 6.62 1.07 -21.01
C PRO B 585 5.82 2.19 -21.68
N SER B 586 6.50 3.27 -22.10
CA SER B 586 5.82 4.38 -22.74
C SER B 586 6.85 5.24 -23.45
N MET B 587 6.34 6.11 -24.34
CA MET B 587 7.18 7.03 -25.10
C MET B 587 6.53 8.41 -25.09
N GLN B 588 7.36 9.45 -24.97
CA GLN B 588 6.87 10.81 -24.76
C GLN B 588 7.05 11.71 -25.98
N LEU B 589 7.69 11.22 -27.05
CA LEU B 589 7.81 12.00 -28.28
C LEU B 589 7.40 11.12 -29.45
N PRO B 590 6.70 11.68 -30.43
CA PRO B 590 6.25 10.87 -31.56
C PRO B 590 7.43 10.18 -32.21
N PRO B 591 7.20 9.05 -32.86
CA PRO B 591 8.26 8.41 -33.65
C PRO B 591 8.85 9.39 -34.64
N PRO B 592 10.15 9.30 -34.92
CA PRO B 592 10.79 10.31 -35.77
C PRO B 592 10.33 10.19 -37.22
N THR B 593 10.04 11.34 -37.82
CA THR B 593 9.63 11.43 -39.22
C THR B 593 10.81 11.47 -40.17
N SER B 594 12.03 11.66 -39.67
CA SER B 594 13.20 11.72 -40.52
C SER B 594 14.40 11.18 -39.78
N LYS B 595 15.39 10.74 -40.54
CA LYS B 595 16.67 10.34 -39.97
C LYS B 595 17.61 11.55 -39.90
N GLY B 596 18.56 11.47 -38.98
CA GLY B 596 19.47 12.58 -38.75
C GLY B 596 18.97 13.59 -37.74
N LEU B 597 18.10 13.18 -36.82
CA LEU B 597 17.52 14.09 -35.85
C LEU B 597 17.62 13.59 -34.41
N ALA B 598 17.76 12.28 -34.19
CA ALA B 598 17.83 11.75 -32.85
C ALA B 598 19.18 12.07 -32.21
N THR B 599 19.15 12.39 -30.92
CA THR B 599 20.35 12.66 -30.16
C THR B 599 20.22 11.97 -28.80
N CYS B 600 21.29 12.04 -28.03
CA CYS B 600 21.22 11.56 -26.65
C CYS B 600 20.11 12.27 -25.88
N GLU B 601 20.04 13.60 -26.01
CA GLU B 601 19.04 14.36 -25.27
C GLU B 601 17.63 14.04 -25.74
N GLY B 602 17.42 13.98 -27.05
CA GLY B 602 16.11 13.62 -27.57
C GLY B 602 15.72 12.19 -27.20
N PHE B 603 16.68 11.27 -27.27
CA PHE B 603 16.40 9.89 -26.89
C PHE B 603 15.92 9.80 -25.44
N ILE B 604 16.68 10.41 -24.52
CA ILE B 604 16.26 10.41 -23.11
C ILE B 604 14.94 11.14 -22.95
N ALA B 605 14.75 12.23 -23.70
CA ALA B 605 13.47 12.95 -23.63
C ALA B 605 12.31 12.05 -24.05
N THR B 606 12.54 11.17 -25.02
CA THR B 606 11.45 10.32 -25.50
C THR B 606 11.10 9.22 -24.50
N LEU B 607 12.06 8.80 -23.68
CA LEU B 607 11.82 7.70 -22.76
C LEU B 607 10.82 8.12 -21.69
N PRO B 608 10.18 7.16 -21.04
CA PRO B 608 9.16 7.50 -20.05
C PRO B 608 9.77 8.27 -18.89
N PRO B 609 8.95 8.89 -18.05
CA PRO B 609 9.48 9.60 -16.88
C PRO B 609 10.02 8.63 -15.84
N VAL B 610 10.58 9.16 -14.75
CA VAL B 610 11.17 8.31 -13.72
C VAL B 610 10.10 7.56 -12.95
N ASN B 611 9.13 8.30 -12.40
CA ASN B 611 8.11 7.66 -11.57
C ASN B 611 7.34 6.60 -12.33
N ALA B 612 7.12 6.80 -13.64
CA ALA B 612 6.44 5.77 -14.43
C ALA B 612 7.37 4.61 -14.76
N THR B 613 8.65 4.90 -14.99
CA THR B 613 9.62 3.83 -15.20
C THR B 613 9.64 2.87 -14.02
N CYS B 614 9.74 3.41 -12.81
CA CYS B 614 9.83 2.58 -11.61
C CYS B 614 8.49 1.99 -11.23
N ASP B 615 7.40 2.71 -11.48
CA ASP B 615 6.06 2.16 -11.24
C ASP B 615 5.87 0.83 -11.96
N VAL B 616 6.29 0.76 -13.23
CA VAL B 616 6.15 -0.48 -13.98
C VAL B 616 7.17 -1.52 -13.52
N ILE B 617 8.44 -1.12 -13.43
CA ILE B 617 9.49 -2.03 -13.01
C ILE B 617 9.13 -2.72 -11.70
N LEU B 618 8.60 -1.96 -10.74
CA LEU B 618 8.15 -2.55 -9.49
C LEU B 618 7.02 -3.54 -9.73
N ALA B 619 6.05 -3.18 -10.57
CA ALA B 619 4.96 -4.10 -10.89
C ALA B 619 5.51 -5.36 -11.55
N LEU B 620 6.38 -5.20 -12.54
CA LEU B 620 6.90 -6.36 -13.25
C LEU B 620 7.75 -7.23 -12.35
N TRP B 621 8.42 -6.63 -11.35
CA TRP B 621 9.22 -7.45 -10.44
C TRP B 621 8.34 -8.31 -9.55
N LEU B 622 7.24 -7.73 -9.04
CA LEU B 622 6.36 -8.48 -8.16
C LEU B 622 5.70 -9.65 -8.89
N LEU B 623 5.43 -9.50 -10.19
CA LEU B 623 4.65 -10.48 -10.94
C LEU B 623 5.51 -11.44 -11.74
N SER B 624 6.82 -11.49 -11.45
CA SER B 624 7.72 -12.37 -12.24
C SER B 624 7.92 -13.74 -11.57
N LYS B 625 7.69 -13.83 -10.25
CA LYS B 625 7.87 -15.13 -9.54
C LYS B 625 6.66 -15.38 -8.63
N GLU B 626 6.39 -16.66 -8.33
CA GLU B 626 5.27 -17.00 -7.41
C GLU B 626 5.68 -16.57 -6.00
N PRO B 627 4.85 -15.79 -5.27
CA PRO B 627 5.25 -15.31 -3.94
C PRO B 627 5.49 -16.46 -2.95
N GLY B 628 4.63 -17.48 -2.95
CA GLY B 628 4.80 -18.62 -2.04
C GLY B 628 3.90 -19.79 -2.42
N ASP B 629 4.04 -20.93 -1.74
CA ASP B 629 3.14 -22.10 -1.98
C ASP B 629 3.13 -22.46 -3.47
N GLN B 630 4.31 -22.63 -4.06
CA GLN B 630 4.38 -22.96 -5.51
C GLN B 630 4.56 -24.47 -5.72
N ARG B 631 3.66 -25.08 -6.49
CA ARG B 631 3.73 -26.52 -6.85
C ARG B 631 4.06 -26.58 -8.34
N PRO B 632 5.32 -27.19 -8.86
CA PRO B 632 5.96 -27.36 -10.18
C PRO B 632 5.12 -28.25 -11.10
N LEU B 633 5.26 -28.08 -12.41
CA LEU B 633 4.48 -28.84 -13.37
C LEU B 633 4.62 -30.34 -13.10
N GLY B 634 3.49 -31.05 -13.06
CA GLY B 634 3.46 -32.47 -12.83
C GLY B 634 3.30 -32.89 -11.38
N THR B 635 3.63 -32.01 -10.44
CA THR B 635 3.51 -32.34 -9.02
C THR B 635 2.05 -32.15 -8.59
N TYR B 636 1.44 -33.23 -8.11
CA TYR B 636 0.03 -33.22 -7.71
C TYR B 636 -0.09 -33.73 -6.29
N PRO B 637 0.19 -32.88 -5.29
CA PRO B 637 0.01 -33.30 -3.90
C PRO B 637 -1.44 -33.55 -3.55
N ASP B 638 -2.37 -32.83 -4.17
CA ASP B 638 -3.80 -33.09 -4.04
C ASP B 638 -4.12 -34.33 -4.86
N GLU B 639 -4.05 -35.49 -4.21
CA GLU B 639 -4.23 -36.77 -4.89
C GLU B 639 -5.71 -36.97 -5.22
N HIS B 640 -6.14 -36.32 -6.31
CA HIS B 640 -7.48 -36.56 -6.82
C HIS B 640 -7.57 -37.92 -7.52
N PHE B 641 -6.57 -38.24 -8.33
CA PHE B 641 -6.45 -39.58 -8.89
C PHE B 641 -6.02 -40.55 -7.79
N THR B 642 -6.90 -41.50 -7.49
CA THR B 642 -6.60 -42.52 -6.44
C THR B 642 -6.36 -43.88 -7.10
N GLU B 643 -6.74 -44.02 -8.37
CA GLU B 643 -6.57 -45.29 -9.13
C GLU B 643 -5.08 -45.52 -9.45
N GLU B 644 -4.68 -46.79 -9.54
CA GLU B 644 -3.28 -47.19 -9.83
C GLU B 644 -2.85 -46.73 -11.22
N ALA B 645 -3.71 -46.88 -12.22
CA ALA B 645 -3.34 -46.54 -13.62
C ALA B 645 -3.00 -45.06 -13.78
N PRO B 646 -3.81 -44.11 -13.25
CA PRO B 646 -3.51 -42.68 -13.36
C PRO B 646 -2.21 -42.30 -12.64
N ARG B 647 -1.98 -42.88 -11.45
CA ARG B 647 -0.76 -42.60 -10.66
C ARG B 647 0.47 -43.06 -11.45
N ARG B 648 0.36 -44.21 -12.11
CA ARG B 648 1.47 -44.72 -12.95
C ARG B 648 1.74 -43.69 -14.04
N SER B 649 0.69 -43.11 -14.62
CA SER B 649 0.87 -42.11 -15.66
C SER B 649 1.49 -40.83 -15.10
N ILE B 650 1.16 -40.48 -13.85
CA ILE B 650 1.74 -39.28 -13.25
C ILE B 650 3.22 -39.50 -12.97
N ALA B 651 3.60 -40.70 -12.52
CA ALA B 651 5.01 -40.97 -12.27
C ALA B 651 5.81 -40.90 -13.57
N THR B 652 5.24 -41.39 -14.67
CA THR B 652 5.93 -41.31 -15.96
C THR B 652 6.01 -39.88 -16.45
N PHE B 653 4.92 -39.11 -16.33
CA PHE B 653 4.96 -37.70 -16.70
C PHE B 653 6.04 -36.96 -15.93
N GLN B 654 6.05 -37.14 -14.60
CA GLN B 654 7.06 -36.48 -13.77
C GLN B 654 8.47 -36.88 -14.19
N SER B 655 8.68 -38.16 -14.50
CA SER B 655 9.99 -38.62 -14.93
C SER B 655 10.42 -37.92 -16.22
N ARG B 656 9.57 -37.94 -17.24
CA ARG B 656 9.92 -37.30 -18.51
C ARG B 656 10.26 -35.83 -18.32
N LEU B 657 9.49 -35.12 -17.49
CA LEU B 657 9.79 -33.72 -17.22
C LEU B 657 11.18 -33.56 -16.63
N ALA B 658 11.61 -34.51 -15.80
CA ALA B 658 12.97 -34.45 -15.24
C ALA B 658 14.00 -34.60 -16.36
N GLN B 659 13.74 -35.48 -17.32
CA GLN B 659 14.65 -35.62 -18.45
C GLN B 659 14.75 -34.32 -19.23
N ILE B 660 13.61 -33.66 -19.45
CA ILE B 660 13.63 -32.37 -20.14
C ILE B 660 14.44 -31.35 -19.35
N SER B 661 14.22 -31.29 -18.03
CA SER B 661 14.95 -30.34 -17.22
C SER B 661 16.45 -30.57 -17.28
N ARG B 662 16.89 -31.82 -17.42
CA ARG B 662 18.32 -32.09 -17.49
C ARG B 662 18.90 -31.72 -18.85
N GLY B 663 18.13 -31.93 -19.92
CA GLY B 663 18.58 -31.50 -21.24
C GLY B 663 18.67 -29.99 -21.36
N ILE B 664 17.76 -29.27 -20.70
CA ILE B 664 17.84 -27.81 -20.67
C ILE B 664 19.07 -27.35 -19.91
N GLN B 665 19.30 -27.94 -18.74
CA GLN B 665 20.49 -27.55 -17.97
C GLN B 665 21.75 -27.86 -18.75
N GLU B 666 21.73 -28.90 -19.58
CA GLU B 666 22.90 -29.25 -20.39
C GLU B 666 23.10 -28.24 -21.52
N ARG B 667 22.00 -27.80 -22.16
CA ARG B 667 22.12 -26.82 -23.22
C ARG B 667 22.52 -25.45 -22.68
N ASN B 668 22.08 -25.10 -21.47
CA ASN B 668 22.40 -23.81 -20.89
C ASN B 668 23.83 -23.72 -20.36
N GLN B 669 24.53 -24.86 -20.23
CA GLN B 669 25.90 -24.82 -19.72
C GLN B 669 26.83 -24.02 -20.62
N GLY B 670 26.57 -24.01 -21.93
CA GLY B 670 27.43 -23.33 -22.88
C GLY B 670 26.92 -22.01 -23.39
N LEU B 671 25.78 -21.52 -22.89
CA LEU B 671 25.23 -20.25 -23.33
C LEU B 671 25.67 -19.14 -22.40
N VAL B 672 26.16 -18.04 -22.98
CA VAL B 672 26.38 -16.83 -22.19
C VAL B 672 25.10 -16.44 -21.46
N LEU B 673 23.98 -16.45 -22.17
CA LEU B 673 22.67 -16.23 -21.56
C LEU B 673 21.86 -17.52 -21.66
N PRO B 674 21.63 -18.22 -20.55
CA PRO B 674 20.88 -19.48 -20.61
C PRO B 674 19.38 -19.25 -20.52
N TYR B 675 18.64 -19.94 -21.39
CA TYR B 675 17.18 -19.87 -21.37
C TYR B 675 16.66 -20.78 -20.28
N THR B 676 16.08 -20.19 -19.21
CA THR B 676 15.57 -20.95 -18.07
C THR B 676 14.08 -20.80 -17.86
N TYR B 677 13.38 -20.07 -18.73
CA TYR B 677 11.96 -19.82 -18.51
C TYR B 677 11.10 -21.07 -18.66
N LEU B 678 11.63 -22.13 -19.28
CA LEU B 678 10.84 -23.34 -19.54
C LEU B 678 11.48 -24.57 -18.90
N ASP B 679 12.25 -24.38 -17.85
CA ASP B 679 12.69 -25.52 -17.05
C ASP B 679 11.50 -26.04 -16.26
N PRO B 680 11.06 -27.26 -16.47
CA PRO B 680 9.85 -27.76 -15.80
C PRO B 680 9.86 -27.44 -14.31
N PRO B 681 10.98 -27.65 -13.61
CA PRO B 681 10.97 -27.37 -12.16
C PRO B 681 10.62 -25.93 -11.83
N LEU B 682 10.95 -24.98 -12.71
CA LEU B 682 10.64 -23.57 -12.52
C LEU B 682 9.34 -23.16 -13.22
N ILE B 683 8.58 -24.12 -13.74
CA ILE B 683 7.28 -23.87 -14.33
C ILE B 683 6.21 -24.21 -13.30
N GLU B 684 5.19 -23.36 -13.21
CA GLU B 684 4.12 -23.55 -12.25
C GLU B 684 2.97 -24.30 -12.90
N ASN B 685 2.32 -25.18 -12.14
CA ASN B 685 1.18 -26.00 -12.63
C ASN B 685 0.10 -25.11 -13.27
N SER B 686 -0.21 -23.97 -12.65
CA SER B 686 -1.31 -23.10 -13.13
C SER B 686 -0.88 -21.63 -13.15
N VAL B 687 -1.73 -20.76 -13.69
CA VAL B 687 -1.43 -19.30 -13.71
C VAL B 687 -1.86 -18.74 -12.35
N SER B 688 -0.89 -18.41 -11.49
CA SER B 688 -1.18 -17.86 -10.15
C SER B 688 -0.41 -16.54 -9.92
N ILE B 689 0.32 -16.06 -10.92
CA ILE B 689 1.12 -14.82 -10.76
C ILE B 689 0.91 -13.89 -11.98
MN MN C . -0.96 13.63 14.42
C13 XRP D . 0.16 12.28 5.87
C15 XRP D . -1.24 10.50 6.65
C17 XRP D . -1.23 14.63 9.19
C20 XRP D . -6.84 11.04 10.71
C01 XRP D . -8.93 9.99 9.75
C02 XRP D . -8.10 11.21 10.12
C03 XRP D . -8.60 12.48 9.88
C04 XRP D . -7.84 13.60 10.22
C05 XRP D . -6.58 13.44 10.81
C06 XRP D . -5.80 14.69 11.13
C08 XRP D . -2.93 14.22 10.46
C11 XRP D . -1.24 12.61 7.79
C12 XRP D . -0.31 13.09 6.89
C14 XRP D . -0.31 10.98 5.73
C16 XRP D . -1.70 11.32 7.67
C19 XRP D . -6.09 12.16 11.04
N09 XRP D . -2.79 13.17 9.62
N10 XRP D . -1.73 13.43 8.83
N18 XRP D . -1.97 15.12 10.20
S07 XRP D . -4.13 14.41 11.72
H131 XRP D . 0.81 12.63 5.23
H151 XRP D . -1.57 9.59 6.57
H171 XRP D . -0.45 15.07 8.79
H201 XRP D . -6.49 10.15 10.86
H012 XRP D . -9.87 10.26 9.61
H013 XRP D . -8.89 9.33 10.49
H011 XRP D . -8.58 9.58 8.94
H031 XRP D . -9.48 12.60 9.48
H041 XRP D . -8.18 14.49 10.06
H062 XRP D . -5.75 15.23 10.34
H061 XRP D . -6.28 15.17 11.84
H121 XRP D . 0.02 14.00 6.97
H141 XRP D . 0.02 10.41 5.02
H161 XRP D . -2.35 10.97 8.31
H191 XRP D . -5.22 12.05 11.45
C13 XRP E . -1.95 -7.58 -10.18
C15 XRP E . -2.41 -9.85 -9.63
C17 XRP E . -2.06 -10.70 -14.03
C20 XRP E . 1.96 -3.85 -15.56
C01 XRP E . 2.85 -2.13 -17.13
C02 XRP E . 2.10 -3.43 -16.87
C03 XRP E . 1.56 -4.18 -17.90
C04 XRP E . 0.86 -5.38 -17.66
C05 XRP E . 0.74 -5.79 -16.34
C06 XRP E . 0.03 -7.03 -15.85
C08 XRP E . -1.11 -9.31 -15.46
C11 XRP E . -1.89 -9.28 -11.92
C12 XRP E . -1.76 -7.95 -11.52
C14 XRP E . -2.27 -8.54 -9.24
C16 XRP E . -2.23 -10.22 -10.97
C19 XRP E . 1.28 -5.01 -15.31
N09 XRP E . -1.14 -8.77 -14.22
N10 XRP E . -1.71 -9.60 -13.32
N18 XRP E . -1.68 -10.52 -15.34
S07 XRP E . -0.40 -8.44 -16.85
H131 XRP E . -1.84 -6.65 -9.92
H151 XRP E . -2.64 -10.53 -8.98
H171 XRP E . -2.50 -11.48 -13.67
H201 XRP E . 2.33 -3.32 -14.82
H012 XRP E . 2.37 -1.63 -17.84
H013 XRP E . 2.87 -1.60 -16.32
H011 XRP E . 3.75 -2.34 -17.44
H031 XRP E . 1.66 -3.87 -18.83
H041 XRP E . 0.48 -5.90 -18.38
H062 XRP E . 0.61 -7.39 -15.14
H061 XRP E . -0.81 -6.71 -15.47
H121 XRP E . -1.54 -7.27 -12.18
H141 XRP E . -2.41 -8.28 -8.31
H161 XRP E . -2.34 -11.16 -11.23
H191 XRP E . 1.17 -5.32 -14.39
MN MN F . 1.12 -13.64 -14.93
#